data_2CX1
# 
_entry.id   2CX1 
# 
_audit_conform.dict_name       mmcif_pdbx.dic 
_audit_conform.dict_version    5.397 
_audit_conform.dict_location   http://mmcif.pdb.org/dictionaries/ascii/mmcif_pdbx.dic 
# 
loop_
_database_2.database_id 
_database_2.database_code 
_database_2.pdbx_database_accession 
_database_2.pdbx_DOI 
PDB   2CX1         pdb_00002cx1 10.2210/pdb2cx1/pdb 
RCSB  RCSB024722   ?            ?                   
WWPDB D_1000024722 ?            ?                   
# 
loop_
_pdbx_audit_revision_history.ordinal 
_pdbx_audit_revision_history.data_content_type 
_pdbx_audit_revision_history.major_revision 
_pdbx_audit_revision_history.minor_revision 
_pdbx_audit_revision_history.revision_date 
1 'Structure model' 1 0 2005-12-27 
2 'Structure model' 1 1 2008-04-30 
3 'Structure model' 1 2 2011-07-13 
4 'Structure model' 1 3 2024-10-30 
# 
_pdbx_audit_revision_details.ordinal             1 
_pdbx_audit_revision_details.revision_ordinal    1 
_pdbx_audit_revision_details.data_content_type   'Structure model' 
_pdbx_audit_revision_details.provider            repository 
_pdbx_audit_revision_details.type                'Initial release' 
_pdbx_audit_revision_details.description         ? 
_pdbx_audit_revision_details.details             ? 
# 
loop_
_pdbx_audit_revision_group.ordinal 
_pdbx_audit_revision_group.revision_ordinal 
_pdbx_audit_revision_group.data_content_type 
_pdbx_audit_revision_group.group 
1 2 'Structure model' 'Version format compliance' 
2 3 'Structure model' 'Source and taxonomy'       
3 3 'Structure model' 'Version format compliance' 
4 4 'Structure model' 'Data collection'           
5 4 'Structure model' 'Database references'       
6 4 'Structure model' 'Derived calculations'      
7 4 'Structure model' 'Structure summary'         
# 
loop_
_pdbx_audit_revision_category.ordinal 
_pdbx_audit_revision_category.revision_ordinal 
_pdbx_audit_revision_category.data_content_type 
_pdbx_audit_revision_category.category 
1 4 'Structure model' chem_comp_atom            
2 4 'Structure model' chem_comp_bond            
3 4 'Structure model' database_2                
4 4 'Structure model' pdbx_entry_details        
5 4 'Structure model' pdbx_modification_feature 
6 4 'Structure model' struct_conn               
7 4 'Structure model' struct_ref_seq_dif        
8 4 'Structure model' struct_site               
# 
loop_
_pdbx_audit_revision_item.ordinal 
_pdbx_audit_revision_item.revision_ordinal 
_pdbx_audit_revision_item.data_content_type 
_pdbx_audit_revision_item.item 
1 4 'Structure model' '_database_2.pdbx_DOI'                
2 4 'Structure model' '_database_2.pdbx_database_accession' 
3 4 'Structure model' '_struct_conn.pdbx_leaving_atom_flag' 
4 4 'Structure model' '_struct_ref_seq_dif.details'         
5 4 'Structure model' '_struct_site.pdbx_auth_asym_id'      
6 4 'Structure model' '_struct_site.pdbx_auth_comp_id'      
7 4 'Structure model' '_struct_site.pdbx_auth_seq_id'       
# 
_pdbx_database_status.status_code                     REL 
_pdbx_database_status.entry_id                        2CX1 
_pdbx_database_status.recvd_initial_deposition_date   2005-06-27 
_pdbx_database_status.deposit_site                    PDBJ 
_pdbx_database_status.process_site                    PDBJ 
_pdbx_database_status.status_code_sf                  REL 
_pdbx_database_status.status_code_mr                  ? 
_pdbx_database_status.SG_entry                        Y 
_pdbx_database_status.pdb_format_compatible           Y 
_pdbx_database_status.status_code_cs                  ? 
_pdbx_database_status.status_code_nmr_data            ? 
_pdbx_database_status.methods_development_category    ? 
# 
loop_
_pdbx_database_related.db_name 
_pdbx_database_related.db_id 
_pdbx_database_related.details 
_pdbx_database_related.content_type 
PDB      2CX0           'the same protein' unspecified 
TargetDB ape001000525.2 .                  unspecified 
# 
loop_
_audit_author.name 
_audit_author.pdbx_ordinal 
'Mizohata, E.'                                           1 
'Morita, S.'                                             2 
'Nagano, K.'                                             3 
'Uda, H.'                                                4 
'Terada, T.'                                             5 
'Shirouzu, M.'                                           6 
'Yokoyama, S.'                                           7 
'RIKEN Structural Genomics/Proteomics Initiative (RSGI)' 8 
# 
_citation.id                        primary 
_citation.title                     'Crystal structure of a PUA domain (APE0525) from the Aeropyrum pernix K1 (tartrate complex)' 
_citation.journal_abbrev            'To be Published' 
_citation.journal_volume            ? 
_citation.page_first                ? 
_citation.page_last                 ? 
_citation.year                      ? 
_citation.journal_id_ASTM           ? 
_citation.country                   ? 
_citation.journal_id_ISSN           ? 
_citation.journal_id_CSD            0353 
_citation.book_publisher            ? 
_citation.pdbx_database_id_PubMed   ? 
_citation.pdbx_database_id_DOI      ? 
# 
loop_
_citation_author.citation_id 
_citation_author.name 
_citation_author.ordinal 
_citation_author.identifier_ORCID 
primary 'Mizohata, E.' 1 ? 
primary 'Morita, S.'   2 ? 
primary 'Nagano, K.'   3 ? 
primary 'Uda, H.'      4 ? 
primary 'Terada, T.'   5 ? 
primary 'Shirouzu, M.' 6 ? 
primary 'Yokoyama, S.' 7 ? 
# 
loop_
_entity.id 
_entity.type 
_entity.src_method 
_entity.pdbx_description 
_entity.formula_weight 
_entity.pdbx_number_of_molecules 
_entity.pdbx_ec 
_entity.pdbx_mutation 
_entity.pdbx_fragment 
_entity.details 
1 polymer     man 'hypothetical protein APE0525' 21046.092 1   ? ? ? ? 
2 non-polymer syn 'L(+)-TARTARIC ACID'           150.087   1   ? ? ? ? 
3 water       nat water                          18.015    178 ? ? ? ? 
# 
_entity_poly.entity_id                      1 
_entity_poly.type                           'polypeptide(L)' 
_entity_poly.nstd_linkage                   no 
_entity_poly.nstd_monomer                   yes 
_entity_poly.pdbx_seq_one_letter_code       
;H(MSE)LWARLVGLARLEARALSKKERRSLLERLKPYYTRIPFSEKADLRLVKARTDSGEYEIITVDGVPCLFEWSDGRI
YPTLQCLKAFGVDWLKGVVLVDKGAAIALAKGAHL(MSE)IPGVVGVEGSFTRGDVVAALYHETRTPV(MSE)VGVAEVD
SSALEKLYREKARGRAVRRVHRLGDALWELAQEVGKRLS
;
_entity_poly.pdbx_seq_one_letter_code_can   
;HMLWARLVGLARLEARALSKKERRSLLERLKPYYTRIPFSEKADLRLVKARTDSGEYEIITVDGVPCLFEWSDGRIYPTL
QCLKAFGVDWLKGVVLVDKGAAIALAKGAHLMIPGVVGVEGSFTRGDVVAALYHETRTPVMVGVAEVDSSALEKLYREKA
RGRAVRRVHRLGDALWELAQEVGKRLS
;
_entity_poly.pdbx_strand_id                 A 
_entity_poly.pdbx_target_identifier         ape001000525.2 
# 
loop_
_pdbx_entity_nonpoly.entity_id 
_pdbx_entity_nonpoly.name 
_pdbx_entity_nonpoly.comp_id 
2 'L(+)-TARTARIC ACID' TLA 
3 water                HOH 
# 
loop_
_entity_poly_seq.entity_id 
_entity_poly_seq.num 
_entity_poly_seq.mon_id 
_entity_poly_seq.hetero 
1 1   HIS n 
1 2   MSE n 
1 3   LEU n 
1 4   TRP n 
1 5   ALA n 
1 6   ARG n 
1 7   LEU n 
1 8   VAL n 
1 9   GLY n 
1 10  LEU n 
1 11  ALA n 
1 12  ARG n 
1 13  LEU n 
1 14  GLU n 
1 15  ALA n 
1 16  ARG n 
1 17  ALA n 
1 18  LEU n 
1 19  SER n 
1 20  LYS n 
1 21  LYS n 
1 22  GLU n 
1 23  ARG n 
1 24  ARG n 
1 25  SER n 
1 26  LEU n 
1 27  LEU n 
1 28  GLU n 
1 29  ARG n 
1 30  LEU n 
1 31  LYS n 
1 32  PRO n 
1 33  TYR n 
1 34  TYR n 
1 35  THR n 
1 36  ARG n 
1 37  ILE n 
1 38  PRO n 
1 39  PHE n 
1 40  SER n 
1 41  GLU n 
1 42  LYS n 
1 43  ALA n 
1 44  ASP n 
1 45  LEU n 
1 46  ARG n 
1 47  LEU n 
1 48  VAL n 
1 49  LYS n 
1 50  ALA n 
1 51  ARG n 
1 52  THR n 
1 53  ASP n 
1 54  SER n 
1 55  GLY n 
1 56  GLU n 
1 57  TYR n 
1 58  GLU n 
1 59  ILE n 
1 60  ILE n 
1 61  THR n 
1 62  VAL n 
1 63  ASP n 
1 64  GLY n 
1 65  VAL n 
1 66  PRO n 
1 67  CYS n 
1 68  LEU n 
1 69  PHE n 
1 70  GLU n 
1 71  TRP n 
1 72  SER n 
1 73  ASP n 
1 74  GLY n 
1 75  ARG n 
1 76  ILE n 
1 77  TYR n 
1 78  PRO n 
1 79  THR n 
1 80  LEU n 
1 81  GLN n 
1 82  CYS n 
1 83  LEU n 
1 84  LYS n 
1 85  ALA n 
1 86  PHE n 
1 87  GLY n 
1 88  VAL n 
1 89  ASP n 
1 90  TRP n 
1 91  LEU n 
1 92  LYS n 
1 93  GLY n 
1 94  VAL n 
1 95  VAL n 
1 96  LEU n 
1 97  VAL n 
1 98  ASP n 
1 99  LYS n 
1 100 GLY n 
1 101 ALA n 
1 102 ALA n 
1 103 ILE n 
1 104 ALA n 
1 105 LEU n 
1 106 ALA n 
1 107 LYS n 
1 108 GLY n 
1 109 ALA n 
1 110 HIS n 
1 111 LEU n 
1 112 MSE n 
1 113 ILE n 
1 114 PRO n 
1 115 GLY n 
1 116 VAL n 
1 117 VAL n 
1 118 GLY n 
1 119 VAL n 
1 120 GLU n 
1 121 GLY n 
1 122 SER n 
1 123 PHE n 
1 124 THR n 
1 125 ARG n 
1 126 GLY n 
1 127 ASP n 
1 128 VAL n 
1 129 VAL n 
1 130 ALA n 
1 131 ALA n 
1 132 LEU n 
1 133 TYR n 
1 134 HIS n 
1 135 GLU n 
1 136 THR n 
1 137 ARG n 
1 138 THR n 
1 139 PRO n 
1 140 VAL n 
1 141 MSE n 
1 142 VAL n 
1 143 GLY n 
1 144 VAL n 
1 145 ALA n 
1 146 GLU n 
1 147 VAL n 
1 148 ASP n 
1 149 SER n 
1 150 SER n 
1 151 ALA n 
1 152 LEU n 
1 153 GLU n 
1 154 LYS n 
1 155 LEU n 
1 156 TYR n 
1 157 ARG n 
1 158 GLU n 
1 159 LYS n 
1 160 ALA n 
1 161 ARG n 
1 162 GLY n 
1 163 ARG n 
1 164 ALA n 
1 165 VAL n 
1 166 ARG n 
1 167 ARG n 
1 168 VAL n 
1 169 HIS n 
1 170 ARG n 
1 171 LEU n 
1 172 GLY n 
1 173 ASP n 
1 174 ALA n 
1 175 LEU n 
1 176 TRP n 
1 177 GLU n 
1 178 LEU n 
1 179 ALA n 
1 180 GLN n 
1 181 GLU n 
1 182 VAL n 
1 183 GLY n 
1 184 LYS n 
1 185 ARG n 
1 186 LEU n 
1 187 SER n 
# 
_entity_src_gen.entity_id                          1 
_entity_src_gen.pdbx_src_id                        1 
_entity_src_gen.pdbx_alt_source_flag               sample 
_entity_src_gen.pdbx_seq_type                      ? 
_entity_src_gen.pdbx_beg_seq_num                   ? 
_entity_src_gen.pdbx_end_seq_num                   ? 
_entity_src_gen.gene_src_common_name               ? 
_entity_src_gen.gene_src_genus                     Aeropyrum 
_entity_src_gen.pdbx_gene_src_gene                 APE0525 
_entity_src_gen.gene_src_species                   'Aeropyrum pernix' 
_entity_src_gen.gene_src_strain                    K1 
_entity_src_gen.gene_src_tissue                    ? 
_entity_src_gen.gene_src_tissue_fraction           ? 
_entity_src_gen.gene_src_details                   ? 
_entity_src_gen.pdbx_gene_src_fragment             ? 
_entity_src_gen.pdbx_gene_src_scientific_name      'Aeropyrum pernix' 
_entity_src_gen.pdbx_gene_src_ncbi_taxonomy_id     272557 
_entity_src_gen.pdbx_gene_src_variant              ? 
_entity_src_gen.pdbx_gene_src_cell_line            ? 
_entity_src_gen.pdbx_gene_src_atcc                 ? 
_entity_src_gen.pdbx_gene_src_organ                ? 
_entity_src_gen.pdbx_gene_src_organelle            ? 
_entity_src_gen.pdbx_gene_src_cell                 ? 
_entity_src_gen.pdbx_gene_src_cellular_location    ? 
_entity_src_gen.host_org_common_name               ? 
_entity_src_gen.pdbx_host_org_scientific_name      'Escherichia coli' 
_entity_src_gen.pdbx_host_org_ncbi_taxonomy_id     562 
_entity_src_gen.host_org_genus                     Escherichia 
_entity_src_gen.pdbx_host_org_gene                 ? 
_entity_src_gen.pdbx_host_org_organ                ? 
_entity_src_gen.host_org_species                   ? 
_entity_src_gen.pdbx_host_org_tissue               ? 
_entity_src_gen.pdbx_host_org_tissue_fraction      ? 
_entity_src_gen.pdbx_host_org_strain               'B834(DE3)' 
_entity_src_gen.pdbx_host_org_variant              ? 
_entity_src_gen.pdbx_host_org_cell_line            ? 
_entity_src_gen.pdbx_host_org_atcc                 ? 
_entity_src_gen.pdbx_host_org_culture_collection   ? 
_entity_src_gen.pdbx_host_org_cell                 ? 
_entity_src_gen.pdbx_host_org_organelle            ? 
_entity_src_gen.pdbx_host_org_cellular_location    ? 
_entity_src_gen.pdbx_host_org_vector_type          plasmid 
_entity_src_gen.pdbx_host_org_vector               ? 
_entity_src_gen.host_org_details                   ? 
_entity_src_gen.expression_system_id               ? 
_entity_src_gen.plasmid_name                       pET15b 
_entity_src_gen.plasmid_details                    ? 
_entity_src_gen.pdbx_description                   ? 
# 
loop_
_chem_comp.id 
_chem_comp.type 
_chem_comp.mon_nstd_flag 
_chem_comp.name 
_chem_comp.pdbx_synonyms 
_chem_comp.formula 
_chem_comp.formula_weight 
ALA 'L-peptide linking' y ALANINE              ? 'C3 H7 N O2'     89.093  
ARG 'L-peptide linking' y ARGININE             ? 'C6 H15 N4 O2 1' 175.209 
ASP 'L-peptide linking' y 'ASPARTIC ACID'      ? 'C4 H7 N O4'     133.103 
CYS 'L-peptide linking' y CYSTEINE             ? 'C3 H7 N O2 S'   121.158 
GLN 'L-peptide linking' y GLUTAMINE            ? 'C5 H10 N2 O3'   146.144 
GLU 'L-peptide linking' y 'GLUTAMIC ACID'      ? 'C5 H9 N O4'     147.129 
GLY 'peptide linking'   y GLYCINE              ? 'C2 H5 N O2'     75.067  
HIS 'L-peptide linking' y HISTIDINE            ? 'C6 H10 N3 O2 1' 156.162 
HOH non-polymer         . WATER                ? 'H2 O'           18.015  
ILE 'L-peptide linking' y ISOLEUCINE           ? 'C6 H13 N O2'    131.173 
LEU 'L-peptide linking' y LEUCINE              ? 'C6 H13 N O2'    131.173 
LYS 'L-peptide linking' y LYSINE               ? 'C6 H15 N2 O2 1' 147.195 
MET 'L-peptide linking' y METHIONINE           ? 'C5 H11 N O2 S'  149.211 
MSE 'L-peptide linking' n SELENOMETHIONINE     ? 'C5 H11 N O2 Se' 196.106 
PHE 'L-peptide linking' y PHENYLALANINE        ? 'C9 H11 N O2'    165.189 
PRO 'L-peptide linking' y PROLINE              ? 'C5 H9 N O2'     115.130 
SER 'L-peptide linking' y SERINE               ? 'C3 H7 N O3'     105.093 
THR 'L-peptide linking' y THREONINE            ? 'C4 H9 N O3'     119.119 
TLA non-polymer         . 'L(+)-TARTARIC ACID' ? 'C4 H6 O6'       150.087 
TRP 'L-peptide linking' y TRYPTOPHAN           ? 'C11 H12 N2 O2'  204.225 
TYR 'L-peptide linking' y TYROSINE             ? 'C9 H11 N O3'    181.189 
VAL 'L-peptide linking' y VALINE               ? 'C5 H11 N O2'    117.146 
# 
loop_
_pdbx_poly_seq_scheme.asym_id 
_pdbx_poly_seq_scheme.entity_id 
_pdbx_poly_seq_scheme.seq_id 
_pdbx_poly_seq_scheme.mon_id 
_pdbx_poly_seq_scheme.ndb_seq_num 
_pdbx_poly_seq_scheme.pdb_seq_num 
_pdbx_poly_seq_scheme.auth_seq_num 
_pdbx_poly_seq_scheme.pdb_mon_id 
_pdbx_poly_seq_scheme.auth_mon_id 
_pdbx_poly_seq_scheme.pdb_strand_id 
_pdbx_poly_seq_scheme.pdb_ins_code 
_pdbx_poly_seq_scheme.hetero 
A 1 1   HIS 1   0   0   HIS HIS A . n 
A 1 2   MSE 2   1   1   MSE MSE A . n 
A 1 3   LEU 3   2   2   LEU LEU A . n 
A 1 4   TRP 4   3   3   TRP TRP A . n 
A 1 5   ALA 5   4   4   ALA ALA A . n 
A 1 6   ARG 6   5   5   ARG ARG A . n 
A 1 7   LEU 7   6   6   LEU LEU A . n 
A 1 8   VAL 8   7   7   VAL VAL A . n 
A 1 9   GLY 9   8   8   GLY GLY A . n 
A 1 10  LEU 10  9   9   LEU LEU A . n 
A 1 11  ALA 11  10  10  ALA ALA A . n 
A 1 12  ARG 12  11  11  ARG ARG A . n 
A 1 13  LEU 13  12  12  LEU LEU A . n 
A 1 14  GLU 14  13  13  GLU GLU A . n 
A 1 15  ALA 15  14  14  ALA ALA A . n 
A 1 16  ARG 16  15  15  ARG ARG A . n 
A 1 17  ALA 17  16  16  ALA ALA A . n 
A 1 18  LEU 18  17  17  LEU LEU A . n 
A 1 19  SER 19  18  18  SER SER A . n 
A 1 20  LYS 20  19  19  LYS LYS A . n 
A 1 21  LYS 21  20  20  LYS LYS A . n 
A 1 22  GLU 22  21  21  GLU GLU A . n 
A 1 23  ARG 23  22  22  ARG ARG A . n 
A 1 24  ARG 24  23  23  ARG ARG A . n 
A 1 25  SER 25  24  24  SER SER A . n 
A 1 26  LEU 26  25  25  LEU LEU A . n 
A 1 27  LEU 27  26  26  LEU LEU A . n 
A 1 28  GLU 28  27  27  GLU GLU A . n 
A 1 29  ARG 29  28  28  ARG ARG A . n 
A 1 30  LEU 30  29  29  LEU LEU A . n 
A 1 31  LYS 31  30  30  LYS LYS A . n 
A 1 32  PRO 32  31  31  PRO PRO A . n 
A 1 33  TYR 33  32  32  TYR TYR A . n 
A 1 34  TYR 34  33  33  TYR TYR A . n 
A 1 35  THR 35  34  34  THR THR A . n 
A 1 36  ARG 36  35  35  ARG ARG A . n 
A 1 37  ILE 37  36  36  ILE ILE A . n 
A 1 38  PRO 38  37  37  PRO PRO A . n 
A 1 39  PHE 39  38  38  PHE PHE A . n 
A 1 40  SER 40  39  39  SER SER A . n 
A 1 41  GLU 41  40  40  GLU GLU A . n 
A 1 42  LYS 42  41  41  LYS LYS A . n 
A 1 43  ALA 43  42  42  ALA ALA A . n 
A 1 44  ASP 44  43  43  ASP ASP A . n 
A 1 45  LEU 45  44  44  LEU LEU A . n 
A 1 46  ARG 46  45  45  ARG ARG A . n 
A 1 47  LEU 47  46  46  LEU LEU A . n 
A 1 48  VAL 48  47  47  VAL VAL A . n 
A 1 49  LYS 49  48  48  LYS LYS A . n 
A 1 50  ALA 50  49  49  ALA ALA A . n 
A 1 51  ARG 51  50  50  ARG ARG A . n 
A 1 52  THR 52  51  51  THR THR A . n 
A 1 53  ASP 53  52  52  ASP ASP A . n 
A 1 54  SER 54  53  53  SER SER A . n 
A 1 55  GLY 55  54  54  GLY GLY A . n 
A 1 56  GLU 56  55  55  GLU GLU A . n 
A 1 57  TYR 57  56  56  TYR TYR A . n 
A 1 58  GLU 58  57  57  GLU GLU A . n 
A 1 59  ILE 59  58  58  ILE ILE A . n 
A 1 60  ILE 60  59  59  ILE ILE A . n 
A 1 61  THR 61  60  60  THR THR A . n 
A 1 62  VAL 62  61  61  VAL VAL A . n 
A 1 63  ASP 63  62  62  ASP ASP A . n 
A 1 64  GLY 64  63  63  GLY GLY A . n 
A 1 65  VAL 65  64  64  VAL VAL A . n 
A 1 66  PRO 66  65  65  PRO PRO A . n 
A 1 67  CYS 67  66  66  CYS CYS A . n 
A 1 68  LEU 68  67  67  LEU LEU A . n 
A 1 69  PHE 69  68  68  PHE PHE A . n 
A 1 70  GLU 70  69  69  GLU GLU A . n 
A 1 71  TRP 71  70  70  TRP TRP A . n 
A 1 72  SER 72  71  71  SER SER A . n 
A 1 73  ASP 73  72  72  ASP ASP A . n 
A 1 74  GLY 74  73  73  GLY GLY A . n 
A 1 75  ARG 75  74  74  ARG ARG A . n 
A 1 76  ILE 76  75  75  ILE ILE A . n 
A 1 77  TYR 77  76  76  TYR TYR A . n 
A 1 78  PRO 78  77  77  PRO PRO A . n 
A 1 79  THR 79  78  78  THR THR A . n 
A 1 80  LEU 80  79  79  LEU LEU A . n 
A 1 81  GLN 81  80  80  GLN GLN A . n 
A 1 82  CYS 82  81  81  CYS CYS A . n 
A 1 83  LEU 83  82  82  LEU LEU A . n 
A 1 84  LYS 84  83  83  LYS LYS A . n 
A 1 85  ALA 85  84  84  ALA ALA A . n 
A 1 86  PHE 86  85  85  PHE PHE A . n 
A 1 87  GLY 87  86  86  GLY GLY A . n 
A 1 88  VAL 88  87  87  VAL VAL A . n 
A 1 89  ASP 89  88  88  ASP ASP A . n 
A 1 90  TRP 90  89  89  TRP TRP A . n 
A 1 91  LEU 91  90  90  LEU LEU A . n 
A 1 92  LYS 92  91  91  LYS LYS A . n 
A 1 93  GLY 93  92  92  GLY GLY A . n 
A 1 94  VAL 94  93  93  VAL VAL A . n 
A 1 95  VAL 95  94  94  VAL VAL A . n 
A 1 96  LEU 96  95  95  LEU LEU A . n 
A 1 97  VAL 97  96  96  VAL VAL A . n 
A 1 98  ASP 98  97  97  ASP ASP A . n 
A 1 99  LYS 99  98  98  LYS LYS A . n 
A 1 100 GLY 100 99  99  GLY GLY A . n 
A 1 101 ALA 101 100 100 ALA ALA A . n 
A 1 102 ALA 102 101 101 ALA ALA A . n 
A 1 103 ILE 103 102 102 ILE ILE A . n 
A 1 104 ALA 104 103 103 ALA ALA A . n 
A 1 105 LEU 105 104 104 LEU LEU A . n 
A 1 106 ALA 106 105 105 ALA ALA A . n 
A 1 107 LYS 107 106 106 LYS LYS A . n 
A 1 108 GLY 108 107 107 GLY GLY A . n 
A 1 109 ALA 109 108 108 ALA ALA A . n 
A 1 110 HIS 110 109 109 HIS HIS A . n 
A 1 111 LEU 111 110 110 LEU LEU A . n 
A 1 112 MSE 112 111 111 MSE MSE A . n 
A 1 113 ILE 113 112 112 ILE ILE A . n 
A 1 114 PRO 114 113 113 PRO PRO A . n 
A 1 115 GLY 115 114 114 GLY GLY A . n 
A 1 116 VAL 116 115 115 VAL VAL A . n 
A 1 117 VAL 117 116 116 VAL VAL A . n 
A 1 118 GLY 118 117 117 GLY GLY A . n 
A 1 119 VAL 119 118 118 VAL VAL A . n 
A 1 120 GLU 120 119 119 GLU GLU A . n 
A 1 121 GLY 121 120 120 GLY GLY A . n 
A 1 122 SER 122 121 121 SER SER A . n 
A 1 123 PHE 123 122 122 PHE PHE A . n 
A 1 124 THR 124 123 123 THR THR A . n 
A 1 125 ARG 125 124 124 ARG ARG A . n 
A 1 126 GLY 126 125 125 GLY GLY A . n 
A 1 127 ASP 127 126 126 ASP ASP A . n 
A 1 128 VAL 128 127 127 VAL VAL A . n 
A 1 129 VAL 129 128 128 VAL VAL A . n 
A 1 130 ALA 130 129 129 ALA ALA A . n 
A 1 131 ALA 131 130 130 ALA ALA A . n 
A 1 132 LEU 132 131 131 LEU LEU A . n 
A 1 133 TYR 133 132 132 TYR TYR A . n 
A 1 134 HIS 134 133 133 HIS HIS A . n 
A 1 135 GLU 135 134 134 GLU GLU A . n 
A 1 136 THR 136 135 135 THR THR A . n 
A 1 137 ARG 137 136 136 ARG ARG A . n 
A 1 138 THR 138 137 137 THR THR A . n 
A 1 139 PRO 139 138 138 PRO PRO A . n 
A 1 140 VAL 140 139 139 VAL VAL A . n 
A 1 141 MSE 141 140 140 MSE MSE A . n 
A 1 142 VAL 142 141 141 VAL VAL A . n 
A 1 143 GLY 143 142 142 GLY GLY A . n 
A 1 144 VAL 144 143 143 VAL VAL A . n 
A 1 145 ALA 145 144 144 ALA ALA A . n 
A 1 146 GLU 146 145 145 GLU GLU A . n 
A 1 147 VAL 147 146 146 VAL VAL A . n 
A 1 148 ASP 148 147 147 ASP ASP A . n 
A 1 149 SER 149 148 148 SER SER A . n 
A 1 150 SER 150 149 149 SER SER A . n 
A 1 151 ALA 151 150 150 ALA ALA A . n 
A 1 152 LEU 152 151 151 LEU LEU A . n 
A 1 153 GLU 153 152 152 GLU GLU A . n 
A 1 154 LYS 154 153 153 LYS LYS A . n 
A 1 155 LEU 155 154 154 LEU LEU A . n 
A 1 156 TYR 156 155 155 TYR TYR A . n 
A 1 157 ARG 157 156 156 ARG ARG A . n 
A 1 158 GLU 158 157 157 GLU GLU A . n 
A 1 159 LYS 159 158 158 LYS LYS A . n 
A 1 160 ALA 160 159 159 ALA ALA A . n 
A 1 161 ARG 161 160 160 ARG ARG A . n 
A 1 162 GLY 162 161 161 GLY GLY A . n 
A 1 163 ARG 163 162 162 ARG ARG A . n 
A 1 164 ALA 164 163 163 ALA ALA A . n 
A 1 165 VAL 165 164 164 VAL VAL A . n 
A 1 166 ARG 166 165 165 ARG ARG A . n 
A 1 167 ARG 167 166 166 ARG ARG A . n 
A 1 168 VAL 168 167 167 VAL VAL A . n 
A 1 169 HIS 169 168 168 HIS HIS A . n 
A 1 170 ARG 170 169 169 ARG ARG A . n 
A 1 171 LEU 171 170 170 LEU LEU A . n 
A 1 172 GLY 172 171 171 GLY GLY A . n 
A 1 173 ASP 173 172 172 ASP ASP A . n 
A 1 174 ALA 174 173 173 ALA ALA A . n 
A 1 175 LEU 175 174 174 LEU LEU A . n 
A 1 176 TRP 176 175 175 TRP TRP A . n 
A 1 177 GLU 177 176 176 GLU GLU A . n 
A 1 178 LEU 178 177 177 LEU LEU A . n 
A 1 179 ALA 179 178 178 ALA ALA A . n 
A 1 180 GLN 180 179 179 GLN GLN A . n 
A 1 181 GLU 181 180 180 GLU GLU A . n 
A 1 182 VAL 182 181 181 VAL VAL A . n 
A 1 183 GLY 183 182 182 GLY GLY A . n 
A 1 184 LYS 184 183 183 LYS LYS A . n 
A 1 185 ARG 185 184 ?   ?   ?   A . n 
A 1 186 LEU 186 185 ?   ?   ?   A . n 
A 1 187 SER 187 186 ?   ?   ?   A . n 
# 
loop_
_pdbx_nonpoly_scheme.asym_id 
_pdbx_nonpoly_scheme.entity_id 
_pdbx_nonpoly_scheme.mon_id 
_pdbx_nonpoly_scheme.ndb_seq_num 
_pdbx_nonpoly_scheme.pdb_seq_num 
_pdbx_nonpoly_scheme.auth_seq_num 
_pdbx_nonpoly_scheme.pdb_mon_id 
_pdbx_nonpoly_scheme.auth_mon_id 
_pdbx_nonpoly_scheme.pdb_strand_id 
_pdbx_nonpoly_scheme.pdb_ins_code 
B 2 TLA 1   2001 1001 TLA TLA A . 
C 3 HOH 1   2002 1    HOH WAT A . 
C 3 HOH 2   2003 2    HOH WAT A . 
C 3 HOH 3   2004 3    HOH WAT A . 
C 3 HOH 4   2005 4    HOH WAT A . 
C 3 HOH 5   2006 5    HOH WAT A . 
C 3 HOH 6   2007 6    HOH WAT A . 
C 3 HOH 7   2008 7    HOH WAT A . 
C 3 HOH 8   2009 8    HOH WAT A . 
C 3 HOH 9   2010 9    HOH WAT A . 
C 3 HOH 10  2011 10   HOH WAT A . 
C 3 HOH 11  2012 12   HOH WAT A . 
C 3 HOH 12  2013 13   HOH WAT A . 
C 3 HOH 13  2014 14   HOH WAT A . 
C 3 HOH 14  2015 15   HOH WAT A . 
C 3 HOH 15  2016 16   HOH WAT A . 
C 3 HOH 16  2017 17   HOH WAT A . 
C 3 HOH 17  2018 18   HOH WAT A . 
C 3 HOH 18  2019 20   HOH WAT A . 
C 3 HOH 19  2020 21   HOH WAT A . 
C 3 HOH 20  2021 22   HOH WAT A . 
C 3 HOH 21  2022 23   HOH WAT A . 
C 3 HOH 22  2023 24   HOH WAT A . 
C 3 HOH 23  2024 25   HOH WAT A . 
C 3 HOH 24  2025 26   HOH WAT A . 
C 3 HOH 25  2026 27   HOH WAT A . 
C 3 HOH 26  2027 28   HOH WAT A . 
C 3 HOH 27  2028 31   HOH WAT A . 
C 3 HOH 28  2029 32   HOH WAT A . 
C 3 HOH 29  2030 33   HOH WAT A . 
C 3 HOH 30  2031 34   HOH WAT A . 
C 3 HOH 31  2032 35   HOH WAT A . 
C 3 HOH 32  2033 36   HOH WAT A . 
C 3 HOH 33  2034 37   HOH WAT A . 
C 3 HOH 34  2035 38   HOH WAT A . 
C 3 HOH 35  2036 39   HOH WAT A . 
C 3 HOH 36  2037 40   HOH WAT A . 
C 3 HOH 37  2038 41   HOH WAT A . 
C 3 HOH 38  2039 42   HOH WAT A . 
C 3 HOH 39  2040 43   HOH WAT A . 
C 3 HOH 40  2041 44   HOH WAT A . 
C 3 HOH 41  2042 46   HOH WAT A . 
C 3 HOH 42  2043 47   HOH WAT A . 
C 3 HOH 43  2044 48   HOH WAT A . 
C 3 HOH 44  2045 49   HOH WAT A . 
C 3 HOH 45  2046 200  HOH WAT A . 
C 3 HOH 46  2047 201  HOH WAT A . 
C 3 HOH 47  2048 202  HOH WAT A . 
C 3 HOH 48  2049 203  HOH WAT A . 
C 3 HOH 49  2050 204  HOH WAT A . 
C 3 HOH 50  2051 205  HOH WAT A . 
C 3 HOH 51  2052 206  HOH WAT A . 
C 3 HOH 52  2053 207  HOH WAT A . 
C 3 HOH 53  2054 209  HOH WAT A . 
C 3 HOH 54  2055 210  HOH WAT A . 
C 3 HOH 55  2056 211  HOH WAT A . 
C 3 HOH 56  2057 212  HOH WAT A . 
C 3 HOH 57  2058 213  HOH WAT A . 
C 3 HOH 58  2059 214  HOH WAT A . 
C 3 HOH 59  2060 215  HOH WAT A . 
C 3 HOH 60  2061 216  HOH WAT A . 
C 3 HOH 61  2062 217  HOH WAT A . 
C 3 HOH 62  2063 218  HOH WAT A . 
C 3 HOH 63  2064 219  HOH WAT A . 
C 3 HOH 64  2065 220  HOH WAT A . 
C 3 HOH 65  2066 221  HOH WAT A . 
C 3 HOH 66  2067 222  HOH WAT A . 
C 3 HOH 67  2068 223  HOH WAT A . 
C 3 HOH 68  2069 225  HOH WAT A . 
C 3 HOH 69  2070 226  HOH WAT A . 
C 3 HOH 70  2071 227  HOH WAT A . 
C 3 HOH 71  2072 228  HOH WAT A . 
C 3 HOH 72  2073 229  HOH WAT A . 
C 3 HOH 73  2074 230  HOH WAT A . 
C 3 HOH 74  2075 231  HOH WAT A . 
C 3 HOH 75  2076 232  HOH WAT A . 
C 3 HOH 76  2077 233  HOH WAT A . 
C 3 HOH 77  2078 234  HOH WAT A . 
C 3 HOH 78  2079 236  HOH WAT A . 
C 3 HOH 79  2080 237  HOH WAT A . 
C 3 HOH 80  2081 238  HOH WAT A . 
C 3 HOH 81  2082 600  HOH WAT A . 
C 3 HOH 82  2083 601  HOH WAT A . 
C 3 HOH 83  2084 602  HOH WAT A . 
C 3 HOH 84  2085 603  HOH WAT A . 
C 3 HOH 85  2086 604  HOH WAT A . 
C 3 HOH 86  2087 605  HOH WAT A . 
C 3 HOH 87  2088 606  HOH WAT A . 
C 3 HOH 88  2089 607  HOH WAT A . 
C 3 HOH 89  2090 608  HOH WAT A . 
C 3 HOH 90  2091 609  HOH WAT A . 
C 3 HOH 91  2092 610  HOH WAT A . 
C 3 HOH 92  2093 611  HOH WAT A . 
C 3 HOH 93  2094 612  HOH WAT A . 
C 3 HOH 94  2095 613  HOH WAT A . 
C 3 HOH 95  2096 614  HOH WAT A . 
C 3 HOH 96  2097 615  HOH WAT A . 
C 3 HOH 97  2098 617  HOH WAT A . 
C 3 HOH 98  2099 618  HOH WAT A . 
C 3 HOH 99  2100 619  HOH WAT A . 
C 3 HOH 100 2101 620  HOH WAT A . 
C 3 HOH 101 2102 621  HOH WAT A . 
C 3 HOH 102 2103 622  HOH WAT A . 
C 3 HOH 103 2104 623  HOH WAT A . 
C 3 HOH 104 2105 624  HOH WAT A . 
C 3 HOH 105 2106 626  HOH WAT A . 
C 3 HOH 106 2107 627  HOH WAT A . 
C 3 HOH 107 2108 628  HOH WAT A . 
C 3 HOH 108 2109 629  HOH WAT A . 
C 3 HOH 109 2110 630  HOH WAT A . 
C 3 HOH 110 2111 631  HOH WAT A . 
C 3 HOH 111 2112 632  HOH WAT A . 
C 3 HOH 112 2113 633  HOH WAT A . 
C 3 HOH 113 2114 635  HOH WAT A . 
C 3 HOH 114 2115 636  HOH WAT A . 
C 3 HOH 115 2116 638  HOH WAT A . 
C 3 HOH 116 2117 639  HOH WAT A . 
C 3 HOH 117 2118 640  HOH WAT A . 
C 3 HOH 118 2119 641  HOH WAT A . 
C 3 HOH 119 2120 642  HOH WAT A . 
C 3 HOH 120 2121 643  HOH WAT A . 
C 3 HOH 121 2122 644  HOH WAT A . 
C 3 HOH 122 2123 645  HOH WAT A . 
C 3 HOH 123 2124 800  HOH WAT A . 
C 3 HOH 124 2125 801  HOH WAT A . 
C 3 HOH 125 2126 802  HOH WAT A . 
C 3 HOH 126 2127 803  HOH WAT A . 
C 3 HOH 127 2128 804  HOH WAT A . 
C 3 HOH 128 2129 805  HOH WAT A . 
C 3 HOH 129 2130 806  HOH WAT A . 
C 3 HOH 130 2131 807  HOH WAT A . 
C 3 HOH 131 2132 808  HOH WAT A . 
C 3 HOH 132 2133 809  HOH WAT A . 
C 3 HOH 133 2134 810  HOH WAT A . 
C 3 HOH 134 2135 811  HOH WAT A . 
C 3 HOH 135 2136 812  HOH WAT A . 
C 3 HOH 136 2137 813  HOH WAT A . 
C 3 HOH 137 2138 814  HOH WAT A . 
C 3 HOH 138 2139 816  HOH WAT A . 
C 3 HOH 139 2140 817  HOH WAT A . 
C 3 HOH 140 2141 818  HOH WAT A . 
C 3 HOH 141 2142 820  HOH WAT A . 
C 3 HOH 142 2143 821  HOH WAT A . 
C 3 HOH 143 2144 822  HOH WAT A . 
C 3 HOH 144 2145 823  HOH WAT A . 
C 3 HOH 145 2146 825  HOH WAT A . 
C 3 HOH 146 2147 826  HOH WAT A . 
C 3 HOH 147 2148 990  HOH WAT A . 
C 3 HOH 148 2149 991  HOH WAT A . 
C 3 HOH 149 2150 992  HOH WAT A . 
C 3 HOH 150 2151 993  HOH WAT A . 
C 3 HOH 151 2152 994  HOH WAT A . 
C 3 HOH 152 2153 995  HOH WAT A . 
C 3 HOH 153 2154 996  HOH WAT A . 
C 3 HOH 154 2155 999  HOH WAT A . 
C 3 HOH 155 2156 1000 HOH WAT A . 
C 3 HOH 156 2157 1001 HOH WAT A . 
C 3 HOH 157 2158 1002 HOH WAT A . 
C 3 HOH 158 2159 1003 HOH WAT A . 
C 3 HOH 159 2160 1004 HOH WAT A . 
C 3 HOH 160 2161 1005 HOH WAT A . 
C 3 HOH 161 2162 1007 HOH WAT A . 
C 3 HOH 162 2163 1008 HOH WAT A . 
C 3 HOH 163 2164 1009 HOH WAT A . 
C 3 HOH 164 2165 1010 HOH WAT A . 
C 3 HOH 165 2166 1011 HOH WAT A . 
C 3 HOH 166 2167 1012 HOH WAT A . 
C 3 HOH 167 2168 1013 HOH WAT A . 
C 3 HOH 168 2169 1014 HOH WAT A . 
C 3 HOH 169 2170 1015 HOH WAT A . 
C 3 HOH 170 2171 1017 HOH WAT A . 
C 3 HOH 171 2172 1200 HOH WAT A . 
C 3 HOH 172 2173 1201 HOH WAT A . 
C 3 HOH 173 2174 1203 HOH WAT A . 
C 3 HOH 174 2175 1204 HOH WAT A . 
C 3 HOH 175 2176 1205 HOH WAT A . 
C 3 HOH 176 2177 1206 HOH WAT A . 
C 3 HOH 177 2178 1207 HOH WAT A . 
C 3 HOH 178 2179 1208 HOH WAT A . 
# 
loop_
_software.name 
_software.classification 
_software.version 
_software.citation_id 
_software.pdbx_ordinal 
CNS       refinement       1.1 ? 1 
HKL-2000  'data reduction' .   ? 2 
SCALEPACK 'data scaling'   .   ? 3 
MOLREP    phasing          .   ? 4 
# 
_cell.entry_id           2CX1 
_cell.length_a           39.271 
_cell.length_b           49.139 
_cell.length_c           53.491 
_cell.angle_alpha        90.00 
_cell.angle_beta         103.21 
_cell.angle_gamma        90.00 
_cell.Z_PDB              2 
_cell.pdbx_unique_axis   ? 
# 
_symmetry.entry_id                         2CX1 
_symmetry.space_group_name_H-M             'P 1 21 1' 
_symmetry.pdbx_full_space_group_name_H-M   ? 
_symmetry.cell_setting                     ? 
_symmetry.Int_Tables_number                4 
_symmetry.space_group_name_Hall            ? 
# 
_exptl.entry_id          2CX1 
_exptl.method            'X-RAY DIFFRACTION' 
_exptl.crystals_number   1 
# 
_exptl_crystal.id                    1 
_exptl_crystal.density_meas          ? 
_exptl_crystal.density_Matthews      2.42 
_exptl_crystal.density_percent_sol   48.29 
_exptl_crystal.description           ? 
_exptl_crystal.F_000                 ? 
_exptl_crystal.preparation           ? 
# 
_exptl_crystal_grow.crystal_id      1 
_exptl_crystal_grow.method          'VAPOR DIFFUSION, HANGING DROP' 
_exptl_crystal_grow.temp            293 
_exptl_crystal_grow.temp_details    ? 
_exptl_crystal_grow.pH              8 
_exptl_crystal_grow.pdbx_details    
'PEG3350, Sodium tartrate, Sodium chloride, Tris, pH 8, VAPOR DIFFUSION, HANGING DROP, temperature 293K' 
_exptl_crystal_grow.pdbx_pH_range   . 
# 
_diffrn.id                     1 
_diffrn.ambient_temp           100 
_diffrn.ambient_temp_details   ? 
_diffrn.crystal_id             1 
# 
_diffrn_detector.diffrn_id              1 
_diffrn_detector.detector               CCD 
_diffrn_detector.type                   'ADSC QUANTUM' 
_diffrn_detector.pdbx_collection_date   2005-05-17 
_diffrn_detector.details                ? 
# 
_diffrn_radiation.diffrn_id                        1 
_diffrn_radiation.wavelength_id                    1 
_diffrn_radiation.pdbx_monochromatic_or_laue_m_l   M 
_diffrn_radiation.monochromator                    ? 
_diffrn_radiation.pdbx_diffrn_protocol             'SINGLE WAVELENGTH' 
_diffrn_radiation.pdbx_scattering_type             x-ray 
# 
_diffrn_radiation_wavelength.id           1 
_diffrn_radiation_wavelength.wavelength   1.00000 
_diffrn_radiation_wavelength.wt           1.0 
# 
_diffrn_source.diffrn_id                   1 
_diffrn_source.source                      SYNCHROTRON 
_diffrn_source.type                        'SPRING-8 BEAMLINE BL44B2' 
_diffrn_source.pdbx_synchrotron_site       SPring-8 
_diffrn_source.pdbx_synchrotron_beamline   BL44B2 
_diffrn_source.pdbx_wavelength             ? 
_diffrn_source.pdbx_wavelength_list        1.00000 
# 
_reflns.entry_id                     2CX1 
_reflns.observed_criterion_sigma_I   ? 
_reflns.observed_criterion_sigma_F   ? 
_reflns.d_resolution_low             50 
_reflns.d_resolution_high            1.8 
_reflns.number_obs                   17683 
_reflns.number_all                   ? 
_reflns.percent_possible_obs         ? 
_reflns.pdbx_Rmerge_I_obs            ? 
_reflns.pdbx_Rsym_value              ? 
_reflns.pdbx_netI_over_sigmaI        ? 
_reflns.B_iso_Wilson_estimate        11.9 
_reflns.pdbx_redundancy              ? 
_reflns.R_free_details               ? 
_reflns.limit_h_max                  ? 
_reflns.limit_h_min                  ? 
_reflns.limit_k_max                  ? 
_reflns.limit_k_min                  ? 
_reflns.limit_l_max                  ? 
_reflns.limit_l_min                  ? 
_reflns.observed_criterion_F_max     ? 
_reflns.observed_criterion_F_min     ? 
_reflns.pdbx_chi_squared             ? 
_reflns.pdbx_scaling_rejects         ? 
_reflns.pdbx_ordinal                 1 
_reflns.pdbx_diffrn_id               1 
# 
_refine.entry_id                                 2CX1 
_refine.ls_number_reflns_obs                     17676 
_refine.ls_number_reflns_all                     ? 
_refine.pdbx_ls_sigma_I                          ? 
_refine.pdbx_ls_sigma_F                          0.0 
_refine.pdbx_data_cutoff_high_absF               344334.52 
_refine.pdbx_data_cutoff_low_absF                0.000000 
_refine.pdbx_data_cutoff_high_rms_absF           ? 
_refine.ls_d_res_low                             35.74 
_refine.ls_d_res_high                            1.80 
_refine.ls_percent_reflns_obs                    95.2 
_refine.ls_R_factor_obs                          0.163 
_refine.ls_R_factor_all                          ? 
_refine.ls_R_factor_R_work                       0.163 
_refine.ls_R_factor_R_free                       0.192 
_refine.ls_R_factor_R_free_error                 0.007 
_refine.ls_R_factor_R_free_error_details         ? 
_refine.ls_percent_reflns_R_free                 4.8 
_refine.ls_number_reflns_R_free                  847 
_refine.ls_number_parameters                     ? 
_refine.ls_number_restraints                     ? 
_refine.occupancy_min                            ? 
_refine.occupancy_max                            ? 
_refine.correlation_coeff_Fo_to_Fc               ? 
_refine.correlation_coeff_Fo_to_Fc_free          ? 
_refine.B_iso_mean                               18.7 
_refine.aniso_B[1][1]                            0.35 
_refine.aniso_B[2][2]                            -3.12 
_refine.aniso_B[3][3]                            2.77 
_refine.aniso_B[1][2]                            0.00 
_refine.aniso_B[1][3]                            -1.58 
_refine.aniso_B[2][3]                            0.00 
_refine.solvent_model_details                    'FLAT MODEL' 
_refine.solvent_model_param_ksol                 0.396452 
_refine.solvent_model_param_bsol                 52.0091 
_refine.pdbx_solvent_vdw_probe_radii             ? 
_refine.pdbx_solvent_ion_probe_radii             ? 
_refine.pdbx_solvent_shrinkage_radii             ? 
_refine.pdbx_ls_cross_valid_method               THROUGHOUT 
_refine.details                                  ? 
_refine.pdbx_starting_model                      ? 
_refine.pdbx_method_to_determine_struct          'MOLECULAR REPLACEMENT' 
_refine.pdbx_isotropic_thermal_model             RESTRAINED 
_refine.pdbx_stereochemistry_target_values       ? 
_refine.pdbx_stereochem_target_val_spec_case     ? 
_refine.pdbx_R_Free_selection_details            RANDOM 
_refine.pdbx_overall_ESU_R                       ? 
_refine.pdbx_overall_ESU_R_Free                  ? 
_refine.overall_SU_ML                            ? 
_refine.overall_SU_B                             ? 
_refine.ls_redundancy_reflns_obs                 ? 
_refine.B_iso_min                                ? 
_refine.B_iso_max                                ? 
_refine.overall_SU_R_Cruickshank_DPI             ? 
_refine.overall_SU_R_free                        ? 
_refine.ls_wR_factor_R_free                      ? 
_refine.ls_wR_factor_R_work                      ? 
_refine.overall_FOM_free_R_set                   ? 
_refine.overall_FOM_work_R_set                   ? 
_refine.pdbx_refine_id                           'X-RAY DIFFRACTION' 
_refine.pdbx_diffrn_id                           1 
_refine.pdbx_TLS_residual_ADP_flag               ? 
_refine.pdbx_overall_phase_error                 ? 
_refine.pdbx_overall_SU_R_free_Cruickshank_DPI   ? 
_refine.pdbx_overall_SU_R_Blow_DPI               ? 
_refine.pdbx_overall_SU_R_free_Blow_DPI          ? 
# 
_refine_analyze.entry_id                        2CX1 
_refine_analyze.Luzzati_coordinate_error_obs    0.16 
_refine_analyze.Luzzati_sigma_a_obs             0.11 
_refine_analyze.Luzzati_d_res_low_obs           5.00 
_refine_analyze.Luzzati_coordinate_error_free   0.21 
_refine_analyze.Luzzati_sigma_a_free            0.18 
_refine_analyze.Luzzati_d_res_low_free          ? 
_refine_analyze.number_disordered_residues      ? 
_refine_analyze.occupancy_sum_hydrogen          ? 
_refine_analyze.occupancy_sum_non_hydrogen      ? 
_refine_analyze.pdbx_Luzzati_d_res_high_obs     ? 
_refine_analyze.pdbx_refine_id                  'X-RAY DIFFRACTION' 
# 
_refine_hist.pdbx_refine_id                   'X-RAY DIFFRACTION' 
_refine_hist.cycle_id                         LAST 
_refine_hist.pdbx_number_atoms_protein        1445 
_refine_hist.pdbx_number_atoms_nucleic_acid   0 
_refine_hist.pdbx_number_atoms_ligand         10 
_refine_hist.number_atoms_solvent             178 
_refine_hist.number_atoms_total               1633 
_refine_hist.d_res_high                       1.80 
_refine_hist.d_res_low                        35.74 
# 
loop_
_refine_ls_restr.type 
_refine_ls_restr.dev_ideal 
_refine_ls_restr.dev_ideal_target 
_refine_ls_restr.weight 
_refine_ls_restr.number 
_refine_ls_restr.pdbx_refine_id 
_refine_ls_restr.pdbx_restraint_function 
c_bond_d                0.019 ? ? ? 'X-RAY DIFFRACTION' ? 
c_bond_d_na             ?     ? ? ? 'X-RAY DIFFRACTION' ? 
c_bond_d_prot           ?     ? ? ? 'X-RAY DIFFRACTION' ? 
c_angle_d               ?     ? ? ? 'X-RAY DIFFRACTION' ? 
c_angle_d_na            ?     ? ? ? 'X-RAY DIFFRACTION' ? 
c_angle_d_prot          ?     ? ? ? 'X-RAY DIFFRACTION' ? 
c_angle_deg             1.8   ? ? ? 'X-RAY DIFFRACTION' ? 
c_angle_deg_na          ?     ? ? ? 'X-RAY DIFFRACTION' ? 
c_angle_deg_prot        ?     ? ? ? 'X-RAY DIFFRACTION' ? 
c_dihedral_angle_d      23.8  ? ? ? 'X-RAY DIFFRACTION' ? 
c_dihedral_angle_d_na   ?     ? ? ? 'X-RAY DIFFRACTION' ? 
c_dihedral_angle_d_prot ?     ? ? ? 'X-RAY DIFFRACTION' ? 
c_improper_angle_d      1.17  ? ? ? 'X-RAY DIFFRACTION' ? 
c_improper_angle_d_na   ?     ? ? ? 'X-RAY DIFFRACTION' ? 
c_improper_angle_d_prot ?     ? ? ? 'X-RAY DIFFRACTION' ? 
c_mcbond_it             ?     ? ? ? 'X-RAY DIFFRACTION' ? 
c_mcangle_it            ?     ? ? ? 'X-RAY DIFFRACTION' ? 
c_scbond_it             ?     ? ? ? 'X-RAY DIFFRACTION' ? 
c_scangle_it            ?     ? ? ? 'X-RAY DIFFRACTION' ? 
# 
_refine_ls_shell.pdbx_total_number_of_bins_used   6 
_refine_ls_shell.d_res_high                       1.80 
_refine_ls_shell.d_res_low                        1.91 
_refine_ls_shell.number_reflns_R_work             2299 
_refine_ls_shell.R_factor_R_work                  0.184 
_refine_ls_shell.percent_reflns_obs               78.1 
_refine_ls_shell.R_factor_R_free                  0.23 
_refine_ls_shell.R_factor_R_free_error            0.023 
_refine_ls_shell.percent_reflns_R_free            4.3 
_refine_ls_shell.number_reflns_R_free             103 
_refine_ls_shell.number_reflns_obs                ? 
_refine_ls_shell.redundancy_reflns_obs            ? 
_refine_ls_shell.number_reflns_all                ? 
_refine_ls_shell.R_factor_all                     ? 
_refine_ls_shell.pdbx_refine_id                   'X-RAY DIFFRACTION' 
# 
_struct.entry_id                  2CX1 
_struct.title                     'Crystal structure of a PUA domain (APE0525) from the Aeropyrum pernix K1 (tartrate complex)' 
_struct.pdbx_model_details        ? 
_struct.pdbx_CASP_flag            ? 
_struct.pdbx_model_type_details   ? 
# 
_struct_keywords.entry_id        2CX1 
_struct_keywords.pdbx_keywords   'STRUCTURAL GENOMICS, UNKNOWN FUNCTION' 
_struct_keywords.text            
;PUA domain, structural genomics, NPPSFA, National Project on Protein Structural and Functional Analyses, RIKEN Structural Genomics/Proteomics Initiative, RSGI, UNKNOWN FUNCTION
;
# 
loop_
_struct_asym.id 
_struct_asym.pdbx_blank_PDB_chainid_flag 
_struct_asym.pdbx_modified 
_struct_asym.entity_id 
_struct_asym.details 
A N N 1 ? 
B N N 2 ? 
C N N 3 ? 
# 
_struct_ref.id                         1 
_struct_ref.db_name                    UNP 
_struct_ref.db_code                    Q9YEQ6_AERPE 
_struct_ref.pdbx_db_accession          Q9YEQ6 
_struct_ref.entity_id                  1 
_struct_ref.pdbx_seq_one_letter_code   
;MLWARLVGLARLEARALSKKERRSLLERLKPYYTRIPFSEKADLRLVKARTDSGEYEIITVDGVPCLFEWSDGRIYPTLQ
CLKAFGVDWLKGVVLVDKGAAIALAKGAHLMIPGVVGVEGSFTRGDVVAALYHETRTPVMVGVAEVDSSALEKLYREKAR
GRAVRRVHRLGDALWELAQEVGKRLS
;
_struct_ref.pdbx_align_begin           1 
_struct_ref.pdbx_db_isoform            ? 
# 
_struct_ref_seq.align_id                      1 
_struct_ref_seq.ref_id                        1 
_struct_ref_seq.pdbx_PDB_id_code              2CX1 
_struct_ref_seq.pdbx_strand_id                A 
_struct_ref_seq.seq_align_beg                 2 
_struct_ref_seq.pdbx_seq_align_beg_ins_code   ? 
_struct_ref_seq.seq_align_end                 187 
_struct_ref_seq.pdbx_seq_align_end_ins_code   ? 
_struct_ref_seq.pdbx_db_accession             Q9YEQ6 
_struct_ref_seq.db_align_beg                  1 
_struct_ref_seq.pdbx_db_align_beg_ins_code    ? 
_struct_ref_seq.db_align_end                  186 
_struct_ref_seq.pdbx_db_align_end_ins_code    ? 
_struct_ref_seq.pdbx_auth_seq_align_beg       1 
_struct_ref_seq.pdbx_auth_seq_align_end       186 
# 
loop_
_struct_ref_seq_dif.align_id 
_struct_ref_seq_dif.pdbx_pdb_id_code 
_struct_ref_seq_dif.mon_id 
_struct_ref_seq_dif.pdbx_pdb_strand_id 
_struct_ref_seq_dif.seq_num 
_struct_ref_seq_dif.pdbx_pdb_ins_code 
_struct_ref_seq_dif.pdbx_seq_db_name 
_struct_ref_seq_dif.pdbx_seq_db_accession_code 
_struct_ref_seq_dif.db_mon_id 
_struct_ref_seq_dif.pdbx_seq_db_seq_num 
_struct_ref_seq_dif.details 
_struct_ref_seq_dif.pdbx_auth_seq_num 
_struct_ref_seq_dif.pdbx_ordinal 
1 2CX1 HIS A 1   ? UNP Q9YEQ6 ?   ?   'expression tag'   0   1 
1 2CX1 MSE A 2   ? UNP Q9YEQ6 MET 1   'modified residue' 1   2 
1 2CX1 MSE A 112 ? UNP Q9YEQ6 MET 111 'modified residue' 111 3 
1 2CX1 MSE A 141 ? UNP Q9YEQ6 MET 140 'modified residue' 140 4 
# 
_pdbx_struct_assembly.id                   1 
_pdbx_struct_assembly.details              author_defined_assembly 
_pdbx_struct_assembly.method_details       ? 
_pdbx_struct_assembly.oligomeric_details   monomeric 
_pdbx_struct_assembly.oligomeric_count     1 
# 
_pdbx_struct_assembly_gen.assembly_id       1 
_pdbx_struct_assembly_gen.oper_expression   1 
_pdbx_struct_assembly_gen.asym_id_list      A,B,C 
# 
_pdbx_struct_oper_list.id                   1 
_pdbx_struct_oper_list.type                 'identity operation' 
_pdbx_struct_oper_list.name                 1_555 
_pdbx_struct_oper_list.symmetry_operation   x,y,z 
_pdbx_struct_oper_list.matrix[1][1]         1.0000000000 
_pdbx_struct_oper_list.matrix[1][2]         0.0000000000 
_pdbx_struct_oper_list.matrix[1][3]         0.0000000000 
_pdbx_struct_oper_list.vector[1]            0.0000000000 
_pdbx_struct_oper_list.matrix[2][1]         0.0000000000 
_pdbx_struct_oper_list.matrix[2][2]         1.0000000000 
_pdbx_struct_oper_list.matrix[2][3]         0.0000000000 
_pdbx_struct_oper_list.vector[2]            0.0000000000 
_pdbx_struct_oper_list.matrix[3][1]         0.0000000000 
_pdbx_struct_oper_list.matrix[3][2]         0.0000000000 
_pdbx_struct_oper_list.matrix[3][3]         1.0000000000 
_pdbx_struct_oper_list.vector[3]            0.0000000000 
# 
_struct_biol.id                    1 
_struct_biol.details               'unknown. Probably monomer from the crystal structure.' 
_struct_biol.pdbx_parent_biol_id   ? 
# 
loop_
_struct_conf.conf_type_id 
_struct_conf.id 
_struct_conf.pdbx_PDB_helix_id 
_struct_conf.beg_label_comp_id 
_struct_conf.beg_label_asym_id 
_struct_conf.beg_label_seq_id 
_struct_conf.pdbx_beg_PDB_ins_code 
_struct_conf.end_label_comp_id 
_struct_conf.end_label_asym_id 
_struct_conf.end_label_seq_id 
_struct_conf.pdbx_end_PDB_ins_code 
_struct_conf.beg_auth_comp_id 
_struct_conf.beg_auth_asym_id 
_struct_conf.beg_auth_seq_id 
_struct_conf.end_auth_comp_id 
_struct_conf.end_auth_asym_id 
_struct_conf.end_auth_seq_id 
_struct_conf.pdbx_PDB_helix_class 
_struct_conf.details 
_struct_conf.pdbx_PDB_helix_length 
HELX_P HELX_P1 1 SER A 19  ? LYS A 31  ? SER A 18  LYS A 30  1 ? 13 
HELX_P HELX_P2 2 PRO A 32  ? TYR A 34  ? PRO A 31  TYR A 33  5 ? 3  
HELX_P HELX_P3 3 THR A 79  ? GLY A 87  ? THR A 78  GLY A 86  1 ? 9  
HELX_P HELX_P4 4 ASP A 98  ? LYS A 107 ? ASP A 97  LYS A 106 1 ? 10 
HELX_P HELX_P5 5 ASP A 148 ? LYS A 159 ? ASP A 147 LYS A 158 1 ? 12 
HELX_P HELX_P6 6 ASP A 173 ? LYS A 184 ? ASP A 172 LYS A 183 1 ? 12 
# 
_struct_conf_type.id          HELX_P 
_struct_conf_type.criteria    ? 
_struct_conf_type.reference   ? 
# 
loop_
_struct_conn.id 
_struct_conn.conn_type_id 
_struct_conn.pdbx_leaving_atom_flag 
_struct_conn.pdbx_PDB_id 
_struct_conn.ptnr1_label_asym_id 
_struct_conn.ptnr1_label_comp_id 
_struct_conn.ptnr1_label_seq_id 
_struct_conn.ptnr1_label_atom_id 
_struct_conn.pdbx_ptnr1_label_alt_id 
_struct_conn.pdbx_ptnr1_PDB_ins_code 
_struct_conn.pdbx_ptnr1_standard_comp_id 
_struct_conn.ptnr1_symmetry 
_struct_conn.ptnr2_label_asym_id 
_struct_conn.ptnr2_label_comp_id 
_struct_conn.ptnr2_label_seq_id 
_struct_conn.ptnr2_label_atom_id 
_struct_conn.pdbx_ptnr2_label_alt_id 
_struct_conn.pdbx_ptnr2_PDB_ins_code 
_struct_conn.ptnr1_auth_asym_id 
_struct_conn.ptnr1_auth_comp_id 
_struct_conn.ptnr1_auth_seq_id 
_struct_conn.ptnr2_auth_asym_id 
_struct_conn.ptnr2_auth_comp_id 
_struct_conn.ptnr2_auth_seq_id 
_struct_conn.ptnr2_symmetry 
_struct_conn.pdbx_ptnr3_label_atom_id 
_struct_conn.pdbx_ptnr3_label_seq_id 
_struct_conn.pdbx_ptnr3_label_comp_id 
_struct_conn.pdbx_ptnr3_label_asym_id 
_struct_conn.pdbx_ptnr3_label_alt_id 
_struct_conn.pdbx_ptnr3_PDB_ins_code 
_struct_conn.details 
_struct_conn.pdbx_dist_value 
_struct_conn.pdbx_value_order 
_struct_conn.pdbx_role 
covale1 covale both ? A HIS 1   C ? ? ? 1_555 A MSE 2   N ? ? A HIS 0   A MSE 1   1_555 ? ? ? ? ? ? ? 1.329 ? ? 
covale2 covale both ? A MSE 2   C ? ? ? 1_555 A LEU 3   N ? ? A MSE 1   A LEU 2   1_555 ? ? ? ? ? ? ? 1.327 ? ? 
covale3 covale both ? A LEU 111 C ? ? ? 1_555 A MSE 112 N ? ? A LEU 110 A MSE 111 1_555 ? ? ? ? ? ? ? 1.341 ? ? 
covale4 covale both ? A MSE 112 C ? ? ? 1_555 A ILE 113 N ? ? A MSE 111 A ILE 112 1_555 ? ? ? ? ? ? ? 1.336 ? ? 
covale5 covale both ? A VAL 140 C ? ? ? 1_555 A MSE 141 N ? ? A VAL 139 A MSE 140 1_555 ? ? ? ? ? ? ? 1.315 ? ? 
covale6 covale both ? A MSE 141 C ? ? ? 1_555 A VAL 142 N ? ? A MSE 140 A VAL 141 1_555 ? ? ? ? ? ? ? 1.347 ? ? 
# 
_struct_conn_type.id          covale 
_struct_conn_type.criteria    ? 
_struct_conn_type.reference   ? 
# 
loop_
_pdbx_modification_feature.ordinal 
_pdbx_modification_feature.label_comp_id 
_pdbx_modification_feature.label_asym_id 
_pdbx_modification_feature.label_seq_id 
_pdbx_modification_feature.label_alt_id 
_pdbx_modification_feature.modified_residue_label_comp_id 
_pdbx_modification_feature.modified_residue_label_asym_id 
_pdbx_modification_feature.modified_residue_label_seq_id 
_pdbx_modification_feature.modified_residue_label_alt_id 
_pdbx_modification_feature.auth_comp_id 
_pdbx_modification_feature.auth_asym_id 
_pdbx_modification_feature.auth_seq_id 
_pdbx_modification_feature.PDB_ins_code 
_pdbx_modification_feature.symmetry 
_pdbx_modification_feature.modified_residue_auth_comp_id 
_pdbx_modification_feature.modified_residue_auth_asym_id 
_pdbx_modification_feature.modified_residue_auth_seq_id 
_pdbx_modification_feature.modified_residue_PDB_ins_code 
_pdbx_modification_feature.modified_residue_symmetry 
_pdbx_modification_feature.comp_id_linking_atom 
_pdbx_modification_feature.modified_residue_id_linking_atom 
_pdbx_modification_feature.modified_residue_id 
_pdbx_modification_feature.ref_pcm_id 
_pdbx_modification_feature.ref_comp_id 
_pdbx_modification_feature.type 
_pdbx_modification_feature.category 
1 MSE A 2   ? . . . . MSE A 1   ? 1_555 . . . . . . . MET 1 MSE Selenomethionine 'Named protein modification' 
2 MSE A 112 ? . . . . MSE A 111 ? 1_555 . . . . . . . MET 1 MSE Selenomethionine 'Named protein modification' 
3 MSE A 141 ? . . . . MSE A 140 ? 1_555 . . . . . . . MET 1 MSE Selenomethionine 'Named protein modification' 
# 
loop_
_struct_sheet.id 
_struct_sheet.type 
_struct_sheet.number_strands 
_struct_sheet.details 
A ? 6 ? 
B ? 6 ? 
# 
loop_
_struct_sheet_order.sheet_id 
_struct_sheet_order.range_id_1 
_struct_sheet_order.range_id_2 
_struct_sheet_order.offset 
_struct_sheet_order.sense 
A 1 2 ? anti-parallel 
A 2 3 ? anti-parallel 
A 3 4 ? anti-parallel 
A 4 5 ? anti-parallel 
A 5 6 ? anti-parallel 
B 1 2 ? anti-parallel 
B 2 3 ? anti-parallel 
B 3 4 ? anti-parallel 
B 4 5 ? parallel      
B 5 6 ? anti-parallel 
# 
loop_
_struct_sheet_range.sheet_id 
_struct_sheet_range.id 
_struct_sheet_range.beg_label_comp_id 
_struct_sheet_range.beg_label_asym_id 
_struct_sheet_range.beg_label_seq_id 
_struct_sheet_range.pdbx_beg_PDB_ins_code 
_struct_sheet_range.end_label_comp_id 
_struct_sheet_range.end_label_asym_id 
_struct_sheet_range.end_label_seq_id 
_struct_sheet_range.pdbx_end_PDB_ins_code 
_struct_sheet_range.beg_auth_comp_id 
_struct_sheet_range.beg_auth_asym_id 
_struct_sheet_range.beg_auth_seq_id 
_struct_sheet_range.end_auth_comp_id 
_struct_sheet_range.end_auth_asym_id 
_struct_sheet_range.end_auth_seq_id 
A 1 MSE A 2   ? ALA A 5   ? MSE A 1   ALA A 4   
A 2 GLY A 9   ? ALA A 17  ? GLY A 8   ALA A 16  
A 3 LEU A 45  ? ARG A 51  ? LEU A 44  ARG A 50  
A 4 GLU A 56  ? VAL A 62  ? GLU A 55  VAL A 61  
A 5 VAL A 65  ? GLU A 70  ? VAL A 64  GLU A 69  
A 6 ILE A 76  ? PRO A 78  ? ILE A 75  PRO A 77  
B 1 LEU A 111 ? MSE A 112 ? LEU A 110 MSE A 111 
B 2 ARG A 163 ? ARG A 170 ? ARG A 162 ARG A 169 
B 3 THR A 138 ? ALA A 145 ? THR A 137 ALA A 144 
B 4 VAL A 128 ? TYR A 133 ? VAL A 127 TYR A 132 
B 5 GLY A 93  ? VAL A 97  ? GLY A 92  VAL A 96  
B 6 VAL A 116 ? GLY A 121 ? VAL A 115 GLY A 120 
# 
loop_
_pdbx_struct_sheet_hbond.sheet_id 
_pdbx_struct_sheet_hbond.range_id_1 
_pdbx_struct_sheet_hbond.range_id_2 
_pdbx_struct_sheet_hbond.range_1_label_atom_id 
_pdbx_struct_sheet_hbond.range_1_label_comp_id 
_pdbx_struct_sheet_hbond.range_1_label_asym_id 
_pdbx_struct_sheet_hbond.range_1_label_seq_id 
_pdbx_struct_sheet_hbond.range_1_PDB_ins_code 
_pdbx_struct_sheet_hbond.range_1_auth_atom_id 
_pdbx_struct_sheet_hbond.range_1_auth_comp_id 
_pdbx_struct_sheet_hbond.range_1_auth_asym_id 
_pdbx_struct_sheet_hbond.range_1_auth_seq_id 
_pdbx_struct_sheet_hbond.range_2_label_atom_id 
_pdbx_struct_sheet_hbond.range_2_label_comp_id 
_pdbx_struct_sheet_hbond.range_2_label_asym_id 
_pdbx_struct_sheet_hbond.range_2_label_seq_id 
_pdbx_struct_sheet_hbond.range_2_PDB_ins_code 
_pdbx_struct_sheet_hbond.range_2_auth_atom_id 
_pdbx_struct_sheet_hbond.range_2_auth_comp_id 
_pdbx_struct_sheet_hbond.range_2_auth_asym_id 
_pdbx_struct_sheet_hbond.range_2_auth_seq_id 
A 1 2 N LEU A 3   ? N LEU A 2   O ALA A 11  ? O ALA A 10  
A 2 3 N GLU A 14  ? N GLU A 13  O LYS A 49  ? O LYS A 48  
A 3 4 N ARG A 46  ? N ARG A 45  O THR A 61  ? O THR A 60  
A 4 5 N ILE A 60  ? N ILE A 59  O LEU A 68  ? O LEU A 67  
A 5 6 N PHE A 69  ? N PHE A 68  O TYR A 77  ? O TYR A 76  
B 1 2 N LEU A 111 ? N LEU A 110 O ALA A 164 ? O ALA A 163 
B 2 3 O HIS A 169 ? O HIS A 168 N VAL A 142 ? N VAL A 141 
B 3 4 O VAL A 140 ? O VAL A 139 N ALA A 131 ? N ALA A 130 
B 4 5 O LEU A 132 ? O LEU A 131 N VAL A 97  ? N VAL A 96  
B 5 6 N LEU A 96  ? N LEU A 95  O VAL A 117 ? O VAL A 116 
# 
_struct_site.id                   AC1 
_struct_site.pdbx_evidence_code   Software 
_struct_site.pdbx_auth_asym_id    A 
_struct_site.pdbx_auth_comp_id    TLA 
_struct_site.pdbx_auth_seq_id     2001 
_struct_site.pdbx_auth_ins_code   ? 
_struct_site.pdbx_num_residues    9 
_struct_site.details              'BINDING SITE FOR RESIDUE TLA A 2001' 
# 
loop_
_struct_site_gen.id 
_struct_site_gen.site_id 
_struct_site_gen.pdbx_num_res 
_struct_site_gen.label_comp_id 
_struct_site_gen.label_asym_id 
_struct_site_gen.label_seq_id 
_struct_site_gen.pdbx_auth_ins_code 
_struct_site_gen.auth_comp_id 
_struct_site_gen.auth_asym_id 
_struct_site_gen.auth_seq_id 
_struct_site_gen.label_atom_id 
_struct_site_gen.label_alt_id 
_struct_site_gen.symmetry 
_struct_site_gen.details 
1 AC1 9 ASP A 98  ? ASP A 97   . ? 1_555 ? 
2 AC1 9 PRO A 114 ? PRO A 113  . ? 1_555 ? 
3 AC1 9 VAL A 117 ? VAL A 116  . ? 1_555 ? 
4 AC1 9 LYS A 159 ? LYS A 158  . ? 1_555 ? 
5 AC1 9 HOH C .   ? HOH A 2030 . ? 1_555 ? 
6 AC1 9 HOH C .   ? HOH A 2039 . ? 1_555 ? 
7 AC1 9 HOH C .   ? HOH A 2065 . ? 1_555 ? 
8 AC1 9 HOH C .   ? HOH A 2157 . ? 1_555 ? 
9 AC1 9 HOH C .   ? HOH A 2176 . ? 1_555 ? 
# 
_pdbx_entry_details.entry_id                   2CX1 
_pdbx_entry_details.compound_details           ? 
_pdbx_entry_details.source_details             ? 
_pdbx_entry_details.nonpolymer_details         ? 
_pdbx_entry_details.sequence_details           ? 
_pdbx_entry_details.has_ligand_of_interest     ? 
_pdbx_entry_details.has_protein_modification   Y 
# 
_pdbx_validate_symm_contact.id                1 
_pdbx_validate_symm_contact.PDB_model_num     1 
_pdbx_validate_symm_contact.auth_atom_id_1    O 
_pdbx_validate_symm_contact.auth_asym_id_1    A 
_pdbx_validate_symm_contact.auth_comp_id_1    HOH 
_pdbx_validate_symm_contact.auth_seq_id_1     2158 
_pdbx_validate_symm_contact.PDB_ins_code_1    ? 
_pdbx_validate_symm_contact.label_alt_id_1    ? 
_pdbx_validate_symm_contact.site_symmetry_1   1_555 
_pdbx_validate_symm_contact.auth_atom_id_2    O 
_pdbx_validate_symm_contact.auth_asym_id_2    A 
_pdbx_validate_symm_contact.auth_comp_id_2    HOH 
_pdbx_validate_symm_contact.auth_seq_id_2     2176 
_pdbx_validate_symm_contact.PDB_ins_code_2    ? 
_pdbx_validate_symm_contact.label_alt_id_2    ? 
_pdbx_validate_symm_contact.site_symmetry_2   2_757 
_pdbx_validate_symm_contact.dist              2.19 
# 
_pdbx_validate_torsion.id              1 
_pdbx_validate_torsion.PDB_model_num   1 
_pdbx_validate_torsion.auth_comp_id    LEU 
_pdbx_validate_torsion.auth_asym_id    A 
_pdbx_validate_torsion.auth_seq_id     6 
_pdbx_validate_torsion.PDB_ins_code    ? 
_pdbx_validate_torsion.label_alt_id    ? 
_pdbx_validate_torsion.phi             69.50 
_pdbx_validate_torsion.psi             -51.96 
# 
_pdbx_SG_project.id                    1 
_pdbx_SG_project.project_name          'NPPSFA, National Project on Protein Structural and Functional Analyses' 
_pdbx_SG_project.full_name_of_center   'RIKEN Structural Genomics/Proteomics Initiative' 
_pdbx_SG_project.initial_of_center     RSGI 
# 
loop_
_pdbx_struct_mod_residue.id 
_pdbx_struct_mod_residue.label_asym_id 
_pdbx_struct_mod_residue.label_comp_id 
_pdbx_struct_mod_residue.label_seq_id 
_pdbx_struct_mod_residue.auth_asym_id 
_pdbx_struct_mod_residue.auth_comp_id 
_pdbx_struct_mod_residue.auth_seq_id 
_pdbx_struct_mod_residue.PDB_ins_code 
_pdbx_struct_mod_residue.parent_comp_id 
_pdbx_struct_mod_residue.details 
1 A MSE 2   A MSE 1   ? MET SELENOMETHIONINE 
2 A MSE 112 A MSE 111 ? MET SELENOMETHIONINE 
3 A MSE 141 A MSE 140 ? MET SELENOMETHIONINE 
# 
loop_
_pdbx_unobs_or_zero_occ_residues.id 
_pdbx_unobs_or_zero_occ_residues.PDB_model_num 
_pdbx_unobs_or_zero_occ_residues.polymer_flag 
_pdbx_unobs_or_zero_occ_residues.occupancy_flag 
_pdbx_unobs_or_zero_occ_residues.auth_asym_id 
_pdbx_unobs_or_zero_occ_residues.auth_comp_id 
_pdbx_unobs_or_zero_occ_residues.auth_seq_id 
_pdbx_unobs_or_zero_occ_residues.PDB_ins_code 
_pdbx_unobs_or_zero_occ_residues.label_asym_id 
_pdbx_unobs_or_zero_occ_residues.label_comp_id 
_pdbx_unobs_or_zero_occ_residues.label_seq_id 
1 1 Y 1 A ARG 184 ? A ARG 185 
2 1 Y 1 A LEU 185 ? A LEU 186 
3 1 Y 1 A SER 186 ? A SER 187 
# 
loop_
_chem_comp_atom.comp_id 
_chem_comp_atom.atom_id 
_chem_comp_atom.type_symbol 
_chem_comp_atom.pdbx_aromatic_flag 
_chem_comp_atom.pdbx_stereo_config 
_chem_comp_atom.pdbx_ordinal 
ALA N    N  N N 1   
ALA CA   C  N S 2   
ALA C    C  N N 3   
ALA O    O  N N 4   
ALA CB   C  N N 5   
ALA OXT  O  N N 6   
ALA H    H  N N 7   
ALA H2   H  N N 8   
ALA HA   H  N N 9   
ALA HB1  H  N N 10  
ALA HB2  H  N N 11  
ALA HB3  H  N N 12  
ALA HXT  H  N N 13  
ARG N    N  N N 14  
ARG CA   C  N S 15  
ARG C    C  N N 16  
ARG O    O  N N 17  
ARG CB   C  N N 18  
ARG CG   C  N N 19  
ARG CD   C  N N 20  
ARG NE   N  N N 21  
ARG CZ   C  N N 22  
ARG NH1  N  N N 23  
ARG NH2  N  N N 24  
ARG OXT  O  N N 25  
ARG H    H  N N 26  
ARG H2   H  N N 27  
ARG HA   H  N N 28  
ARG HB2  H  N N 29  
ARG HB3  H  N N 30  
ARG HG2  H  N N 31  
ARG HG3  H  N N 32  
ARG HD2  H  N N 33  
ARG HD3  H  N N 34  
ARG HE   H  N N 35  
ARG HH11 H  N N 36  
ARG HH12 H  N N 37  
ARG HH21 H  N N 38  
ARG HH22 H  N N 39  
ARG HXT  H  N N 40  
ASP N    N  N N 41  
ASP CA   C  N S 42  
ASP C    C  N N 43  
ASP O    O  N N 44  
ASP CB   C  N N 45  
ASP CG   C  N N 46  
ASP OD1  O  N N 47  
ASP OD2  O  N N 48  
ASP OXT  O  N N 49  
ASP H    H  N N 50  
ASP H2   H  N N 51  
ASP HA   H  N N 52  
ASP HB2  H  N N 53  
ASP HB3  H  N N 54  
ASP HD2  H  N N 55  
ASP HXT  H  N N 56  
CYS N    N  N N 57  
CYS CA   C  N R 58  
CYS C    C  N N 59  
CYS O    O  N N 60  
CYS CB   C  N N 61  
CYS SG   S  N N 62  
CYS OXT  O  N N 63  
CYS H    H  N N 64  
CYS H2   H  N N 65  
CYS HA   H  N N 66  
CYS HB2  H  N N 67  
CYS HB3  H  N N 68  
CYS HG   H  N N 69  
CYS HXT  H  N N 70  
GLN N    N  N N 71  
GLN CA   C  N S 72  
GLN C    C  N N 73  
GLN O    O  N N 74  
GLN CB   C  N N 75  
GLN CG   C  N N 76  
GLN CD   C  N N 77  
GLN OE1  O  N N 78  
GLN NE2  N  N N 79  
GLN OXT  O  N N 80  
GLN H    H  N N 81  
GLN H2   H  N N 82  
GLN HA   H  N N 83  
GLN HB2  H  N N 84  
GLN HB3  H  N N 85  
GLN HG2  H  N N 86  
GLN HG3  H  N N 87  
GLN HE21 H  N N 88  
GLN HE22 H  N N 89  
GLN HXT  H  N N 90  
GLU N    N  N N 91  
GLU CA   C  N S 92  
GLU C    C  N N 93  
GLU O    O  N N 94  
GLU CB   C  N N 95  
GLU CG   C  N N 96  
GLU CD   C  N N 97  
GLU OE1  O  N N 98  
GLU OE2  O  N N 99  
GLU OXT  O  N N 100 
GLU H    H  N N 101 
GLU H2   H  N N 102 
GLU HA   H  N N 103 
GLU HB2  H  N N 104 
GLU HB3  H  N N 105 
GLU HG2  H  N N 106 
GLU HG3  H  N N 107 
GLU HE2  H  N N 108 
GLU HXT  H  N N 109 
GLY N    N  N N 110 
GLY CA   C  N N 111 
GLY C    C  N N 112 
GLY O    O  N N 113 
GLY OXT  O  N N 114 
GLY H    H  N N 115 
GLY H2   H  N N 116 
GLY HA2  H  N N 117 
GLY HA3  H  N N 118 
GLY HXT  H  N N 119 
HIS N    N  N N 120 
HIS CA   C  N S 121 
HIS C    C  N N 122 
HIS O    O  N N 123 
HIS CB   C  N N 124 
HIS CG   C  Y N 125 
HIS ND1  N  Y N 126 
HIS CD2  C  Y N 127 
HIS CE1  C  Y N 128 
HIS NE2  N  Y N 129 
HIS OXT  O  N N 130 
HIS H    H  N N 131 
HIS H2   H  N N 132 
HIS HA   H  N N 133 
HIS HB2  H  N N 134 
HIS HB3  H  N N 135 
HIS HD1  H  N N 136 
HIS HD2  H  N N 137 
HIS HE1  H  N N 138 
HIS HE2  H  N N 139 
HIS HXT  H  N N 140 
HOH O    O  N N 141 
HOH H1   H  N N 142 
HOH H2   H  N N 143 
ILE N    N  N N 144 
ILE CA   C  N S 145 
ILE C    C  N N 146 
ILE O    O  N N 147 
ILE CB   C  N S 148 
ILE CG1  C  N N 149 
ILE CG2  C  N N 150 
ILE CD1  C  N N 151 
ILE OXT  O  N N 152 
ILE H    H  N N 153 
ILE H2   H  N N 154 
ILE HA   H  N N 155 
ILE HB   H  N N 156 
ILE HG12 H  N N 157 
ILE HG13 H  N N 158 
ILE HG21 H  N N 159 
ILE HG22 H  N N 160 
ILE HG23 H  N N 161 
ILE HD11 H  N N 162 
ILE HD12 H  N N 163 
ILE HD13 H  N N 164 
ILE HXT  H  N N 165 
LEU N    N  N N 166 
LEU CA   C  N S 167 
LEU C    C  N N 168 
LEU O    O  N N 169 
LEU CB   C  N N 170 
LEU CG   C  N N 171 
LEU CD1  C  N N 172 
LEU CD2  C  N N 173 
LEU OXT  O  N N 174 
LEU H    H  N N 175 
LEU H2   H  N N 176 
LEU HA   H  N N 177 
LEU HB2  H  N N 178 
LEU HB3  H  N N 179 
LEU HG   H  N N 180 
LEU HD11 H  N N 181 
LEU HD12 H  N N 182 
LEU HD13 H  N N 183 
LEU HD21 H  N N 184 
LEU HD22 H  N N 185 
LEU HD23 H  N N 186 
LEU HXT  H  N N 187 
LYS N    N  N N 188 
LYS CA   C  N S 189 
LYS C    C  N N 190 
LYS O    O  N N 191 
LYS CB   C  N N 192 
LYS CG   C  N N 193 
LYS CD   C  N N 194 
LYS CE   C  N N 195 
LYS NZ   N  N N 196 
LYS OXT  O  N N 197 
LYS H    H  N N 198 
LYS H2   H  N N 199 
LYS HA   H  N N 200 
LYS HB2  H  N N 201 
LYS HB3  H  N N 202 
LYS HG2  H  N N 203 
LYS HG3  H  N N 204 
LYS HD2  H  N N 205 
LYS HD3  H  N N 206 
LYS HE2  H  N N 207 
LYS HE3  H  N N 208 
LYS HZ1  H  N N 209 
LYS HZ2  H  N N 210 
LYS HZ3  H  N N 211 
LYS HXT  H  N N 212 
MET N    N  N N 213 
MET CA   C  N S 214 
MET C    C  N N 215 
MET O    O  N N 216 
MET CB   C  N N 217 
MET CG   C  N N 218 
MET SD   S  N N 219 
MET CE   C  N N 220 
MET OXT  O  N N 221 
MET H    H  N N 222 
MET H2   H  N N 223 
MET HA   H  N N 224 
MET HB2  H  N N 225 
MET HB3  H  N N 226 
MET HG2  H  N N 227 
MET HG3  H  N N 228 
MET HE1  H  N N 229 
MET HE2  H  N N 230 
MET HE3  H  N N 231 
MET HXT  H  N N 232 
MSE N    N  N N 233 
MSE CA   C  N S 234 
MSE C    C  N N 235 
MSE O    O  N N 236 
MSE OXT  O  N N 237 
MSE CB   C  N N 238 
MSE CG   C  N N 239 
MSE SE   SE N N 240 
MSE CE   C  N N 241 
MSE H    H  N N 242 
MSE H2   H  N N 243 
MSE HA   H  N N 244 
MSE HXT  H  N N 245 
MSE HB2  H  N N 246 
MSE HB3  H  N N 247 
MSE HG2  H  N N 248 
MSE HG3  H  N N 249 
MSE HE1  H  N N 250 
MSE HE2  H  N N 251 
MSE HE3  H  N N 252 
PHE N    N  N N 253 
PHE CA   C  N S 254 
PHE C    C  N N 255 
PHE O    O  N N 256 
PHE CB   C  N N 257 
PHE CG   C  Y N 258 
PHE CD1  C  Y N 259 
PHE CD2  C  Y N 260 
PHE CE1  C  Y N 261 
PHE CE2  C  Y N 262 
PHE CZ   C  Y N 263 
PHE OXT  O  N N 264 
PHE H    H  N N 265 
PHE H2   H  N N 266 
PHE HA   H  N N 267 
PHE HB2  H  N N 268 
PHE HB3  H  N N 269 
PHE HD1  H  N N 270 
PHE HD2  H  N N 271 
PHE HE1  H  N N 272 
PHE HE2  H  N N 273 
PHE HZ   H  N N 274 
PHE HXT  H  N N 275 
PRO N    N  N N 276 
PRO CA   C  N S 277 
PRO C    C  N N 278 
PRO O    O  N N 279 
PRO CB   C  N N 280 
PRO CG   C  N N 281 
PRO CD   C  N N 282 
PRO OXT  O  N N 283 
PRO H    H  N N 284 
PRO HA   H  N N 285 
PRO HB2  H  N N 286 
PRO HB3  H  N N 287 
PRO HG2  H  N N 288 
PRO HG3  H  N N 289 
PRO HD2  H  N N 290 
PRO HD3  H  N N 291 
PRO HXT  H  N N 292 
SER N    N  N N 293 
SER CA   C  N S 294 
SER C    C  N N 295 
SER O    O  N N 296 
SER CB   C  N N 297 
SER OG   O  N N 298 
SER OXT  O  N N 299 
SER H    H  N N 300 
SER H2   H  N N 301 
SER HA   H  N N 302 
SER HB2  H  N N 303 
SER HB3  H  N N 304 
SER HG   H  N N 305 
SER HXT  H  N N 306 
THR N    N  N N 307 
THR CA   C  N S 308 
THR C    C  N N 309 
THR O    O  N N 310 
THR CB   C  N R 311 
THR OG1  O  N N 312 
THR CG2  C  N N 313 
THR OXT  O  N N 314 
THR H    H  N N 315 
THR H2   H  N N 316 
THR HA   H  N N 317 
THR HB   H  N N 318 
THR HG1  H  N N 319 
THR HG21 H  N N 320 
THR HG22 H  N N 321 
THR HG23 H  N N 322 
THR HXT  H  N N 323 
TLA O1   O  N N 324 
TLA O11  O  N N 325 
TLA C1   C  N N 326 
TLA C2   C  N R 327 
TLA O2   O  N N 328 
TLA C3   C  N R 329 
TLA O3   O  N N 330 
TLA C4   C  N N 331 
TLA O4   O  N N 332 
TLA O41  O  N N 333 
TLA H11  H  N N 334 
TLA H2   H  N N 335 
TLA HA   H  N N 336 
TLA H3   H  N N 337 
TLA HB   H  N N 338 
TLA H41  H  N N 339 
TRP N    N  N N 340 
TRP CA   C  N S 341 
TRP C    C  N N 342 
TRP O    O  N N 343 
TRP CB   C  N N 344 
TRP CG   C  Y N 345 
TRP CD1  C  Y N 346 
TRP CD2  C  Y N 347 
TRP NE1  N  Y N 348 
TRP CE2  C  Y N 349 
TRP CE3  C  Y N 350 
TRP CZ2  C  Y N 351 
TRP CZ3  C  Y N 352 
TRP CH2  C  Y N 353 
TRP OXT  O  N N 354 
TRP H    H  N N 355 
TRP H2   H  N N 356 
TRP HA   H  N N 357 
TRP HB2  H  N N 358 
TRP HB3  H  N N 359 
TRP HD1  H  N N 360 
TRP HE1  H  N N 361 
TRP HE3  H  N N 362 
TRP HZ2  H  N N 363 
TRP HZ3  H  N N 364 
TRP HH2  H  N N 365 
TRP HXT  H  N N 366 
TYR N    N  N N 367 
TYR CA   C  N S 368 
TYR C    C  N N 369 
TYR O    O  N N 370 
TYR CB   C  N N 371 
TYR CG   C  Y N 372 
TYR CD1  C  Y N 373 
TYR CD2  C  Y N 374 
TYR CE1  C  Y N 375 
TYR CE2  C  Y N 376 
TYR CZ   C  Y N 377 
TYR OH   O  N N 378 
TYR OXT  O  N N 379 
TYR H    H  N N 380 
TYR H2   H  N N 381 
TYR HA   H  N N 382 
TYR HB2  H  N N 383 
TYR HB3  H  N N 384 
TYR HD1  H  N N 385 
TYR HD2  H  N N 386 
TYR HE1  H  N N 387 
TYR HE2  H  N N 388 
TYR HH   H  N N 389 
TYR HXT  H  N N 390 
VAL N    N  N N 391 
VAL CA   C  N S 392 
VAL C    C  N N 393 
VAL O    O  N N 394 
VAL CB   C  N N 395 
VAL CG1  C  N N 396 
VAL CG2  C  N N 397 
VAL OXT  O  N N 398 
VAL H    H  N N 399 
VAL H2   H  N N 400 
VAL HA   H  N N 401 
VAL HB   H  N N 402 
VAL HG11 H  N N 403 
VAL HG12 H  N N 404 
VAL HG13 H  N N 405 
VAL HG21 H  N N 406 
VAL HG22 H  N N 407 
VAL HG23 H  N N 408 
VAL HXT  H  N N 409 
# 
loop_
_chem_comp_bond.comp_id 
_chem_comp_bond.atom_id_1 
_chem_comp_bond.atom_id_2 
_chem_comp_bond.value_order 
_chem_comp_bond.pdbx_aromatic_flag 
_chem_comp_bond.pdbx_stereo_config 
_chem_comp_bond.pdbx_ordinal 
ALA N   CA   sing N N 1   
ALA N   H    sing N N 2   
ALA N   H2   sing N N 3   
ALA CA  C    sing N N 4   
ALA CA  CB   sing N N 5   
ALA CA  HA   sing N N 6   
ALA C   O    doub N N 7   
ALA C   OXT  sing N N 8   
ALA CB  HB1  sing N N 9   
ALA CB  HB2  sing N N 10  
ALA CB  HB3  sing N N 11  
ALA OXT HXT  sing N N 12  
ARG N   CA   sing N N 13  
ARG N   H    sing N N 14  
ARG N   H2   sing N N 15  
ARG CA  C    sing N N 16  
ARG CA  CB   sing N N 17  
ARG CA  HA   sing N N 18  
ARG C   O    doub N N 19  
ARG C   OXT  sing N N 20  
ARG CB  CG   sing N N 21  
ARG CB  HB2  sing N N 22  
ARG CB  HB3  sing N N 23  
ARG CG  CD   sing N N 24  
ARG CG  HG2  sing N N 25  
ARG CG  HG3  sing N N 26  
ARG CD  NE   sing N N 27  
ARG CD  HD2  sing N N 28  
ARG CD  HD3  sing N N 29  
ARG NE  CZ   sing N N 30  
ARG NE  HE   sing N N 31  
ARG CZ  NH1  sing N N 32  
ARG CZ  NH2  doub N N 33  
ARG NH1 HH11 sing N N 34  
ARG NH1 HH12 sing N N 35  
ARG NH2 HH21 sing N N 36  
ARG NH2 HH22 sing N N 37  
ARG OXT HXT  sing N N 38  
ASP N   CA   sing N N 39  
ASP N   H    sing N N 40  
ASP N   H2   sing N N 41  
ASP CA  C    sing N N 42  
ASP CA  CB   sing N N 43  
ASP CA  HA   sing N N 44  
ASP C   O    doub N N 45  
ASP C   OXT  sing N N 46  
ASP CB  CG   sing N N 47  
ASP CB  HB2  sing N N 48  
ASP CB  HB3  sing N N 49  
ASP CG  OD1  doub N N 50  
ASP CG  OD2  sing N N 51  
ASP OD2 HD2  sing N N 52  
ASP OXT HXT  sing N N 53  
CYS N   CA   sing N N 54  
CYS N   H    sing N N 55  
CYS N   H2   sing N N 56  
CYS CA  C    sing N N 57  
CYS CA  CB   sing N N 58  
CYS CA  HA   sing N N 59  
CYS C   O    doub N N 60  
CYS C   OXT  sing N N 61  
CYS CB  SG   sing N N 62  
CYS CB  HB2  sing N N 63  
CYS CB  HB3  sing N N 64  
CYS SG  HG   sing N N 65  
CYS OXT HXT  sing N N 66  
GLN N   CA   sing N N 67  
GLN N   H    sing N N 68  
GLN N   H2   sing N N 69  
GLN CA  C    sing N N 70  
GLN CA  CB   sing N N 71  
GLN CA  HA   sing N N 72  
GLN C   O    doub N N 73  
GLN C   OXT  sing N N 74  
GLN CB  CG   sing N N 75  
GLN CB  HB2  sing N N 76  
GLN CB  HB3  sing N N 77  
GLN CG  CD   sing N N 78  
GLN CG  HG2  sing N N 79  
GLN CG  HG3  sing N N 80  
GLN CD  OE1  doub N N 81  
GLN CD  NE2  sing N N 82  
GLN NE2 HE21 sing N N 83  
GLN NE2 HE22 sing N N 84  
GLN OXT HXT  sing N N 85  
GLU N   CA   sing N N 86  
GLU N   H    sing N N 87  
GLU N   H2   sing N N 88  
GLU CA  C    sing N N 89  
GLU CA  CB   sing N N 90  
GLU CA  HA   sing N N 91  
GLU C   O    doub N N 92  
GLU C   OXT  sing N N 93  
GLU CB  CG   sing N N 94  
GLU CB  HB2  sing N N 95  
GLU CB  HB3  sing N N 96  
GLU CG  CD   sing N N 97  
GLU CG  HG2  sing N N 98  
GLU CG  HG3  sing N N 99  
GLU CD  OE1  doub N N 100 
GLU CD  OE2  sing N N 101 
GLU OE2 HE2  sing N N 102 
GLU OXT HXT  sing N N 103 
GLY N   CA   sing N N 104 
GLY N   H    sing N N 105 
GLY N   H2   sing N N 106 
GLY CA  C    sing N N 107 
GLY CA  HA2  sing N N 108 
GLY CA  HA3  sing N N 109 
GLY C   O    doub N N 110 
GLY C   OXT  sing N N 111 
GLY OXT HXT  sing N N 112 
HIS N   CA   sing N N 113 
HIS N   H    sing N N 114 
HIS N   H2   sing N N 115 
HIS CA  C    sing N N 116 
HIS CA  CB   sing N N 117 
HIS CA  HA   sing N N 118 
HIS C   O    doub N N 119 
HIS C   OXT  sing N N 120 
HIS CB  CG   sing N N 121 
HIS CB  HB2  sing N N 122 
HIS CB  HB3  sing N N 123 
HIS CG  ND1  sing Y N 124 
HIS CG  CD2  doub Y N 125 
HIS ND1 CE1  doub Y N 126 
HIS ND1 HD1  sing N N 127 
HIS CD2 NE2  sing Y N 128 
HIS CD2 HD2  sing N N 129 
HIS CE1 NE2  sing Y N 130 
HIS CE1 HE1  sing N N 131 
HIS NE2 HE2  sing N N 132 
HIS OXT HXT  sing N N 133 
HOH O   H1   sing N N 134 
HOH O   H2   sing N N 135 
ILE N   CA   sing N N 136 
ILE N   H    sing N N 137 
ILE N   H2   sing N N 138 
ILE CA  C    sing N N 139 
ILE CA  CB   sing N N 140 
ILE CA  HA   sing N N 141 
ILE C   O    doub N N 142 
ILE C   OXT  sing N N 143 
ILE CB  CG1  sing N N 144 
ILE CB  CG2  sing N N 145 
ILE CB  HB   sing N N 146 
ILE CG1 CD1  sing N N 147 
ILE CG1 HG12 sing N N 148 
ILE CG1 HG13 sing N N 149 
ILE CG2 HG21 sing N N 150 
ILE CG2 HG22 sing N N 151 
ILE CG2 HG23 sing N N 152 
ILE CD1 HD11 sing N N 153 
ILE CD1 HD12 sing N N 154 
ILE CD1 HD13 sing N N 155 
ILE OXT HXT  sing N N 156 
LEU N   CA   sing N N 157 
LEU N   H    sing N N 158 
LEU N   H2   sing N N 159 
LEU CA  C    sing N N 160 
LEU CA  CB   sing N N 161 
LEU CA  HA   sing N N 162 
LEU C   O    doub N N 163 
LEU C   OXT  sing N N 164 
LEU CB  CG   sing N N 165 
LEU CB  HB2  sing N N 166 
LEU CB  HB3  sing N N 167 
LEU CG  CD1  sing N N 168 
LEU CG  CD2  sing N N 169 
LEU CG  HG   sing N N 170 
LEU CD1 HD11 sing N N 171 
LEU CD1 HD12 sing N N 172 
LEU CD1 HD13 sing N N 173 
LEU CD2 HD21 sing N N 174 
LEU CD2 HD22 sing N N 175 
LEU CD2 HD23 sing N N 176 
LEU OXT HXT  sing N N 177 
LYS N   CA   sing N N 178 
LYS N   H    sing N N 179 
LYS N   H2   sing N N 180 
LYS CA  C    sing N N 181 
LYS CA  CB   sing N N 182 
LYS CA  HA   sing N N 183 
LYS C   O    doub N N 184 
LYS C   OXT  sing N N 185 
LYS CB  CG   sing N N 186 
LYS CB  HB2  sing N N 187 
LYS CB  HB3  sing N N 188 
LYS CG  CD   sing N N 189 
LYS CG  HG2  sing N N 190 
LYS CG  HG3  sing N N 191 
LYS CD  CE   sing N N 192 
LYS CD  HD2  sing N N 193 
LYS CD  HD3  sing N N 194 
LYS CE  NZ   sing N N 195 
LYS CE  HE2  sing N N 196 
LYS CE  HE3  sing N N 197 
LYS NZ  HZ1  sing N N 198 
LYS NZ  HZ2  sing N N 199 
LYS NZ  HZ3  sing N N 200 
LYS OXT HXT  sing N N 201 
MET N   CA   sing N N 202 
MET N   H    sing N N 203 
MET N   H2   sing N N 204 
MET CA  C    sing N N 205 
MET CA  CB   sing N N 206 
MET CA  HA   sing N N 207 
MET C   O    doub N N 208 
MET C   OXT  sing N N 209 
MET CB  CG   sing N N 210 
MET CB  HB2  sing N N 211 
MET CB  HB3  sing N N 212 
MET CG  SD   sing N N 213 
MET CG  HG2  sing N N 214 
MET CG  HG3  sing N N 215 
MET SD  CE   sing N N 216 
MET CE  HE1  sing N N 217 
MET CE  HE2  sing N N 218 
MET CE  HE3  sing N N 219 
MET OXT HXT  sing N N 220 
MSE N   CA   sing N N 221 
MSE N   H    sing N N 222 
MSE N   H2   sing N N 223 
MSE CA  C    sing N N 224 
MSE CA  CB   sing N N 225 
MSE CA  HA   sing N N 226 
MSE C   O    doub N N 227 
MSE C   OXT  sing N N 228 
MSE OXT HXT  sing N N 229 
MSE CB  CG   sing N N 230 
MSE CB  HB2  sing N N 231 
MSE CB  HB3  sing N N 232 
MSE CG  SE   sing N N 233 
MSE CG  HG2  sing N N 234 
MSE CG  HG3  sing N N 235 
MSE SE  CE   sing N N 236 
MSE CE  HE1  sing N N 237 
MSE CE  HE2  sing N N 238 
MSE CE  HE3  sing N N 239 
PHE N   CA   sing N N 240 
PHE N   H    sing N N 241 
PHE N   H2   sing N N 242 
PHE CA  C    sing N N 243 
PHE CA  CB   sing N N 244 
PHE CA  HA   sing N N 245 
PHE C   O    doub N N 246 
PHE C   OXT  sing N N 247 
PHE CB  CG   sing N N 248 
PHE CB  HB2  sing N N 249 
PHE CB  HB3  sing N N 250 
PHE CG  CD1  doub Y N 251 
PHE CG  CD2  sing Y N 252 
PHE CD1 CE1  sing Y N 253 
PHE CD1 HD1  sing N N 254 
PHE CD2 CE2  doub Y N 255 
PHE CD2 HD2  sing N N 256 
PHE CE1 CZ   doub Y N 257 
PHE CE1 HE1  sing N N 258 
PHE CE2 CZ   sing Y N 259 
PHE CE2 HE2  sing N N 260 
PHE CZ  HZ   sing N N 261 
PHE OXT HXT  sing N N 262 
PRO N   CA   sing N N 263 
PRO N   CD   sing N N 264 
PRO N   H    sing N N 265 
PRO CA  C    sing N N 266 
PRO CA  CB   sing N N 267 
PRO CA  HA   sing N N 268 
PRO C   O    doub N N 269 
PRO C   OXT  sing N N 270 
PRO CB  CG   sing N N 271 
PRO CB  HB2  sing N N 272 
PRO CB  HB3  sing N N 273 
PRO CG  CD   sing N N 274 
PRO CG  HG2  sing N N 275 
PRO CG  HG3  sing N N 276 
PRO CD  HD2  sing N N 277 
PRO CD  HD3  sing N N 278 
PRO OXT HXT  sing N N 279 
SER N   CA   sing N N 280 
SER N   H    sing N N 281 
SER N   H2   sing N N 282 
SER CA  C    sing N N 283 
SER CA  CB   sing N N 284 
SER CA  HA   sing N N 285 
SER C   O    doub N N 286 
SER C   OXT  sing N N 287 
SER CB  OG   sing N N 288 
SER CB  HB2  sing N N 289 
SER CB  HB3  sing N N 290 
SER OG  HG   sing N N 291 
SER OXT HXT  sing N N 292 
THR N   CA   sing N N 293 
THR N   H    sing N N 294 
THR N   H2   sing N N 295 
THR CA  C    sing N N 296 
THR CA  CB   sing N N 297 
THR CA  HA   sing N N 298 
THR C   O    doub N N 299 
THR C   OXT  sing N N 300 
THR CB  OG1  sing N N 301 
THR CB  CG2  sing N N 302 
THR CB  HB   sing N N 303 
THR OG1 HG1  sing N N 304 
THR CG2 HG21 sing N N 305 
THR CG2 HG22 sing N N 306 
THR CG2 HG23 sing N N 307 
THR OXT HXT  sing N N 308 
TLA O1  C1   doub N N 309 
TLA O11 C1   sing N N 310 
TLA O11 H11  sing N N 311 
TLA C1  C2   sing N N 312 
TLA C2  O2   sing N N 313 
TLA C2  C3   sing N N 314 
TLA C2  H2   sing N N 315 
TLA O2  HA   sing N N 316 
TLA C3  O3   sing N N 317 
TLA C3  C4   sing N N 318 
TLA C3  H3   sing N N 319 
TLA O3  HB   sing N N 320 
TLA C4  O4   doub N N 321 
TLA C4  O41  sing N N 322 
TLA O41 H41  sing N N 323 
TRP N   CA   sing N N 324 
TRP N   H    sing N N 325 
TRP N   H2   sing N N 326 
TRP CA  C    sing N N 327 
TRP CA  CB   sing N N 328 
TRP CA  HA   sing N N 329 
TRP C   O    doub N N 330 
TRP C   OXT  sing N N 331 
TRP CB  CG   sing N N 332 
TRP CB  HB2  sing N N 333 
TRP CB  HB3  sing N N 334 
TRP CG  CD1  doub Y N 335 
TRP CG  CD2  sing Y N 336 
TRP CD1 NE1  sing Y N 337 
TRP CD1 HD1  sing N N 338 
TRP CD2 CE2  doub Y N 339 
TRP CD2 CE3  sing Y N 340 
TRP NE1 CE2  sing Y N 341 
TRP NE1 HE1  sing N N 342 
TRP CE2 CZ2  sing Y N 343 
TRP CE3 CZ3  doub Y N 344 
TRP CE3 HE3  sing N N 345 
TRP CZ2 CH2  doub Y N 346 
TRP CZ2 HZ2  sing N N 347 
TRP CZ3 CH2  sing Y N 348 
TRP CZ3 HZ3  sing N N 349 
TRP CH2 HH2  sing N N 350 
TRP OXT HXT  sing N N 351 
TYR N   CA   sing N N 352 
TYR N   H    sing N N 353 
TYR N   H2   sing N N 354 
TYR CA  C    sing N N 355 
TYR CA  CB   sing N N 356 
TYR CA  HA   sing N N 357 
TYR C   O    doub N N 358 
TYR C   OXT  sing N N 359 
TYR CB  CG   sing N N 360 
TYR CB  HB2  sing N N 361 
TYR CB  HB3  sing N N 362 
TYR CG  CD1  doub Y N 363 
TYR CG  CD2  sing Y N 364 
TYR CD1 CE1  sing Y N 365 
TYR CD1 HD1  sing N N 366 
TYR CD2 CE2  doub Y N 367 
TYR CD2 HD2  sing N N 368 
TYR CE1 CZ   doub Y N 369 
TYR CE1 HE1  sing N N 370 
TYR CE2 CZ   sing Y N 371 
TYR CE2 HE2  sing N N 372 
TYR CZ  OH   sing N N 373 
TYR OH  HH   sing N N 374 
TYR OXT HXT  sing N N 375 
VAL N   CA   sing N N 376 
VAL N   H    sing N N 377 
VAL N   H2   sing N N 378 
VAL CA  C    sing N N 379 
VAL CA  CB   sing N N 380 
VAL CA  HA   sing N N 381 
VAL C   O    doub N N 382 
VAL C   OXT  sing N N 383 
VAL CB  CG1  sing N N 384 
VAL CB  CG2  sing N N 385 
VAL CB  HB   sing N N 386 
VAL CG1 HG11 sing N N 387 
VAL CG1 HG12 sing N N 388 
VAL CG1 HG13 sing N N 389 
VAL CG2 HG21 sing N N 390 
VAL CG2 HG22 sing N N 391 
VAL CG2 HG23 sing N N 392 
VAL OXT HXT  sing N N 393 
# 
_atom_sites.entry_id                    2CX1 
_atom_sites.fract_transf_matrix[1][1]   -0.01859095 
_atom_sites.fract_transf_matrix[1][2]   0.01445155 
_atom_sites.fract_transf_matrix[1][3]   -0.01138777 
_atom_sites.fract_transf_matrix[2][1]   -0.01136966 
_atom_sites.fract_transf_matrix[2][2]   -0.00137076 
_atom_sites.fract_transf_matrix[2][3]   0.01682184 
_atom_sites.fract_transf_matrix[3][1]   0.00487054 
_atom_sites.fract_transf_matrix[3][2]   0.01795611 
_atom_sites.fract_transf_matrix[3][3]   0.00475512 
_atom_sites.fract_transf_vector[1]      0.743836 
_atom_sites.fract_transf_vector[2]      0.558665 
_atom_sites.fract_transf_vector[3]      0.787521 
# 
loop_
_atom_type.symbol 
C  
N  
O  
S  
SE 
# 
loop_
_atom_site.group_PDB 
_atom_site.id 
_atom_site.type_symbol 
_atom_site.label_atom_id 
_atom_site.label_alt_id 
_atom_site.label_comp_id 
_atom_site.label_asym_id 
_atom_site.label_entity_id 
_atom_site.label_seq_id 
_atom_site.pdbx_PDB_ins_code 
_atom_site.Cartn_x 
_atom_site.Cartn_y 
_atom_site.Cartn_z 
_atom_site.occupancy 
_atom_site.B_iso_or_equiv 
_atom_site.pdbx_formal_charge 
_atom_site.auth_seq_id 
_atom_site.auth_comp_id 
_atom_site.auth_asym_id 
_atom_site.auth_atom_id 
_atom_site.pdbx_PDB_model_num 
ATOM   1    N  N   . HIS A 1 1   ? 4.599   -7.619  22.736  1.00 41.00 ? 0    HIS A N   1 
ATOM   2    C  CA  . HIS A 1 1   ? 5.960   -7.012  22.765  1.00 38.58 ? 0    HIS A CA  1 
ATOM   3    C  C   . HIS A 1 1   ? 5.902   -5.462  22.842  1.00 34.38 ? 0    HIS A C   1 
ATOM   4    O  O   . HIS A 1 1   ? 4.864   -4.842  23.149  1.00 28.35 ? 0    HIS A O   1 
ATOM   5    C  CB  . HIS A 1 1   ? 6.727   -7.402  21.488  1.00 44.36 ? 0    HIS A CB  1 
ATOM   6    C  CG  . HIS A 1 1   ? 6.598   -8.844  21.100  1.00 49.90 ? 0    HIS A CG  1 
ATOM   7    N  ND1 . HIS A 1 1   ? 6.966   -9.879  21.935  1.00 52.65 ? 0    HIS A ND1 1 
ATOM   8    C  CD2 . HIS A 1 1   ? 6.175   -9.423  19.945  1.00 51.49 ? 0    HIS A CD2 1 
ATOM   9    C  CE1 . HIS A 1 1   ? 6.777   -11.035 21.312  1.00 53.32 ? 0    HIS A CE1 1 
ATOM   10   N  NE2 . HIS A 1 1   ? 6.298   -10.786 20.105  1.00 52.47 ? 0    HIS A NE2 1 
HETATM 11   N  N   . MSE A 1 2   ? 7.050   -4.845  22.580  1.00 29.91 ? 1    MSE A N   1 
HETATM 12   C  CA  . MSE A 1 2   ? 7.130   -3.386  22.537  1.00 26.65 ? 1    MSE A CA  1 
HETATM 13   C  C   . MSE A 1 2   ? 8.178   -3.072  21.483  1.00 24.23 ? 1    MSE A C   1 
HETATM 14   O  O   . MSE A 1 2   ? 9.040   -3.900  21.201  1.00 22.21 ? 1    MSE A O   1 
HETATM 15   C  CB  . MSE A 1 2   ? 7.509   -2.785  23.905  1.00 29.71 ? 1    MSE A CB  1 
HETATM 16   C  CG  . MSE A 1 2   ? 6.407   -2.813  25.000  1.00 29.37 ? 1    MSE A CG  1 
HETATM 17   SE SE  . MSE A 1 2   ? 6.792   -1.428  26.353  1.00 43.70 ? 1    MSE A SE  1 
HETATM 18   C  CE  . MSE A 1 2   ? 7.166   -0.033  25.148  1.00 46.17 ? 1    MSE A CE  1 
ATOM   19   N  N   . LEU A 1 3   ? 8.045   -1.922  20.834  1.00 20.41 ? 2    LEU A N   1 
ATOM   20   C  CA  . LEU A 1 3   ? 9.015   -1.503  19.856  1.00 16.58 ? 2    LEU A CA  1 
ATOM   21   C  C   . LEU A 1 3   ? 9.108   0.013   19.933  1.00 18.20 ? 2    LEU A C   1 
ATOM   22   O  O   . LEU A 1 3   ? 8.286   0.679   20.597  1.00 15.77 ? 2    LEU A O   1 
ATOM   23   C  CB  . LEU A 1 3   ? 8.635   -1.968  18.447  1.00 17.49 ? 2    LEU A CB  1 
ATOM   24   C  CG  . LEU A 1 3   ? 7.345   -1.513  17.761  1.00 25.78 ? 2    LEU A CG  1 
ATOM   25   C  CD1 . LEU A 1 3   ? 7.482   -0.023  17.367  1.00 23.79 ? 2    LEU A CD1 1 
ATOM   26   C  CD2 . LEU A 1 3   ? 7.034   -2.444  16.498  1.00 22.21 ? 2    LEU A CD2 1 
ATOM   27   N  N   . TRP A 1 4   ? 10.145  0.563   19.301  1.00 13.81 ? 3    TRP A N   1 
ATOM   28   C  CA  . TRP A 1 4   ? 10.294  2.012   19.305  1.00 13.10 ? 3    TRP A CA  1 
ATOM   29   C  C   . TRP A 1 4   ? 10.622  2.374   17.862  1.00 13.83 ? 3    TRP A C   1 
ATOM   30   O  O   . TRP A 1 4   ? 11.607  1.904   17.302  1.00 14.29 ? 3    TRP A O   1 
ATOM   31   C  CB  . TRP A 1 4   ? 11.411  2.434   20.228  1.00 14.60 ? 3    TRP A CB  1 
ATOM   32   C  CG  . TRP A 1 4   ? 11.303  3.877   20.636  1.00 14.07 ? 3    TRP A CG  1 
ATOM   33   C  CD1 . TRP A 1 4   ? 11.242  4.949   19.820  1.00 14.08 ? 3    TRP A CD1 1 
ATOM   34   C  CD2 . TRP A 1 4   ? 11.264  4.373   21.975  1.00 13.14 ? 3    TRP A CD2 1 
ATOM   35   N  NE1 . TRP A 1 4   ? 11.158  6.123   20.570  1.00 14.14 ? 3    TRP A NE1 1 
ATOM   36   C  CE2 . TRP A 1 4   ? 11.178  5.781   21.901  1.00 14.72 ? 3    TRP A CE2 1 
ATOM   37   C  CE3 . TRP A 1 4   ? 11.296  3.754   23.249  1.00 12.66 ? 3    TRP A CE3 1 
ATOM   38   C  CZ2 . TRP A 1 4   ? 11.121  6.588   23.045  1.00 14.15 ? 3    TRP A CZ2 1 
ATOM   39   C  CZ3 . TRP A 1 4   ? 11.232  4.541   24.388  1.00 15.60 ? 3    TRP A CZ3 1 
ATOM   40   C  CH2 . TRP A 1 4   ? 11.147  5.943   24.284  1.00 14.62 ? 3    TRP A CH2 1 
ATOM   41   N  N   . ALA A 1 5   ? 9.751   3.154   17.239  1.00 14.66 ? 4    ALA A N   1 
ATOM   42   C  CA  . ALA A 1 5   ? 9.978   3.517   15.848  1.00 14.58 ? 4    ALA A CA  1 
ATOM   43   C  C   . ALA A 1 5   ? 10.134  4.984   15.615  1.00 15.59 ? 4    ALA A C   1 
ATOM   44   O  O   . ALA A 1 5   ? 9.683   5.799   16.404  1.00 14.06 ? 4    ALA A O   1 
ATOM   45   C  CB  . ALA A 1 5   ? 8.808   3.009   14.996  1.00 13.93 ? 4    ALA A CB  1 
ATOM   46   N  N   . ARG A 1 6   ? 10.704  5.310   14.466  1.00 17.50 ? 5    ARG A N   1 
ATOM   47   C  CA  . ARG A 1 6   ? 10.829  6.707   14.085  1.00 18.61 ? 5    ARG A CA  1 
ATOM   48   C  C   . ARG A 1 6   ? 9.419   7.244   13.947  1.00 17.00 ? 5    ARG A C   1 
ATOM   49   O  O   . ARG A 1 6   ? 8.532   6.528   13.556  1.00 16.11 ? 5    ARG A O   1 
ATOM   50   C  CB  . ARG A 1 6   ? 11.566  6.850   12.736  1.00 21.02 ? 5    ARG A CB  1 
ATOM   51   C  CG  . ARG A 1 6   ? 11.796  8.312   12.288  1.00 25.64 ? 5    ARG A CG  1 
ATOM   52   C  CD  . ARG A 1 6   ? 12.551  8.452   10.942  1.00 30.08 ? 5    ARG A CD  1 
ATOM   53   N  NE  . ARG A 1 6   ? 13.864  7.812   10.961  1.00 35.89 ? 5    ARG A NE  1 
ATOM   54   C  CZ  . ARG A 1 6   ? 14.948  8.291   11.580  1.00 40.90 ? 5    ARG A CZ  1 
ATOM   55   N  NH1 . ARG A 1 6   ? 14.912  9.439   12.270  1.00 41.01 ? 5    ARG A NH1 1 
ATOM   56   N  NH2 . ARG A 1 6   ? 16.101  7.639   11.469  1.00 42.36 ? 5    ARG A NH2 1 
ATOM   57   N  N   . LEU A 1 7   ? 9.230   8.526   14.262  1.00 17.31 ? 6    LEU A N   1 
ATOM   58   C  CA  . LEU A 1 7   ? 7.939   9.221   14.168  1.00 17.77 ? 6    LEU A CA  1 
ATOM   59   C  C   . LEU A 1 7   ? 6.865   8.828   15.146  1.00 19.18 ? 6    LEU A C   1 
ATOM   60   O  O   . LEU A 1 7   ? 6.269   9.698   15.797  1.00 19.67 ? 6    LEU A O   1 
ATOM   61   C  CB  . LEU A 1 7   ? 7.302   9.100   12.782  1.00 19.38 ? 6    LEU A CB  1 
ATOM   62   C  CG  . LEU A 1 7   ? 8.021   9.645   11.568  1.00 18.21 ? 6    LEU A CG  1 
ATOM   63   C  CD1 . LEU A 1 7   ? 6.999   9.748   10.396  1.00 22.35 ? 6    LEU A CD1 1 
ATOM   64   C  CD2 . LEU A 1 7   ? 8.614   11.034  11.916  1.00 23.80 ? 6    LEU A CD2 1 
ATOM   65   N  N   . VAL A 1 8   ? 6.578   7.532   15.245  1.00 16.46 ? 7    VAL A N   1 
ATOM   66   C  CA  . VAL A 1 8   ? 5.496   7.116   16.130  1.00 16.22 ? 7    VAL A CA  1 
ATOM   67   C  C   . VAL A 1 8   ? 6.006   6.914   17.559  1.00 13.71 ? 7    VAL A C   1 
ATOM   68   O  O   . VAL A 1 8   ? 5.228   6.927   18.533  1.00 12.39 ? 7    VAL A O   1 
ATOM   69   C  CB  . VAL A 1 8   ? 4.831   5.790   15.601  1.00 18.41 ? 7    VAL A CB  1 
ATOM   70   C  CG1 . VAL A 1 8   ? 4.411   5.975   14.169  1.00 17.65 ? 7    VAL A CG1 1 
ATOM   71   C  CG2 . VAL A 1 8   ? 5.793   4.636   15.672  1.00 23.95 ? 7    VAL A CG2 1 
ATOM   72   N  N   . GLY A 1 9   ? 7.303   6.687   17.689  1.00 14.64 ? 8    GLY A N   1 
ATOM   73   C  CA  . GLY A 1 9   ? 7.879   6.470   19.027  1.00 13.14 ? 8    GLY A CA  1 
ATOM   74   C  C   . GLY A 1 9   ? 7.619   5.091   19.603  1.00 13.33 ? 8    GLY A C   1 
ATOM   75   O  O   . GLY A 1 9   ? 7.560   4.066   18.882  1.00 13.73 ? 8    GLY A O   1 
ATOM   76   N  N   . LEU A 1 10  ? 7.481   5.044   20.936  1.00 12.38 ? 9    LEU A N   1 
ATOM   77   C  CA  . LEU A 1 10  ? 7.259   3.790   21.626  1.00 11.68 ? 9    LEU A CA  1 
ATOM   78   C  C   . LEU A 1 10  ? 5.909   3.200   21.300  1.00 9.88  ? 9    LEU A C   1 
ATOM   79   O  O   . LEU A 1 10  ? 4.926   3.886   21.402  1.00 13.79 ? 9    LEU A O   1 
ATOM   80   C  CB  . LEU A 1 10  ? 7.343   4.035   23.133  1.00 14.18 ? 9    LEU A CB  1 
ATOM   81   C  CG  . LEU A 1 10  ? 7.099   2.799   24.006  1.00 17.68 ? 9    LEU A CG  1 
ATOM   82   C  CD1 . LEU A 1 10  ? 8.326   1.867   23.824  1.00 19.48 ? 9    LEU A CD1 1 
ATOM   83   C  CD2 . LEU A 1 10  ? 6.998   3.220   25.456  1.00 18.81 ? 9    LEU A CD2 1 
ATOM   84   N  N   . ALA A 1 11  ? 5.859   1.927   20.950  1.00 11.48 ? 10   ALA A N   1 
ATOM   85   C  CA  . ALA A 1 11  ? 4.586   1.302   20.664  1.00 15.46 ? 10   ALA A CA  1 
ATOM   86   C  C   . ALA A 1 11  ? 4.404   0.029   21.521  1.00 17.85 ? 10   ALA A C   1 
ATOM   87   O  O   . ALA A 1 11  ? 5.324   -0.801  21.561  1.00 16.69 ? 10   ALA A O   1 
ATOM   88   C  CB  . ALA A 1 11  ? 4.532   0.926   19.189  1.00 16.68 ? 10   ALA A CB  1 
ATOM   89   N  N   . ARG A 1 12  ? 3.245   -0.128  22.169  1.00 16.08 ? 11   ARG A N   1 
ATOM   90   C  CA  . ARG A 1 12  ? 2.978   -1.370  22.934  1.00 16.87 ? 11   ARG A CA  1 
ATOM   91   C  C   . ARG A 1 12  ? 2.195   -2.269  21.976  1.00 16.87 ? 11   ARG A C   1 
ATOM   92   O  O   . ARG A 1 12  ? 1.201   -1.863  21.385  1.00 16.81 ? 11   ARG A O   1 
ATOM   93   C  CB  . ARG A 1 12  ? 2.210   -1.065  24.229  1.00 20.66 ? 11   ARG A CB  1 
ATOM   94   C  CG  . ARG A 1 12  ? 3.107   -0.183  25.173  1.00 27.00 ? 11   ARG A CG  1 
ATOM   95   C  CD  . ARG A 1 12  ? 2.524   0.131   26.564  1.00 31.93 ? 11   ARG A CD  1 
ATOM   96   N  NE  . ARG A 1 12  ? 3.347   1.100   27.311  1.00 32.91 ? 11   ARG A NE  1 
ATOM   97   C  CZ  . ARG A 1 12  ? 4.295   0.777   28.196  1.00 34.60 ? 11   ARG A CZ  1 
ATOM   98   N  NH1 . ARG A 1 12  ? 4.534   -0.509  28.459  1.00 36.37 ? 11   ARG A NH1 1 
ATOM   99   N  NH2 . ARG A 1 12  ? 5.022   1.728   28.799  1.00 24.96 ? 11   ARG A NH2 1 
ATOM   100  N  N   . LEU A 1 13  ? 2.659   -3.500  21.809  1.00 16.54 ? 12   LEU A N   1 
ATOM   101  C  CA  . LEU A 1 13  ? 2.090   -4.397  20.854  1.00 17.47 ? 12   LEU A CA  1 
ATOM   102  C  C   . LEU A 1 13  ? 1.284   -5.527  21.457  1.00 19.57 ? 12   LEU A C   1 
ATOM   103  O  O   . LEU A 1 13  ? 1.630   -6.019  22.562  1.00 19.26 ? 12   LEU A O   1 
ATOM   104  C  CB  . LEU A 1 13  ? 3.213   -5.004  20.053  1.00 22.03 ? 12   LEU A CB  1 
ATOM   105  C  CG  . LEU A 1 13  ? 3.743   -4.434  18.761  1.00 27.22 ? 12   LEU A CG  1 
ATOM   106  C  CD1 . LEU A 1 13  ? 3.850   -2.934  18.739  1.00 28.27 ? 12   LEU A CD1 1 
ATOM   107  C  CD2 . LEU A 1 13  ? 5.096   -5.086  18.615  1.00 30.78 ? 12   LEU A CD2 1 
ATOM   108  N  N   . GLU A 1 14  ? 0.197   -5.895  20.767  1.00 18.27 ? 13   GLU A N   1 
ATOM   109  C  CA  . GLU A 1 14  ? -0.633  -7.033  21.159  1.00 22.07 ? 13   GLU A CA  1 
ATOM   110  C  C   . GLU A 1 14  ? -0.820  -7.777  19.854  1.00 21.27 ? 13   GLU A C   1 
ATOM   111  O  O   . GLU A 1 14  ? -1.325  -7.185  18.897  1.00 23.11 ? 13   GLU A O   1 
ATOM   112  C  CB  . GLU A 1 14  ? -1.985  -6.577  21.714  1.00 24.95 ? 13   GLU A CB  1 
ATOM   113  C  CG  . GLU A 1 14  ? -1.832  -6.028  23.127  1.00 36.67 ? 13   GLU A CG  1 
ATOM   114  C  CD  . GLU A 1 14  ? -3.080  -5.331  23.671  1.00 43.12 ? 13   GLU A CD  1 
ATOM   115  O  OE1 . GLU A 1 14  ? -3.518  -4.288  23.107  1.00 45.94 ? 13   GLU A OE1 1 
ATOM   116  O  OE2 . GLU A 1 14  ? -3.617  -5.832  24.683  1.00 45.84 ? 13   GLU A OE2 1 
ATOM   117  N  N   . ALA A 1 15  ? -0.464  -9.066  19.808  1.00 19.46 ? 14   ALA A N   1 
ATOM   118  C  CA  . ALA A 1 15  ? -0.573  -9.829  18.564  1.00 20.24 ? 14   ALA A CA  1 
ATOM   119  C  C   . ALA A 1 15  ? -1.318  -11.153 18.809  1.00 21.99 ? 14   ALA A C   1 
ATOM   120  O  O   . ALA A 1 15  ? -1.249  -11.684 19.905  1.00 20.02 ? 14   ALA A O   1 
ATOM   121  C  CB  . ALA A 1 15  ? 0.844   -10.125 18.025  1.00 20.41 ? 14   ALA A CB  1 
ATOM   122  N  N   . ARG A 1 16  ? -2.024  -11.642 17.805  1.00 18.31 ? 15   ARG A N   1 
ATOM   123  C  CA  . ARG A 1 16  ? -2.739  -12.904 17.896  1.00 17.79 ? 15   ARG A CA  1 
ATOM   124  C  C   . ARG A 1 16  ? -2.909  -13.469 16.494  1.00 18.55 ? 15   ARG A C   1 
ATOM   125  O  O   . ARG A 1 16  ? -2.848  -12.738 15.495  1.00 16.51 ? 15   ARG A O   1 
ATOM   126  C  CB  . ARG A 1 16  ? -4.126  -12.700 18.490  1.00 17.58 ? 15   ARG A CB  1 
ATOM   127  C  CG  . ARG A 1 16  ? -5.040  -11.821 17.691  1.00 19.62 ? 15   ARG A CG  1 
ATOM   128  C  CD  . ARG A 1 16  ? -6.418  -11.873 18.279  1.00 20.41 ? 15   ARG A CD  1 
ATOM   129  N  NE  . ARG A 1 16  ? -7.423  -11.068 17.613  1.00 20.94 ? 15   ARG A NE  1 
ATOM   130  C  CZ  . ARG A 1 16  ? -8.077  -11.412 16.514  1.00 21.65 ? 15   ARG A CZ  1 
ATOM   131  N  NH1 . ARG A 1 16  ? -7.837  -12.569 15.906  1.00 20.24 ? 15   ARG A NH1 1 
ATOM   132  N  NH2 . ARG A 1 16  ? -9.000  -10.598 16.024  1.00 22.29 ? 15   ARG A NH2 1 
ATOM   133  N  N   . ALA A 1 17  ? -3.151  -14.778 16.404  1.00 18.67 ? 16   ALA A N   1 
ATOM   134  C  CA  . ALA A 1 17  ? -3.403  -15.385 15.098  1.00 16.86 ? 16   ALA A CA  1 
ATOM   135  C  C   . ALA A 1 17  ? -4.807  -14.983 14.659  1.00 14.99 ? 16   ALA A C   1 
ATOM   136  O  O   . ALA A 1 17  ? -5.673  -14.731 15.490  1.00 14.77 ? 16   ALA A O   1 
ATOM   137  C  CB  . ALA A 1 17  ? -3.380  -16.899 15.219  1.00 17.88 ? 16   ALA A CB  1 
ATOM   138  N  N   . LEU A 1 18  ? -5.026  -14.897 13.345  1.00 12.76 ? 17   LEU A N   1 
ATOM   139  C  CA  . LEU A 1 18  ? -6.366  -14.670 12.862  1.00 14.04 ? 17   LEU A CA  1 
ATOM   140  C  C   . LEU A 1 18  ? -7.100  -15.990 13.033  1.00 17.41 ? 17   LEU A C   1 
ATOM   141  O  O   . LEU A 1 18  ? -6.489  -17.051 12.955  1.00 19.04 ? 17   LEU A O   1 
ATOM   142  C  CB  . LEU A 1 18  ? -6.401  -14.390 11.354  1.00 15.92 ? 17   LEU A CB  1 
ATOM   143  C  CG  . LEU A 1 18  ? -5.845  -13.076 10.811  1.00 19.82 ? 17   LEU A CG  1 
ATOM   144  C  CD1 . LEU A 1 18  ? -6.338  -12.866 9.358   1.00 17.18 ? 17   LEU A CD1 1 
ATOM   145  C  CD2 . LEU A 1 18  ? -6.302  -11.979 11.689  1.00 19.78 ? 17   LEU A CD2 1 
ATOM   146  N  N   . SER A 1 19  ? -8.404  -15.932 13.225  1.00 18.74 ? 18   SER A N   1 
ATOM   147  C  CA  . SER A 1 19  ? -9.205  -17.151 13.358  1.00 19.61 ? 18   SER A CA  1 
ATOM   148  C  C   . SER A 1 19  ? -9.415  -17.712 11.941  1.00 21.24 ? 18   SER A C   1 
ATOM   149  O  O   . SER A 1 19  ? -9.106  -17.028 10.934  1.00 17.81 ? 18   SER A O   1 
ATOM   150  C  CB  . SER A 1 19  ? -10.555 -16.807 13.998  1.00 20.04 ? 18   SER A CB  1 
ATOM   151  O  OG  . SER A 1 19  ? -11.423 -16.096 13.109  1.00 22.74 ? 18   SER A OG  1 
ATOM   152  N  N   . LYS A 1 20  ? -9.923  -18.944 11.849  1.00 17.86 ? 19   LYS A N   1 
ATOM   153  C  CA  . LYS A 1 20  ? -10.199 -19.555 10.544  1.00 19.03 ? 19   LYS A CA  1 
ATOM   154  C  C   . LYS A 1 20  ? -11.224 -18.670 9.809   1.00 16.97 ? 19   LYS A C   1 
ATOM   155  O  O   . LYS A 1 20  ? -11.087 -18.387 8.615   1.00 18.87 ? 19   LYS A O   1 
ATOM   156  C  CB  . LYS A 1 20  ? -10.784 -20.967 10.746  1.00 14.40 ? 19   LYS A CB  1 
ATOM   157  C  CG  . LYS A 1 20  ? -11.135 -21.659 9.458   1.00 18.63 ? 19   LYS A CG  1 
ATOM   158  C  CD  . LYS A 1 20  ? -11.658 -23.093 9.694   1.00 18.74 ? 19   LYS A CD  1 
ATOM   159  C  CE  . LYS A 1 20  ? -11.869 -23.836 8.342   1.00 22.33 ? 19   LYS A CE  1 
ATOM   160  N  NZ  . LYS A 1 20  ? -12.043 -25.304 8.549   1.00 23.44 ? 19   LYS A NZ  1 
ATOM   161  N  N   . LYS A 1 21  ? -12.236 -18.219 10.547  1.00 15.42 ? 20   LYS A N   1 
ATOM   162  C  CA  . LYS A 1 21  ? -13.268 -17.351 10.009  1.00 18.52 ? 20   LYS A CA  1 
ATOM   163  C  C   . LYS A 1 21  ? -12.696 -15.984 9.535   1.00 17.28 ? 20   LYS A C   1 
ATOM   164  O  O   . LYS A 1 21  ? -13.055 -15.508 8.475   1.00 17.80 ? 20   LYS A O   1 
ATOM   165  C  CB  . LYS A 1 21  ? -14.357 -17.123 11.052  1.00 21.06 ? 20   LYS A CB  1 
ATOM   166  C  CG  . LYS A 1 21  ? -15.504 -16.216 10.566  1.00 25.78 ? 20   LYS A CG  1 
ATOM   167  C  CD  . LYS A 1 21  ? -16.546 -15.924 11.700  1.00 30.61 ? 20   LYS A CD  1 
ATOM   168  C  CE  . LYS A 1 21  ? -17.768 -15.153 11.162  1.00 32.56 ? 20   LYS A CE  1 
ATOM   169  N  NZ  . LYS A 1 21  ? -18.826 -14.741 12.178  1.00 36.03 ? 20   LYS A NZ  1 
ATOM   170  N  N   . GLU A 1 22  ? -11.791 -15.388 10.298  1.00 17.29 ? 21   GLU A N   1 
ATOM   171  C  CA  . GLU A 1 22  ? -11.196 -14.093 9.899   1.00 18.20 ? 21   GLU A CA  1 
ATOM   172  C  C   . GLU A 1 22  ? -10.349 -14.278 8.663   1.00 18.77 ? 21   GLU A C   1 
ATOM   173  O  O   . GLU A 1 22  ? -10.392 -13.432 7.761   1.00 18.15 ? 21   GLU A O   1 
ATOM   174  C  CB  . GLU A 1 22  ? -10.328 -13.515 11.000  1.00 21.05 ? 21   GLU A CB  1 
ATOM   175  C  CG  . GLU A 1 22  ? -11.110 -13.161 12.238  1.00 22.12 ? 21   GLU A CG  1 
ATOM   176  C  CD  . GLU A 1 22  ? -10.233 -12.670 13.347  1.00 22.64 ? 21   GLU A CD  1 
ATOM   177  O  OE1 . GLU A 1 22  ? -9.213  -13.320 13.645  1.00 18.53 ? 21   GLU A OE1 1 
ATOM   178  O  OE2 . GLU A 1 22  ? -10.561 -11.613 13.933  1.00 25.72 ? 21   GLU A OE2 1 
ATOM   179  N  N   . ARG A 1 23  ? -9.610  -15.388 8.591   1.00 16.76 ? 22   ARG A N   1 
ATOM   180  C  CA  . ARG A 1 23  ? -8.778  -15.627 7.437   1.00 19.10 ? 22   ARG A CA  1 
ATOM   181  C  C   . ARG A 1 23  ? -9.629  -15.740 6.192   1.00 21.09 ? 22   ARG A C   1 
ATOM   182  O  O   . ARG A 1 23  ? -9.287  -15.196 5.162   1.00 22.25 ? 22   ARG A O   1 
ATOM   183  C  CB  . ARG A 1 23  ? -7.959  -16.900 7.631   1.00 18.35 ? 22   ARG A CB  1 
ATOM   184  C  CG  . ARG A 1 23  ? -6.966  -17.066 6.538   1.00 22.10 ? 22   ARG A CG  1 
ATOM   185  C  CD  . ARG A 1 23  ? -6.176  -18.333 6.673   1.00 29.37 ? 22   ARG A CD  1 
ATOM   186  N  NE  . ARG A 1 23  ? -5.139  -18.357 5.626   1.00 34.80 ? 22   ARG A NE  1 
ATOM   187  C  CZ  . ARG A 1 23  ? -3.842  -18.461 5.886   1.00 32.90 ? 22   ARG A CZ  1 
ATOM   188  N  NH1 . ARG A 1 23  ? -3.421  -18.558 7.148   1.00 35.37 ? 22   ARG A NH1 1 
ATOM   189  N  NH2 . ARG A 1 23  ? -2.973  -18.469 4.893   1.00 33.71 ? 22   ARG A NH2 1 
ATOM   190  N  N   . ARG A 1 24  ? -10.738 -16.471 6.270   1.00 20.67 ? 23   ARG A N   1 
ATOM   191  C  CA  . ARG A 1 24  ? -11.652 -16.598 5.138   1.00 20.23 ? 23   ARG A CA  1 
ATOM   192  C  C   . ARG A 1 24  ? -12.263 -15.226 4.745   1.00 19.08 ? 23   ARG A C   1 
ATOM   193  O  O   . ARG A 1 24  ? -12.365 -14.860 3.560   1.00 19.25 ? 23   ARG A O   1 
ATOM   194  C  CB  . ARG A 1 24  ? -12.797 -17.570 5.502   1.00 22.36 ? 23   ARG A CB  1 
ATOM   195  C  CG  . ARG A 1 24  ? -13.816 -17.767 4.405   1.00 32.23 ? 23   ARG A CG  1 
ATOM   196  C  CD  . ARG A 1 24  ? -14.721 -18.950 4.768   1.00 40.31 ? 23   ARG A CD  1 
ATOM   197  N  NE  . ARG A 1 24  ? -13.938 -20.072 5.319   1.00 48.24 ? 23   ARG A NE  1 
ATOM   198  C  CZ  . ARG A 1 24  ? -13.137 -20.882 4.608   1.00 51.13 ? 23   ARG A CZ  1 
ATOM   199  N  NH1 . ARG A 1 24  ? -12.474 -21.858 5.226   1.00 47.48 ? 23   ARG A NH1 1 
ATOM   200  N  NH2 . ARG A 1 24  ? -12.998 -20.729 3.277   1.00 51.33 ? 23   ARG A NH2 1 
ATOM   201  N  N   . SER A 1 25  ? -12.691 -14.473 5.737   1.00 16.90 ? 24   SER A N   1 
ATOM   202  C  CA  . SER A 1 25  ? -13.258 -13.181 5.463   1.00 17.17 ? 24   SER A CA  1 
ATOM   203  C  C   . SER A 1 25  ? -12.172 -12.297 4.812   1.00 16.97 ? 24   SER A C   1 
ATOM   204  O  O   . SER A 1 25  ? -12.452 -11.532 3.907   1.00 19.10 ? 24   SER A O   1 
ATOM   205  C  CB  . SER A 1 25  ? -13.744 -12.533 6.760   1.00 19.87 ? 24   SER A CB  1 
ATOM   206  O  OG  . SER A 1 25  ? -14.008 -11.151 6.546   1.00 20.85 ? 24   SER A OG  1 
ATOM   207  N  N   . LEU A 1 26  ? -10.940 -12.372 5.307   1.00 17.75 ? 25   LEU A N   1 
ATOM   208  C  CA  . LEU A 1 26  ? -9.865  -11.579 4.704   1.00 16.32 ? 25   LEU A CA  1 
ATOM   209  C  C   . LEU A 1 26  ? -9.740  -11.897 3.202   1.00 17.02 ? 25   LEU A C   1 
ATOM   210  O  O   . LEU A 1 26  ? -9.686  -10.994 2.369   1.00 17.66 ? 25   LEU A O   1 
ATOM   211  C  CB  . LEU A 1 26  ? -8.520  -11.851 5.427   1.00 15.74 ? 25   LEU A CB  1 
ATOM   212  C  CG  . LEU A 1 26  ? -7.359  -11.187 4.689   1.00 13.50 ? 25   LEU A CG  1 
ATOM   213  C  CD1 . LEU A 1 26  ? -7.494  -9.634  4.787   1.00 15.54 ? 25   LEU A CD1 1 
ATOM   214  C  CD2 . LEU A 1 26  ? -6.060  -11.659 5.202   1.00 13.75 ? 25   LEU A CD2 1 
ATOM   215  N  N   . LEU A 1 27  ? -9.703  -13.166 2.821   1.00 16.02 ? 26   LEU A N   1 
ATOM   216  C  CA  . LEU A 1 27  ? -9.557  -13.491 1.415   1.00 15.87 ? 26   LEU A CA  1 
ATOM   217  C  C   . LEU A 1 27  ? -10.738 -12.980 0.623   1.00 17.41 ? 26   LEU A C   1 
ATOM   218  O  O   . LEU A 1 27  ? -10.582 -12.544 -0.525  1.00 16.44 ? 26   LEU A O   1 
ATOM   219  C  CB  . LEU A 1 27  ? -9.487  -15.011 1.214   1.00 19.98 ? 26   LEU A CB  1 
ATOM   220  C  CG  . LEU A 1 27  ? -8.318  -15.677 1.955   1.00 23.54 ? 26   LEU A CG  1 
ATOM   221  C  CD1 . LEU A 1 27  ? -8.300  -17.189 1.624   1.00 26.38 ? 26   LEU A CD1 1 
ATOM   222  C  CD2 . LEU A 1 27  ? -7.001  -15.042 1.595   1.00 21.28 ? 26   LEU A CD2 1 
ATOM   223  N  N   . GLU A 1 28  ? -11.929 -13.047 1.218   1.00 15.80 ? 27   GLU A N   1 
ATOM   224  C  CA  . GLU A 1 28  ? -13.104 -12.591 0.489   1.00 17.93 ? 27   GLU A CA  1 
ATOM   225  C  C   . GLU A 1 28  ? -13.055 -11.070 0.331   1.00 17.66 ? 27   GLU A C   1 
ATOM   226  O  O   . GLU A 1 28  ? -13.551 -10.520 -0.669  1.00 14.91 ? 27   GLU A O   1 
ATOM   227  C  CB  . GLU A 1 28  ? -14.375 -12.988 1.232   1.00 21.79 ? 27   GLU A CB  1 
ATOM   228  C  CG  . GLU A 1 28  ? -14.698 -14.436 1.116   1.00 29.47 ? 27   GLU A CG  1 
ATOM   229  C  CD  . GLU A 1 28  ? -15.429 -14.715 -0.188  1.00 39.28 ? 27   GLU A CD  1 
ATOM   230  O  OE1 . GLU A 1 28  ? -14.809 -14.651 -1.289  1.00 41.41 ? 27   GLU A OE1 1 
ATOM   231  O  OE2 . GLU A 1 28  ? -16.662 -14.981 -0.117  1.00 46.57 ? 27   GLU A OE2 1 
ATOM   232  N  N   . ARG A 1 29  ? -12.481 -10.379 1.310   1.00 17.18 ? 28   ARG A N   1 
ATOM   233  C  CA  . ARG A 1 29  ? -12.408 -8.899  1.184   1.00 18.15 ? 28   ARG A CA  1 
ATOM   234  C  C   . ARG A 1 29  ? -11.317 -8.431  0.194   1.00 18.10 ? 28   ARG A C   1 
ATOM   235  O  O   . ARG A 1 29  ? -11.403 -7.327  -0.345  1.00 17.16 ? 28   ARG A O   1 
ATOM   236  C  CB  . ARG A 1 29  ? -12.168 -8.268  2.550   1.00 17.99 ? 28   ARG A CB  1 
ATOM   237  C  CG  . ARG A 1 29  ? -13.387 -8.375  3.388   1.00 17.41 ? 28   ARG A CG  1 
ATOM   238  C  CD  . ARG A 1 29  ? -13.078 -7.958  4.779   1.00 19.92 ? 28   ARG A CD  1 
ATOM   239  N  NE  . ARG A 1 29  ? -12.872 -6.515  4.829   1.00 18.14 ? 28   ARG A NE  1 
ATOM   240  C  CZ  . ARG A 1 29  ? -12.390 -5.877  5.891   1.00 24.03 ? 28   ARG A CZ  1 
ATOM   241  N  NH1 . ARG A 1 29  ? -12.075 -6.581  6.968   1.00 20.59 ? 28   ARG A NH1 1 
ATOM   242  N  NH2 . ARG A 1 29  ? -12.242 -4.540  5.896   1.00 20.61 ? 28   ARG A NH2 1 
ATOM   243  N  N   . LEU A 1 30  ? -10.309 -9.264  -0.031  1.00 13.83 ? 29   LEU A N   1 
ATOM   244  C  CA  . LEU A 1 30  ? -9.224  -8.925  -0.963  1.00 15.86 ? 29   LEU A CA  1 
ATOM   245  C  C   . LEU A 1 30  ? -9.553  -9.253  -2.431  1.00 17.27 ? 29   LEU A C   1 
ATOM   246  O  O   . LEU A 1 30  ? -9.162  -8.505  -3.369  1.00 18.22 ? 29   LEU A O   1 
ATOM   247  C  CB  . LEU A 1 30  ? -7.945  -9.678  -0.577  1.00 15.06 ? 29   LEU A CB  1 
ATOM   248  C  CG  . LEU A 1 30  ? -7.237  -9.489  0.789   1.00 13.18 ? 29   LEU A CG  1 
ATOM   249  C  CD1 . LEU A 1 30  ? -6.026  -10.473 0.941   1.00 11.82 ? 29   LEU A CD1 1 
ATOM   250  C  CD2 . LEU A 1 30  ? -6.705  -8.070  0.821   1.00 14.04 ? 29   LEU A CD2 1 
ATOM   251  N  N   . LYS A 1 31  ? -10.274 -10.351 -2.650  1.00 16.57 ? 30   LYS A N   1 
ATOM   252  C  CA  . LYS A 1 31  ? -10.526 -10.797 -4.028  1.00 20.73 ? 30   LYS A CA  1 
ATOM   253  C  C   . LYS A 1 31  ? -11.083 -9.788  -5.017  1.00 18.92 ? 30   LYS A C   1 
ATOM   254  O  O   . LYS A 1 31  ? -10.630 -9.731  -6.151  1.00 20.62 ? 30   LYS A O   1 
ATOM   255  C  CB  . LYS A 1 31  ? -11.441 -12.046 -4.032  1.00 24.23 ? 30   LYS A CB  1 
ATOM   256  C  CG  . LYS A 1 31  ? -10.702 -13.319 -3.610  1.00 32.12 ? 30   LYS A CG  1 
ATOM   257  C  CD  . LYS A 1 31  ? -11.643 -14.528 -3.430  1.00 35.41 ? 30   LYS A CD  1 
ATOM   258  C  CE  . LYS A 1 31  ? -10.932 -15.700 -2.733  1.00 38.12 ? 30   LYS A CE  1 
ATOM   259  N  NZ  . LYS A 1 31  ? -11.878 -16.840 -2.505  1.00 38.75 ? 30   LYS A NZ  1 
ATOM   260  N  N   . PRO A 1 32  ? -12.034 -8.953  -4.592  1.00 20.78 ? 31   PRO A N   1 
ATOM   261  C  CA  . PRO A 1 32  ? -12.624 -7.979  -5.509  1.00 18.91 ? 31   PRO A CA  1 
ATOM   262  C  C   . PRO A 1 32  ? -11.677 -6.907  -5.989  1.00 19.11 ? 31   PRO A C   1 
ATOM   263  O  O   . PRO A 1 32  ? -11.896 -6.350  -7.049  1.00 17.40 ? 31   PRO A O   1 
ATOM   264  C  CB  . PRO A 1 32  ? -13.736 -7.353  -4.686  1.00 20.53 ? 31   PRO A CB  1 
ATOM   265  C  CG  . PRO A 1 32  ? -14.062 -8.374  -3.659  1.00 19.92 ? 31   PRO A CG  1 
ATOM   266  C  CD  . PRO A 1 32  ? -12.685 -8.853  -3.274  1.00 20.73 ? 31   PRO A CD  1 
ATOM   267  N  N   . TYR A 1 33  ? -10.613 -6.661  -5.227  1.00 16.67 ? 32   TYR A N   1 
ATOM   268  C  CA  . TYR A 1 33  ? -9.706  -5.533  -5.506  1.00 15.88 ? 32   TYR A CA  1 
ATOM   269  C  C   . TYR A 1 33  ? -8.310  -5.729  -6.053  1.00 14.02 ? 32   TYR A C   1 
ATOM   270  O  O   . TYR A 1 33  ? -7.634  -4.751  -6.364  1.00 14.41 ? 32   TYR A O   1 
ATOM   271  C  CB  . TYR A 1 33  ? -9.625  -4.762  -4.217  1.00 13.04 ? 32   TYR A CB  1 
ATOM   272  C  CG  . TYR A 1 33  ? -11.006 -4.430  -3.734  1.00 15.71 ? 32   TYR A CG  1 
ATOM   273  C  CD1 . TYR A 1 33  ? -11.796 -3.494  -4.436  1.00 17.42 ? 32   TYR A CD1 1 
ATOM   274  C  CD2 . TYR A 1 33  ? -11.528 -5.011  -2.566  1.00 17.09 ? 32   TYR A CD2 1 
ATOM   275  C  CE1 . TYR A 1 33  ? -13.065 -3.136  -3.962  1.00 18.63 ? 32   TYR A CE1 1 
ATOM   276  C  CE2 . TYR A 1 33  ? -12.810 -4.656  -2.075  1.00 19.30 ? 32   TYR A CE2 1 
ATOM   277  C  CZ  . TYR A 1 33  ? -13.567 -3.716  -2.774  1.00 20.56 ? 32   TYR A CZ  1 
ATOM   278  O  OH  . TYR A 1 33  ? -14.801 -3.294  -2.281  1.00 22.45 ? 32   TYR A OH  1 
ATOM   279  N  N   . TYR A 1 34  ? -7.895  -6.966  -6.179  1.00 12.39 ? 33   TYR A N   1 
ATOM   280  C  CA  . TYR A 1 34  ? -6.548  -7.309  -6.624  1.00 12.31 ? 33   TYR A CA  1 
ATOM   281  C  C   . TYR A 1 34  ? -6.597  -8.426  -7.634  1.00 14.15 ? 33   TYR A C   1 
ATOM   282  O  O   . TYR A 1 34  ? -7.564  -9.167  -7.683  1.00 14.18 ? 33   TYR A O   1 
ATOM   283  C  CB  . TYR A 1 34  ? -5.754  -7.779  -5.406  1.00 11.20 ? 33   TYR A CB  1 
ATOM   284  C  CG  . TYR A 1 34  ? -5.691  -6.713  -4.345  1.00 11.22 ? 33   TYR A CG  1 
ATOM   285  C  CD1 . TYR A 1 34  ? -4.896  -5.585  -4.542  1.00 11.16 ? 33   TYR A CD1 1 
ATOM   286  C  CD2 . TYR A 1 34  ? -6.484  -6.777  -3.195  1.00 10.56 ? 33   TYR A CD2 1 
ATOM   287  C  CE1 . TYR A 1 34  ? -4.886  -4.539  -3.625  1.00 8.33  ? 33   TYR A CE1 1 
ATOM   288  C  CE2 . TYR A 1 34  ? -6.485  -5.714  -2.235  1.00 10.24 ? 33   TYR A CE2 1 
ATOM   289  C  CZ  . TYR A 1 34  ? -5.679  -4.609  -2.467  1.00 10.05 ? 33   TYR A CZ  1 
ATOM   290  O  OH  . TYR A 1 34  ? -5.650  -3.547  -1.599  1.00 10.74 ? 33   TYR A OH  1 
ATOM   291  N  N   . THR A 1 35  ? -5.521  -8.585  -8.393  1.00 15.32 ? 34   THR A N   1 
ATOM   292  C  CA  . THR A 1 35  ? -5.495  -9.634  -9.397  1.00 15.99 ? 34   THR A CA  1 
ATOM   293  C  C   . THR A 1 35  ? -5.578  -10.992 -8.740  1.00 17.74 ? 34   THR A C   1 
ATOM   294  O  O   . THR A 1 35  ? -6.297  -11.854 -9.203  1.00 17.22 ? 34   THR A O   1 
ATOM   295  C  CB  . THR A 1 35  ? -4.202  -9.576  -10.206 1.00 15.84 ? 34   THR A CB  1 
ATOM   296  O  OG1 . THR A 1 35  ? -4.165  -8.333  -10.917 1.00 16.70 ? 34   THR A OG1 1 
ATOM   297  C  CG2 . THR A 1 35  ? -4.152  -10.717 -11.232 1.00 18.32 ? 34   THR A CG2 1 
ATOM   298  N  N   . ARG A 1 36  ? -4.830  -11.166 -7.659  1.00 15.12 ? 35   ARG A N   1 
ATOM   299  C  CA  . ARG A 1 36  ? -4.808  -12.450 -6.958  1.00 15.63 ? 35   ARG A CA  1 
ATOM   300  C  C   . ARG A 1 36  ? -4.361  -12.220 -5.518  1.00 16.88 ? 35   ARG A C   1 
ATOM   301  O  O   . ARG A 1 36  ? -3.881  -11.123 -5.184  1.00 17.19 ? 35   ARG A O   1 
ATOM   302  C  CB  . ARG A 1 36  ? -3.787  -13.363 -7.628  1.00 17.71 ? 35   ARG A CB  1 
ATOM   303  C  CG  . ARG A 1 36  ? -2.328  -12.859 -7.426  1.00 19.71 ? 35   ARG A CG  1 
ATOM   304  C  CD  . ARG A 1 36  ? -1.278  -13.828 -8.044  1.00 24.62 ? 35   ARG A CD  1 
ATOM   305  N  NE  . ARG A 1 36  ? -1.494  -13.915 -9.469  1.00 25.14 ? 35   ARG A NE  1 
ATOM   306  C  CZ  . ARG A 1 36  ? -0.911  -13.125 -10.366 1.00 25.77 ? 35   ARG A CZ  1 
ATOM   307  N  NH1 . ARG A 1 36  ? -0.048  -12.206 -9.985  1.00 22.12 ? 35   ARG A NH1 1 
ATOM   308  N  NH2 . ARG A 1 36  ? -1.272  -13.207 -11.645 1.00 26.01 ? 35   ARG A NH2 1 
ATOM   309  N  N   . ILE A 1 37  ? -4.566  -13.221 -4.666  1.00 15.64 ? 36   ILE A N   1 
ATOM   310  C  CA  . ILE A 1 37  ? -4.100  -13.165 -3.281  1.00 16.42 ? 36   ILE A CA  1 
ATOM   311  C  C   . ILE A 1 37  ? -2.618  -13.474 -3.433  1.00 17.68 ? 36   ILE A C   1 
ATOM   312  O  O   . ILE A 1 37  ? -2.229  -14.513 -3.963  1.00 19.58 ? 36   ILE A O   1 
ATOM   313  C  CB  . ILE A 1 37  ? -4.748  -14.252 -2.393  1.00 18.84 ? 36   ILE A CB  1 
ATOM   314  C  CG1 . ILE A 1 37  ? -6.258  -14.074 -2.387  1.00 21.15 ? 36   ILE A CG1 1 
ATOM   315  C  CG2 . ILE A 1 37  ? -4.251  -14.157 -0.925  1.00 17.65 ? 36   ILE A CG2 1 
ATOM   316  C  CD1 . ILE A 1 37  ? -6.720  -12.679 -2.040  1.00 22.43 ? 36   ILE A CD1 1 
ATOM   317  N  N   . PRO A 1 38  ? -1.763  -12.594 -2.931  1.00 15.90 ? 37   PRO A N   1 
ATOM   318  C  CA  . PRO A 1 38  ? -0.314  -12.743 -3.018  1.00 15.02 ? 37   PRO A CA  1 
ATOM   319  C  C   . PRO A 1 38  ? 0.342   -13.813 -2.149  1.00 18.67 ? 37   PRO A C   1 
ATOM   320  O  O   . PRO A 1 38  ? 1.451   -14.271 -2.457  1.00 19.38 ? 37   PRO A O   1 
ATOM   321  C  CB  . PRO A 1 38  ? 0.194   -11.362 -2.669  1.00 14.70 ? 37   PRO A CB  1 
ATOM   322  C  CG  . PRO A 1 38  ? -0.813  -10.876 -1.641  1.00 14.73 ? 37   PRO A CG  1 
ATOM   323  C  CD  . PRO A 1 38  ? -2.158  -11.349 -2.233  1.00 16.20 ? 37   PRO A CD  1 
ATOM   324  N  N   . PHE A 1 39  ? -0.329  -14.201 -1.067  1.00 18.86 ? 38   PHE A N   1 
ATOM   325  C  CA  . PHE A 1 39  ? 0.243   -15.186 -0.166  1.00 19.51 ? 38   PHE A CA  1 
ATOM   326  C  C   . PHE A 1 39  ? -0.460  -16.515 -0.248  1.00 20.06 ? 38   PHE A C   1 
ATOM   327  O  O   . PHE A 1 39  ? -1.628  -16.624 -0.668  1.00 17.19 ? 38   PHE A O   1 
ATOM   328  C  CB  . PHE A 1 39  ? 0.227   -14.652 1.278   1.00 18.17 ? 38   PHE A CB  1 
ATOM   329  C  CG  . PHE A 1 39  ? -1.143  -14.289 1.776   1.00 20.08 ? 38   PHE A CG  1 
ATOM   330  C  CD1 . PHE A 1 39  ? -2.026  -15.261 2.210   1.00 20.71 ? 38   PHE A CD1 1 
ATOM   331  C  CD2 . PHE A 1 39  ? -1.573  -12.962 1.766   1.00 22.39 ? 38   PHE A CD2 1 
ATOM   332  C  CE1 . PHE A 1 39  ? -3.306  -14.941 2.626   1.00 22.63 ? 38   PHE A CE1 1 
ATOM   333  C  CE2 . PHE A 1 39  ? -2.836  -12.623 2.175   1.00 22.96 ? 38   PHE A CE2 1 
ATOM   334  C  CZ  . PHE A 1 39  ? -3.716  -13.579 2.599   1.00 23.07 ? 38   PHE A CZ  1 
ATOM   335  N  N   . SER A 1 40  ? 0.277   -17.512 0.203   1.00 23.53 ? 39   SER A N   1 
ATOM   336  C  CA  . SER A 1 40  ? -0.110  -18.903 0.238   1.00 27.81 ? 39   SER A CA  1 
ATOM   337  C  C   . SER A 1 40  ? -1.135  -19.276 1.307   1.00 28.72 ? 39   SER A C   1 
ATOM   338  O  O   . SER A 1 40  ? -1.295  -18.568 2.268   1.00 24.63 ? 39   SER A O   1 
ATOM   339  C  CB  . SER A 1 40  ? 1.173   -19.707 0.475   1.00 31.22 ? 39   SER A CB  1 
ATOM   340  O  OG  . SER A 1 40  ? 0.887   -21.014 0.842   1.00 31.80 ? 39   SER A OG  1 
ATOM   341  N  N   . GLU A 1 41  ? -1.795  -20.422 1.146   1.00 30.92 ? 40   GLU A N   1 
ATOM   342  C  CA  . GLU A 1 41  ? -2.748  -20.874 2.155   1.00 36.06 ? 40   GLU A CA  1 
ATOM   343  C  C   . GLU A 1 41  ? -1.967  -21.352 3.376   1.00 35.07 ? 40   GLU A C   1 
ATOM   344  O  O   . GLU A 1 41  ? -2.519  -21.560 4.450   1.00 32.31 ? 40   GLU A O   1 
ATOM   345  C  CB  . GLU A 1 41  ? -3.595  -22.050 1.659   1.00 40.94 ? 40   GLU A CB  1 
ATOM   346  C  CG  . GLU A 1 41  ? -4.344  -21.779 0.390   1.00 51.64 ? 40   GLU A CG  1 
ATOM   347  C  CD  . GLU A 1 41  ? -3.565  -22.208 -0.856  1.00 57.07 ? 40   GLU A CD  1 
ATOM   348  O  OE1 . GLU A 1 41  ? -2.362  -21.851 -0.985  1.00 59.03 ? 40   GLU A OE1 1 
ATOM   349  O  OE2 . GLU A 1 41  ? -4.169  -22.907 -1.710  1.00 60.24 ? 40   GLU A OE2 1 
ATOM   350  N  N   . LYS A 1 42  ? -0.674  -21.544 3.198   1.00 32.80 ? 41   LYS A N   1 
ATOM   351  C  CA  . LYS A 1 42  ? 0.138   -22.015 4.298   1.00 34.47 ? 41   LYS A CA  1 
ATOM   352  C  C   . LYS A 1 42  ? 0.789   -20.880 5.067   1.00 30.45 ? 41   LYS A C   1 
ATOM   353  O  O   . LYS A 1 42  ? 1.377   -21.101 6.127   1.00 28.16 ? 41   LYS A O   1 
ATOM   354  C  CB  . LYS A 1 42  ? 1.186   -22.989 3.765   1.00 39.06 ? 41   LYS A CB  1 
ATOM   355  C  CG  . LYS A 1 42  ? 0.545   -24.246 3.167   1.00 45.32 ? 41   LYS A CG  1 
ATOM   356  C  CD  . LYS A 1 42  ? 1.540   -25.035 2.341   1.00 50.54 ? 41   LYS A CD  1 
ATOM   357  C  CE  . LYS A 1 42  ? 0.872   -26.202 1.613   1.00 54.26 ? 41   LYS A CE  1 
ATOM   358  N  NZ  . LYS A 1 42  ? 1.873   -26.871 0.706   1.00 56.45 ? 41   LYS A NZ  1 
ATOM   359  N  N   . ALA A 1 43  ? 0.670   -19.663 4.539   1.00 24.42 ? 42   ALA A N   1 
ATOM   360  C  CA  . ALA A 1 43  ? 1.282   -18.495 5.210   1.00 20.46 ? 42   ALA A CA  1 
ATOM   361  C  C   . ALA A 1 43  ? 0.613   -18.256 6.587   1.00 16.75 ? 42   ALA A C   1 
ATOM   362  O  O   . ALA A 1 43  ? -0.574  -18.384 6.721   1.00 17.33 ? 42   ALA A O   1 
ATOM   363  C  CB  . ALA A 1 43  ? 1.116   -17.252 4.322   1.00 17.19 ? 42   ALA A CB  1 
ATOM   364  N  N   . ASP A 1 44  ? 1.401   -17.910 7.592   1.00 16.14 ? 43   ASP A N   1 
ATOM   365  C  CA  . ASP A 1 44  ? 0.913   -17.640 8.933   1.00 17.90 ? 43   ASP A CA  1 
ATOM   366  C  C   . ASP A 1 44  ? 0.414   -16.172 8.991   1.00 17.52 ? 43   ASP A C   1 
ATOM   367  O  O   . ASP A 1 44  ? 1.206   -15.217 8.829   1.00 16.33 ? 43   ASP A O   1 
ATOM   368  C  CB  . ASP A 1 44  ? 2.064   -17.854 9.906   1.00 20.73 ? 43   ASP A CB  1 
ATOM   369  C  CG  . ASP A 1 44  ? 1.689   -17.579 11.355  1.00 27.24 ? 43   ASP A CG  1 
ATOM   370  O  OD1 . ASP A 1 44  ? 0.488   -17.473 11.656  1.00 33.45 ? 43   ASP A OD1 1 
ATOM   371  O  OD2 . ASP A 1 44  ? 2.597   -17.473 12.211  1.00 30.35 ? 43   ASP A OD2 1 
ATOM   372  N  N   . LEU A 1 45  ? -0.884  -16.010 9.219   1.00 18.08 ? 44   LEU A N   1 
ATOM   373  C  CA  . LEU A 1 45  ? -1.478  -14.670 9.305   1.00 18.68 ? 44   LEU A CA  1 
ATOM   374  C  C   . LEU A 1 45  ? -1.783  -14.260 10.747  1.00 18.18 ? 44   LEU A C   1 
ATOM   375  O  O   . LEU A 1 45  ? -2.460  -15.001 11.499  1.00 18.71 ? 44   LEU A O   1 
ATOM   376  C  CB  . LEU A 1 45  ? -2.761  -14.606 8.483   1.00 17.98 ? 44   LEU A CB  1 
ATOM   377  C  CG  . LEU A 1 45  ? -2.778  -14.117 7.027   1.00 23.04 ? 44   LEU A CG  1 
ATOM   378  C  CD1 . LEU A 1 45  ? -1.582  -14.566 6.264   1.00 19.66 ? 44   LEU A CD1 1 
ATOM   379  C  CD2 . LEU A 1 45  ? -4.070  -14.623 6.416   1.00 24.72 ? 44   LEU A CD2 1 
ATOM   380  N  N   . ARG A 1 46  ? -1.315  -13.065 11.126  1.00 15.46 ? 45   ARG A N   1 
ATOM   381  C  CA  . ARG A 1 46  ? -1.546  -12.569 12.476  1.00 14.30 ? 45   ARG A CA  1 
ATOM   382  C  C   . ARG A 1 46  ? -1.955  -11.103 12.440  1.00 16.13 ? 45   ARG A C   1 
ATOM   383  O  O   . ARG A 1 46  ? -1.615  -10.388 11.494  1.00 16.23 ? 45   ARG A O   1 
ATOM   384  C  CB  . ARG A 1 46  ? -0.269  -12.702 13.305  1.00 17.99 ? 45   ARG A CB  1 
ATOM   385  C  CG  . ARG A 1 46  ? 0.207   -14.155 13.454  1.00 20.88 ? 45   ARG A CG  1 
ATOM   386  C  CD  . ARG A 1 46  ? 1.578   -14.221 14.136  1.00 19.84 ? 45   ARG A CD  1 
ATOM   387  N  NE  . ARG A 1 46  ? 1.543   -13.700 15.494  1.00 24.52 ? 45   ARG A NE  1 
ATOM   388  C  CZ  . ARG A 1 46  ? 1.052   -14.375 16.532  1.00 27.18 ? 45   ARG A CZ  1 
ATOM   389  N  NH1 . ARG A 1 46  ? 0.566   -15.612 16.358  1.00 25.58 ? 45   ARG A NH1 1 
ATOM   390  N  NH2 . ARG A 1 46  ? 1.004   -13.807 17.738  1.00 23.41 ? 45   ARG A NH2 1 
ATOM   391  N  N   . LEU A 1 47  ? -2.720  -10.703 13.454  1.00 14.37 ? 46   LEU A N   1 
ATOM   392  C  CA  . LEU A 1 47  ? -3.181  -9.320  13.629  1.00 14.32 ? 46   LEU A CA  1 
ATOM   393  C  C   . LEU A 1 47  ? -2.308  -8.712  14.735  1.00 16.77 ? 46   LEU A C   1 
ATOM   394  O  O   . LEU A 1 47  ? -2.168  -9.242  15.875  1.00 16.38 ? 46   LEU A O   1 
ATOM   395  C  CB  . LEU A 1 47  ? -4.641  -9.285  14.065  1.00 15.95 ? 46   LEU A CB  1 
ATOM   396  C  CG  . LEU A 1 47  ? -5.359  -7.937  14.218  1.00 18.92 ? 46   LEU A CG  1 
ATOM   397  C  CD1 . LEU A 1 47  ? -5.429  -7.233  12.852  1.00 21.02 ? 46   LEU A CD1 1 
ATOM   398  C  CD2 . LEU A 1 47  ? -6.758  -8.208  14.732  1.00 21.82 ? 46   LEU A CD2 1 
ATOM   399  N  N   . VAL A 1 48  ? -1.667  -7.605  14.391  1.00 15.89 ? 47   VAL A N   1 
ATOM   400  C  CA  . VAL A 1 48  ? -0.819  -6.936  15.365  1.00 14.74 ? 47   VAL A CA  1 
ATOM   401  C  C   . VAL A 1 48  ? -1.428  -5.561  15.633  1.00 15.25 ? 47   VAL A C   1 
ATOM   402  O  O   . VAL A 1 48  ? -1.631  -4.801  14.681  1.00 17.65 ? 47   VAL A O   1 
ATOM   403  C  CB  . VAL A 1 48  ? 0.603   -6.740  14.795  1.00 14.70 ? 47   VAL A CB  1 
ATOM   404  C  CG1 . VAL A 1 48  ? 1.445   -6.046  15.783  1.00 16.14 ? 47   VAL A CG1 1 
ATOM   405  C  CG2 . VAL A 1 48  ? 1.224   -8.120  14.373  1.00 14.27 ? 47   VAL A CG2 1 
ATOM   406  N  N   . LYS A 1 49  ? -1.746  -5.266  16.896  1.00 11.29 ? 48   LYS A N   1 
ATOM   407  C  CA  . LYS A 1 49  ? -2.270  -3.945  17.310  1.00 14.85 ? 48   LYS A CA  1 
ATOM   408  C  C   . LYS A 1 49  ? -1.113  -3.229  18.018  1.00 16.05 ? 48   LYS A C   1 
ATOM   409  O  O   . LYS A 1 49  ? -0.443  -3.803  18.887  1.00 17.43 ? 48   LYS A O   1 
ATOM   410  C  CB  . LYS A 1 49  ? -3.461  -4.107  18.253  1.00 19.50 ? 48   LYS A CB  1 
ATOM   411  C  CG  . LYS A 1 49  ? -4.602  -4.865  17.584  1.00 28.58 ? 48   LYS A CG  1 
ATOM   412  C  CD  . LYS A 1 49  ? -5.932  -4.915  18.383  1.00 33.47 ? 48   LYS A CD  1 
ATOM   413  C  CE  . LYS A 1 49  ? -5.819  -5.720  19.660  1.00 38.10 ? 48   LYS A CE  1 
ATOM   414  N  NZ  . LYS A 1 49  ? -7.132  -5.754  20.425  1.00 41.54 ? 48   LYS A NZ  1 
ATOM   415  N  N   . ALA A 1 50  ? -0.810  -2.002  17.619  1.00 12.33 ? 49   ALA A N   1 
ATOM   416  C  CA  . ALA A 1 50  ? 0.302   -1.266  18.229  1.00 14.50 ? 49   ALA A CA  1 
ATOM   417  C  C   . ALA A 1 50  ? -0.306  0.011   18.779  1.00 16.37 ? 49   ALA A C   1 
ATOM   418  O  O   . ALA A 1 50  ? -0.943  0.760   18.032  1.00 15.83 ? 49   ALA A O   1 
ATOM   419  C  CB  . ALA A 1 50  ? 1.337   -0.880  17.176  1.00 11.77 ? 49   ALA A CB  1 
ATOM   420  N  N   . ARG A 1 51  ? -0.149  0.235   20.066  1.00 15.88 ? 50   ARG A N   1 
ATOM   421  C  CA  . ARG A 1 51  ? -0.663  1.444   20.617  1.00 15.90 ? 50   ARG A CA  1 
ATOM   422  C  C   . ARG A 1 51  ? 0.483   2.415   20.854  1.00 15.57 ? 50   ARG A C   1 
ATOM   423  O  O   . ARG A 1 51  ? 1.412   2.122   21.562  1.00 16.58 ? 50   ARG A O   1 
ATOM   424  C  CB  . ARG A 1 51  ? -1.430  1.183   21.900  1.00 17.66 ? 50   ARG A CB  1 
ATOM   425  C  CG  . ARG A 1 51  ? -2.073  2.490   22.510  1.00 23.68 ? 50   ARG A CG  1 
ATOM   426  C  CD  . ARG A 1 51  ? -2.975  2.164   23.748  1.00 31.22 ? 50   ARG A CD  1 
ATOM   427  N  NE  . ARG A 1 51  ? -2.277  1.488   24.854  1.00 34.95 ? 50   ARG A NE  1 
ATOM   428  C  CZ  . ARG A 1 51  ? -1.463  2.091   25.727  1.00 39.57 ? 50   ARG A CZ  1 
ATOM   429  N  NH1 . ARG A 1 51  ? -1.225  3.406   25.638  1.00 41.31 ? 50   ARG A NH1 1 
ATOM   430  N  NH2 . ARG A 1 51  ? -0.900  1.374   26.710  1.00 39.39 ? 50   ARG A NH2 1 
ATOM   431  N  N   . THR A 1 52  ? 0.388   3.595   20.273  1.00 14.90 ? 51   THR A N   1 
ATOM   432  C  CA  . THR A 1 52  ? 1.422   4.603   20.395  1.00 15.13 ? 51   THR A CA  1 
ATOM   433  C  C   . THR A 1 52  ? 0.854   5.791   21.126  1.00 15.75 ? 51   THR A C   1 
ATOM   434  O  O   . THR A 1 52  ? -0.283  5.771   21.578  1.00 15.12 ? 51   THR A O   1 
ATOM   435  C  CB  . THR A 1 52  ? 1.864   5.063   19.008  1.00 15.82 ? 51   THR A CB  1 
ATOM   436  O  OG1 . THR A 1 52  ? 0.811   5.854   18.425  1.00 15.42 ? 51   THR A OG1 1 
ATOM   437  C  CG2 . THR A 1 52  ? 2.146   3.843   18.133  1.00 16.24 ? 51   THR A CG2 1 
ATOM   438  N  N   . ASP A 1 53  ? 1.657   6.827   21.253  1.00 19.12 ? 52   ASP A N   1 
ATOM   439  C  CA  . ASP A 1 53  ? 1.198   8.023   21.952  1.00 22.92 ? 52   ASP A CA  1 
ATOM   440  C  C   . ASP A 1 53  ? 0.000   8.685   21.297  1.00 19.87 ? 52   ASP A C   1 
ATOM   441  O  O   . ASP A 1 53  ? -0.825  9.242   21.993  1.00 19.86 ? 52   ASP A O   1 
ATOM   442  C  CB  . ASP A 1 53  ? 2.320   9.072   22.043  1.00 27.70 ? 52   ASP A CB  1 
ATOM   443  C  CG  . ASP A 1 53  ? 3.409   8.669   23.013  1.00 35.76 ? 52   ASP A CG  1 
ATOM   444  O  OD1 . ASP A 1 53  ? 3.102   7.942   23.992  1.00 39.34 ? 52   ASP A OD1 1 
ATOM   445  O  OD2 . ASP A 1 53  ? 4.581   9.084   22.816  1.00 41.60 ? 52   ASP A OD2 1 
ATOM   446  N  N   . SER A 1 54  ? -0.082  8.622   19.972  1.00 15.98 ? 53   SER A N   1 
ATOM   447  C  CA  . SER A 1 54  ? -1.168  9.295   19.257  1.00 18.49 ? 53   SER A CA  1 
ATOM   448  C  C   . SER A 1 54  ? -2.407  8.446   19.080  1.00 16.50 ? 53   SER A C   1 
ATOM   449  O  O   . SER A 1 54  ? -3.511  8.971   19.000  1.00 16.81 ? 53   SER A O   1 
ATOM   450  C  CB  . SER A 1 54  ? -0.675  9.814   17.865  1.00 20.66 ? 53   SER A CB  1 
ATOM   451  O  OG  . SER A 1 54  ? -0.569  8.757   16.906  1.00 18.58 ? 53   SER A OG  1 
ATOM   452  N  N   . GLY A 1 55  ? -2.221  7.126   19.023  1.00 15.10 ? 54   GLY A N   1 
ATOM   453  C  CA  . GLY A 1 55  ? -3.358  6.269   18.837  1.00 16.08 ? 54   GLY A CA  1 
ATOM   454  C  C   . GLY A 1 55  ? -2.983  4.830   18.530  1.00 16.59 ? 54   GLY A C   1 
ATOM   455  O  O   . GLY A 1 55  ? -1.896  4.394   18.894  1.00 14.72 ? 54   GLY A O   1 
ATOM   456  N  N   . GLU A 1 56  ? -3.872  4.124   17.837  1.00 14.84 ? 55   GLU A N   1 
ATOM   457  C  CA  . GLU A 1 56  ? -3.684  2.706   17.545  1.00 17.87 ? 55   GLU A CA  1 
ATOM   458  C  C   . GLU A 1 56  ? -3.597  2.358   16.079  1.00 17.15 ? 55   GLU A C   1 
ATOM   459  O  O   . GLU A 1 56  ? -4.338  2.925   15.279  1.00 18.38 ? 55   GLU A O   1 
ATOM   460  C  CB  . GLU A 1 56  ? -4.850  1.922   18.128  1.00 22.41 ? 55   GLU A CB  1 
ATOM   461  C  CG  . GLU A 1 56  ? -4.985  2.036   19.631  1.00 37.83 ? 55   GLU A CG  1 
ATOM   462  C  CD  . GLU A 1 56  ? -6.023  1.053   20.181  1.00 42.62 ? 55   GLU A CD  1 
ATOM   463  O  OE1 . GLU A 1 56  ? -6.076  -0.111  19.689  1.00 44.41 ? 55   GLU A OE1 1 
ATOM   464  O  OE2 . GLU A 1 56  ? -6.772  1.451   21.105  1.00 48.62 ? 55   GLU A OE2 1 
ATOM   465  N  N   . TYR A 1 57  ? -2.723  1.393   15.757  1.00 13.57 ? 56   TYR A N   1 
ATOM   466  C  CA  . TYR A 1 57  ? -2.534  0.923   14.388  1.00 11.32 ? 56   TYR A CA  1 
ATOM   467  C  C   . TYR A 1 57  ? -2.820  -0.581  14.428  1.00 14.21 ? 56   TYR A C   1 
ATOM   468  O  O   . TYR A 1 57  ? -2.540  -1.230  15.444  1.00 14.78 ? 56   TYR A O   1 
ATOM   469  C  CB  . TYR A 1 57  ? -1.069  1.105   13.967  1.00 9.70  ? 56   TYR A CB  1 
ATOM   470  C  CG  . TYR A 1 57  ? -0.577  2.546   13.896  1.00 10.98 ? 56   TYR A CG  1 
ATOM   471  C  CD1 . TYR A 1 57  ? -0.277  3.260   15.054  1.00 10.04 ? 56   TYR A CD1 1 
ATOM   472  C  CD2 . TYR A 1 57  ? -0.393  3.173   12.670  1.00 9.36  ? 56   TYR A CD2 1 
ATOM   473  C  CE1 . TYR A 1 57  ? 0.175   4.577   15.000  1.00 10.85 ? 56   TYR A CE1 1 
ATOM   474  C  CE2 . TYR A 1 57  ? 0.082   4.454   12.599  1.00 12.88 ? 56   TYR A CE2 1 
ATOM   475  C  CZ  . TYR A 1 57  ? 0.356   5.166   13.762  1.00 10.87 ? 56   TYR A CZ  1 
ATOM   476  O  OH  . TYR A 1 57  ? 0.769   6.488   13.702  1.00 12.57 ? 56   TYR A OH  1 
ATOM   477  N  N   . GLU A 1 58  ? -3.384  -1.139  13.371  1.00 11.53 ? 57   GLU A N   1 
ATOM   478  C  CA  . GLU A 1 58  ? -3.592  -2.600  13.350  1.00 11.69 ? 57   GLU A CA  1 
ATOM   479  C  C   . GLU A 1 58  ? -3.025  -3.001  12.031  1.00 13.07 ? 57   GLU A C   1 
ATOM   480  O  O   . GLU A 1 58  ? -3.390  -2.399  11.013  1.00 15.04 ? 57   GLU A O   1 
ATOM   481  C  CB  . GLU A 1 58  ? -5.053  -2.949  13.338  1.00 16.33 ? 57   GLU A CB  1 
ATOM   482  C  CG  . GLU A 1 58  ? -5.686  -2.790  14.673  1.00 25.44 ? 57   GLU A CG  1 
ATOM   483  C  CD  . GLU A 1 58  ? -7.080  -3.384  14.692  1.00 30.98 ? 57   GLU A CD  1 
ATOM   484  O  OE1 . GLU A 1 58  ? -7.301  -4.434  14.061  1.00 34.73 ? 57   GLU A OE1 1 
ATOM   485  O  OE2 . GLU A 1 58  ? -7.940  -2.797  15.350  1.00 37.76 ? 57   GLU A OE2 1 
ATOM   486  N  N   . ILE A 1 59  ? -2.146  -3.998  12.029  1.00 12.58 ? 58   ILE A N   1 
ATOM   487  C  CA  . ILE A 1 59  ? -1.498  -4.453  10.813  1.00 12.32 ? 58   ILE A CA  1 
ATOM   488  C  C   . ILE A 1 59  ? -1.629  -5.992  10.736  1.00 12.53 ? 58   ILE A C   1 
ATOM   489  O  O   . ILE A 1 59  ? -1.402  -6.641  11.723  1.00 14.19 ? 58   ILE A O   1 
ATOM   490  C  CB  . ILE A 1 59  ? 0.003   -4.137  10.864  1.00 10.34 ? 58   ILE A CB  1 
ATOM   491  C  CG1 . ILE A 1 59  ? 0.199   -2.599  10.785  1.00 14.53 ? 58   ILE A CG1 1 
ATOM   492  C  CG2 . ILE A 1 59  ? 0.726   -4.773  9.678   1.00 15.40 ? 58   ILE A CG2 1 
ATOM   493  C  CD1 . ILE A 1 59  ? 1.665   -2.242  11.117  1.00 16.66 ? 58   ILE A CD1 1 
ATOM   494  N  N   . ILE A 1 60  ? -1.989  -6.545  9.579   1.00 12.61 ? 59   ILE A N   1 
ATOM   495  C  CA  . ILE A 1 60  ? -2.034  -8.006  9.457   1.00 11.16 ? 59   ILE A CA  1 
ATOM   496  C  C   . ILE A 1 60  ? -0.655  -8.421  8.951   1.00 12.73 ? 59   ILE A C   1 
ATOM   497  O  O   . ILE A 1 60  ? -0.195  -7.897  7.911   1.00 11.73 ? 59   ILE A O   1 
ATOM   498  C  CB  . ILE A 1 60  ? -3.068  -8.417  8.421   1.00 12.41 ? 59   ILE A CB  1 
ATOM   499  C  CG1 . ILE A 1 60  ? -4.468  -8.134  8.990   1.00 17.04 ? 59   ILE A CG1 1 
ATOM   500  C  CG2 . ILE A 1 60  ? -2.891  -9.923  8.060   1.00 11.17 ? 59   ILE A CG2 1 
ATOM   501  C  CD1 . ILE A 1 60  ? -5.598  -8.347  7.921   1.00 18.30 ? 59   ILE A CD1 1 
ATOM   502  N  N   . THR A 1 61  ? 0.027   -9.325  9.663   1.00 12.51 ? 60   THR A N   1 
ATOM   503  C  CA  . THR A 1 61  ? 1.328   -9.790  9.218   1.00 10.87 ? 60   THR A CA  1 
ATOM   504  C  C   . THR A 1 61  ? 1.176   -11.091 8.500   1.00 13.96 ? 60   THR A C   1 
ATOM   505  O  O   . THR A 1 61  ? 0.256   -11.865 8.778   1.00 14.19 ? 60   THR A O   1 
ATOM   506  C  CB  . THR A 1 61  ? 2.356   -9.970  10.396  1.00 12.38 ? 60   THR A CB  1 
ATOM   507  O  OG1 . THR A 1 61  ? 1.816   -10.882 11.367  1.00 12.90 ? 60   THR A OG1 1 
ATOM   508  C  CG2 . THR A 1 61  ? 2.664   -8.595  11.071  1.00 12.31 ? 60   THR A CG2 1 
ATOM   509  N  N   . VAL A 1 62  ? 2.079   -11.320 7.550   1.00 10.82 ? 61   VAL A N   1 
ATOM   510  C  CA  . VAL A 1 62  ? 2.055   -12.533 6.733   1.00 13.90 ? 61   VAL A CA  1 
ATOM   511  C  C   . VAL A 1 62  ? 3.429   -13.136 6.909   1.00 13.72 ? 61   VAL A C   1 
ATOM   512  O  O   . VAL A 1 62  ? 4.419   -12.587 6.427   1.00 13.36 ? 61   VAL A O   1 
ATOM   513  C  CB  . VAL A 1 62  ? 1.775   -12.208 5.243   1.00 14.76 ? 61   VAL A CB  1 
ATOM   514  C  CG1 . VAL A 1 62  ? 1.819   -13.532 4.406   1.00 14.81 ? 61   VAL A CG1 1 
ATOM   515  C  CG2 . VAL A 1 62  ? 0.394   -11.574 5.105   1.00 10.21 ? 61   VAL A CG2 1 
ATOM   516  N  N   . ASP A 1 63  ? 3.488   -14.254 7.632   1.00 16.79 ? 62   ASP A N   1 
ATOM   517  C  CA  . ASP A 1 63  ? 4.786   -14.868 7.962   1.00 17.70 ? 62   ASP A CA  1 
ATOM   518  C  C   . ASP A 1 63  ? 5.711   -13.818 8.598   1.00 19.21 ? 62   ASP A C   1 
ATOM   519  O  O   . ASP A 1 63  ? 6.916   -13.755 8.319   1.00 19.15 ? 62   ASP A O   1 
ATOM   520  C  CB  . ASP A 1 63  ? 5.445   -15.488 6.718   1.00 19.09 ? 62   ASP A CB  1 
ATOM   521  C  CG  . ASP A 1 63  ? 4.756   -16.755 6.299   1.00 21.62 ? 62   ASP A CG  1 
ATOM   522  O  OD1 . ASP A 1 63  ? 4.205   -17.402 7.200   1.00 23.54 ? 62   ASP A OD1 1 
ATOM   523  O  OD2 . ASP A 1 63  ? 4.739   -17.110 5.113   1.00 20.91 ? 62   ASP A OD2 1 
ATOM   524  N  N   . GLY A 1 64  ? 5.120   -12.974 9.439   1.00 17.44 ? 63   GLY A N   1 
ATOM   525  C  CA  . GLY A 1 64  ? 5.873   -11.976 10.165  1.00 17.78 ? 63   GLY A CA  1 
ATOM   526  C  C   . GLY A 1 64  ? 6.092   -10.657 9.453   1.00 16.82 ? 63   GLY A C   1 
ATOM   527  O  O   . GLY A 1 64  ? 6.498   -9.710  10.096  1.00 20.21 ? 63   GLY A O   1 
ATOM   528  N  N   . VAL A 1 65  ? 5.801   -10.585 8.159   1.00 16.16 ? 64   VAL A N   1 
ATOM   529  C  CA  . VAL A 1 65  ? 5.976   -9.324  7.397   1.00 14.46 ? 64   VAL A CA  1 
ATOM   530  C  C   . VAL A 1 65  ? 4.706   -8.449  7.554   1.00 11.81 ? 64   VAL A C   1 
ATOM   531  O  O   . VAL A 1 65  ? 3.608   -8.922  7.333   1.00 12.03 ? 64   VAL A O   1 
ATOM   532  C  CB  . VAL A 1 65  ? 6.200   -9.622  5.886   1.00 15.97 ? 64   VAL A CB  1 
ATOM   533  C  CG1 . VAL A 1 65  ? 6.374   -8.309  5.110   1.00 14.67 ? 64   VAL A CG1 1 
ATOM   534  C  CG2 . VAL A 1 65  ? 7.422   -10.500 5.679   1.00 17.89 ? 64   VAL A CG2 1 
ATOM   535  N  N   . PRO A 1 66  ? 4.855   -7.172  7.971   1.00 10.58 ? 65   PRO A N   1 
ATOM   536  C  CA  . PRO A 1 66  ? 3.666   -6.328  8.124   1.00 11.29 ? 65   PRO A CA  1 
ATOM   537  C  C   . PRO A 1 66  ? 3.152   -5.984  6.696   1.00 12.37 ? 65   PRO A C   1 
ATOM   538  O  O   . PRO A 1 66  ? 3.684   -5.118  6.021   1.00 14.75 ? 65   PRO A O   1 
ATOM   539  C  CB  . PRO A 1 66  ? 4.198   -5.109  8.887   1.00 10.59 ? 65   PRO A CB  1 
ATOM   540  C  CG  . PRO A 1 66  ? 5.629   -4.996  8.400   1.00 11.83 ? 65   PRO A CG  1 
ATOM   541  C  CD  . PRO A 1 66  ? 6.101   -6.448  8.327   1.00 12.16 ? 65   PRO A CD  1 
ATOM   542  N  N   . CYS A 1 67  ? 2.104   -6.646  6.268   1.00 13.06 ? 66   CYS A N   1 
ATOM   543  C  CA  . CYS A 1 67  ? 1.597   -6.487  4.913   1.00 10.90 ? 66   CYS A CA  1 
ATOM   544  C  C   . CYS A 1 67  ? 0.297   -5.766  4.622   1.00 11.72 ? 66   CYS A C   1 
ATOM   545  O  O   . CYS A 1 67  ? 0.201   -5.170  3.575   1.00 12.26 ? 66   CYS A O   1 
ATOM   546  C  CB  . CYS A 1 67  ? 1.425   -7.889  4.324   1.00 13.95 ? 66   CYS A CB  1 
ATOM   547  S  SG  . CYS A 1 67  ? 2.934   -8.719  4.018   1.00 14.53 ? 66   CYS A SG  1 
ATOM   548  N  N   . LEU A 1 68  ? -0.712  -5.846  5.517   1.00 7.44  ? 67   LEU A N   1 
ATOM   549  C  CA  . LEU A 1 68  ? -2.025  -5.337  5.143   1.00 9.29  ? 67   LEU A CA  1 
ATOM   550  C  C   . LEU A 1 68  ? -2.656  -4.528  6.223   1.00 9.66  ? 67   LEU A C   1 
ATOM   551  O  O   . LEU A 1 68  ? -2.413  -4.775  7.422   1.00 12.42 ? 67   LEU A O   1 
ATOM   552  C  CB  . LEU A 1 68  ? -2.962  -6.517  4.827   1.00 11.00 ? 67   LEU A CB  1 
ATOM   553  C  CG  . LEU A 1 68  ? -2.504  -7.476  3.725   1.00 10.17 ? 67   LEU A CG  1 
ATOM   554  C  CD1 . LEU A 1 68  ? -3.402  -8.729  3.732   1.00 15.25 ? 67   LEU A CD1 1 
ATOM   555  C  CD2 . LEU A 1 68  ? -2.587  -6.794  2.343   1.00 11.02 ? 67   LEU A CD2 1 
ATOM   556  N  N   . PHE A 1 69  ? -3.452  -3.558  5.811   1.00 9.69  ? 68   PHE A N   1 
ATOM   557  C  CA  . PHE A 1 69  ? -4.147  -2.744  6.814   1.00 11.31 ? 68   PHE A CA  1 
ATOM   558  C  C   . PHE A 1 69  ? -5.506  -2.296  6.273   1.00 13.13 ? 68   PHE A C   1 
ATOM   559  O  O   . PHE A 1 69  ? -5.721  -2.222  5.074   1.00 9.59  ? 68   PHE A O   1 
ATOM   560  C  CB  . PHE A 1 69  ? -3.331  -1.516  7.196   1.00 12.30 ? 68   PHE A CB  1 
ATOM   561  C  CG  . PHE A 1 69  ? -3.096  -0.554  6.062   1.00 10.87 ? 68   PHE A CG  1 
ATOM   562  C  CD1 . PHE A 1 69  ? -3.901  0.609   5.919   1.00 10.26 ? 68   PHE A CD1 1 
ATOM   563  C  CD2 . PHE A 1 69  ? -2.053  -0.776  5.160   1.00 9.82  ? 68   PHE A CD2 1 
ATOM   564  C  CE1 . PHE A 1 69  ? -3.644  1.546   4.848   1.00 8.22  ? 68   PHE A CE1 1 
ATOM   565  C  CE2 . PHE A 1 69  ? -1.780  0.113   4.112   1.00 11.54 ? 68   PHE A CE2 1 
ATOM   566  C  CZ  . PHE A 1 69  ? -2.579  1.285   3.944   1.00 9.69  ? 68   PHE A CZ  1 
ATOM   567  N  N   . GLU A 1 70  ? -6.421  -2.007  7.189   1.00 12.89 ? 69   GLU A N   1 
ATOM   568  C  CA  . GLU A 1 70  ? -7.757  -1.603  6.798   1.00 10.83 ? 69   GLU A CA  1 
ATOM   569  C  C   . GLU A 1 70  ? -7.790  -0.056  6.808   1.00 15.12 ? 69   GLU A C   1 
ATOM   570  O  O   . GLU A 1 70  ? -7.421  0.537   7.800   1.00 12.28 ? 69   GLU A O   1 
ATOM   571  C  CB  . GLU A 1 70  ? -8.775  -2.123  7.822   1.00 16.59 ? 69   GLU A CB  1 
ATOM   572  C  CG  . GLU A 1 70  ? -10.175 -1.572  7.466   1.00 21.75 ? 69   GLU A CG  1 
ATOM   573  C  CD  . GLU A 1 70  ? -11.245 -2.072  8.436   1.00 29.82 ? 69   GLU A CD  1 
ATOM   574  O  OE1 . GLU A 1 70  ? -11.931 -3.066  8.144   1.00 28.68 ? 69   GLU A OE1 1 
ATOM   575  O  OE2 . GLU A 1 70  ? -11.385 -1.458  9.509   1.00 33.73 ? 69   GLU A OE2 1 
ATOM   576  N  N   . TRP A 1 71  ? -8.249  0.561   5.718   1.00 12.15 ? 70   TRP A N   1 
ATOM   577  C  CA  . TRP A 1 71  ? -8.305  2.020   5.662   1.00 17.17 ? 70   TRP A CA  1 
ATOM   578  C  C   . TRP A 1 71  ? -9.707  2.486   6.049   1.00 18.73 ? 70   TRP A C   1 
ATOM   579  O  O   . TRP A 1 71  ? -10.664 1.684   6.218   1.00 16.54 ? 70   TRP A O   1 
ATOM   580  C  CB  . TRP A 1 71  ? -7.956  2.465   4.224   1.00 19.71 ? 70   TRP A CB  1 
ATOM   581  C  CG  . TRP A 1 71  ? -7.832  3.942   3.956   1.00 23.01 ? 70   TRP A CG  1 
ATOM   582  C  CD1 . TRP A 1 71  ? -8.458  4.653   2.940   1.00 23.99 ? 70   TRP A CD1 1 
ATOM   583  C  CD2 . TRP A 1 71  ? -6.976  4.864   4.616   1.00 24.83 ? 70   TRP A CD2 1 
ATOM   584  N  NE1 . TRP A 1 71  ? -8.029  5.961   2.943   1.00 25.26 ? 70   TRP A NE1 1 
ATOM   585  C  CE2 . TRP A 1 71  ? -7.117  6.124   3.955   1.00 25.76 ? 70   TRP A CE2 1 
ATOM   586  C  CE3 . TRP A 1 71  ? -6.097  4.761   5.689   1.00 27.09 ? 70   TRP A CE3 1 
ATOM   587  C  CZ2 . TRP A 1 71  ? -6.411  7.259   4.335   1.00 28.33 ? 70   TRP A CZ2 1 
ATOM   588  C  CZ3 . TRP A 1 71  ? -5.379  5.917   6.079   1.00 32.07 ? 70   TRP A CZ3 1 
ATOM   589  C  CH2 . TRP A 1 71  ? -5.549  7.144   5.394   1.00 31.42 ? 70   TRP A CH2 1 
ATOM   590  N  N   . SER A 1 72  ? -9.859  3.797   6.126   1.00 20.09 ? 71   SER A N   1 
ATOM   591  C  CA  . SER A 1 72  ? -11.148 4.357   6.515   1.00 20.13 ? 71   SER A CA  1 
ATOM   592  C  C   . SER A 1 72  ? -12.284 4.089   5.535   1.00 20.13 ? 71   SER A C   1 
ATOM   593  O  O   . SER A 1 72  ? -13.448 4.283   5.870   1.00 22.01 ? 71   SER A O   1 
ATOM   594  C  CB  . SER A 1 72  ? -10.969 5.865   6.784   1.00 24.11 ? 71   SER A CB  1 
ATOM   595  O  OG  . SER A 1 72  ? -10.427 6.527   5.662   1.00 20.21 ? 71   SER A OG  1 
ATOM   596  N  N   . ASP A 1 73  ? -11.980 3.613   4.333   1.00 18.77 ? 72   ASP A N   1 
ATOM   597  C  CA  . ASP A 1 73  ? -13.043 3.332   3.367   1.00 16.36 ? 72   ASP A CA  1 
ATOM   598  C  C   . ASP A 1 73  ? -13.498 1.880   3.492   1.00 17.38 ? 72   ASP A C   1 
ATOM   599  O  O   . ASP A 1 73  ? -14.246 1.398   2.664   1.00 17.70 ? 72   ASP A O   1 
ATOM   600  C  CB  . ASP A 1 73  ? -12.590 3.588   1.928   1.00 16.04 ? 72   ASP A CB  1 
ATOM   601  C  CG  . ASP A 1 73  ? -11.353 2.772   1.541   1.00 20.40 ? 72   ASP A CG  1 
ATOM   602  O  OD1 . ASP A 1 73  ? -10.936 1.922   2.359   1.00 16.10 ? 72   ASP A OD1 1 
ATOM   603  O  OD2 . ASP A 1 73  ? -10.829 2.975   0.411   1.00 19.73 ? 72   ASP A OD2 1 
ATOM   604  N  N   . GLY A 1 74  ? -12.997 1.219   4.523   1.00 15.08 ? 73   GLY A N   1 
ATOM   605  C  CA  . GLY A 1 74  ? -13.341 -0.170  4.800   1.00 15.47 ? 73   GLY A CA  1 
ATOM   606  C  C   . GLY A 1 74  ? -12.663 -1.227  3.930   1.00 14.16 ? 73   GLY A C   1 
ATOM   607  O  O   . GLY A 1 74  ? -12.993 -2.434  4.009   1.00 15.51 ? 73   GLY A O   1 
ATOM   608  N  N   . ARG A 1 75  ? -11.733 -0.805  3.066   1.00 14.24 ? 74   ARG A N   1 
ATOM   609  C  CA  . ARG A 1 75  ? -11.035 -1.774  2.234   1.00 13.04 ? 74   ARG A CA  1 
ATOM   610  C  C   . ARG A 1 75  ? -9.683  -2.050  2.834   1.00 11.27 ? 74   ARG A C   1 
ATOM   611  O  O   . ARG A 1 75  ? -9.135  -1.235  3.547   1.00 14.67 ? 74   ARG A O   1 
ATOM   612  C  CB  . ARG A 1 75  ? -10.817 -1.258  0.822   1.00 16.41 ? 74   ARG A CB  1 
ATOM   613  C  CG  . ARG A 1 75  ? -12.110 -0.995  0.087   1.00 22.44 ? 74   ARG A CG  1 
ATOM   614  C  CD  . ARG A 1 75  ? -11.817 -0.909  -1.441  1.00 29.28 ? 74   ARG A CD  1 
ATOM   615  N  NE  . ARG A 1 75  ? -11.018 0.287   -1.772  1.00 25.95 ? 74   ARG A NE  1 
ATOM   616  C  CZ  . ARG A 1 75  ? -10.668 0.610   -3.016  1.00 25.73 ? 74   ARG A CZ  1 
ATOM   617  N  NH1 . ARG A 1 75  ? -11.026 -0.185  -4.045  1.00 17.67 ? 74   ARG A NH1 1 
ATOM   618  N  NH2 . ARG A 1 75  ? -10.022 1.748   -3.230  1.00 21.30 ? 74   ARG A NH2 1 
ATOM   619  N  N   . ILE A 1 76  ? -9.141  -3.196  2.493   1.00 10.06 ? 75   ILE A N   1 
ATOM   620  C  CA  . ILE A 1 76  ? -7.794  -3.619  2.955   1.00 9.55  ? 75   ILE A CA  1 
ATOM   621  C  C   . ILE A 1 76  ? -6.743  -3.276  1.841   1.00 11.12 ? 75   ILE A C   1 
ATOM   622  O  O   . ILE A 1 76  ? -6.913  -3.642  0.642   1.00 13.87 ? 75   ILE A O   1 
ATOM   623  C  CB  . ILE A 1 76  ? -7.793  -5.131  3.147   1.00 12.35 ? 75   ILE A CB  1 
ATOM   624  C  CG1 . ILE A 1 76  ? -8.850  -5.483  4.171   1.00 14.33 ? 75   ILE A CG1 1 
ATOM   625  C  CG2 . ILE A 1 76  ? -6.407  -5.620  3.530   1.00 12.26 ? 75   ILE A CG2 1 
ATOM   626  C  CD1 . ILE A 1 76  ? -8.370  -5.700  5.533   1.00 22.60 ? 75   ILE A CD1 1 
ATOM   627  N  N   . TYR A 1 77  ? -5.678  -2.590  2.256   1.00 8.61  ? 76   TYR A N   1 
ATOM   628  C  CA  . TYR A 1 77  ? -4.595  -2.126  1.380   1.00 7.15  ? 76   TYR A CA  1 
ATOM   629  C  C   . TYR A 1 77  ? -3.265  -2.742  1.780   1.00 8.26  ? 76   TYR A C   1 
ATOM   630  O  O   . TYR A 1 77  ? -3.083  -3.128  2.929   1.00 8.54  ? 76   TYR A O   1 
ATOM   631  C  CB  . TYR A 1 77  ? -4.423  -0.597  1.557   1.00 8.37  ? 76   TYR A CB  1 
ATOM   632  C  CG  . TYR A 1 77  ? -5.516  0.227   0.964   1.00 9.64  ? 76   TYR A CG  1 
ATOM   633  C  CD1 . TYR A 1 77  ? -5.341  0.826   -0.268  1.00 10.13 ? 76   TYR A CD1 1 
ATOM   634  C  CD2 . TYR A 1 77  ? -6.737  0.380   1.618   1.00 10.02 ? 76   TYR A CD2 1 
ATOM   635  C  CE1 . TYR A 1 77  ? -6.394  1.579   -0.859  1.00 11.74 ? 76   TYR A CE1 1 
ATOM   636  C  CE2 . TYR A 1 77  ? -7.783  1.131   1.045   1.00 14.14 ? 76   TYR A CE2 1 
ATOM   637  C  CZ  . TYR A 1 77  ? -7.601  1.732   -0.202  1.00 11.49 ? 76   TYR A CZ  1 
ATOM   638  O  OH  . TYR A 1 77  ? -8.595  2.517   -0.749  1.00 12.42 ? 76   TYR A OH  1 
ATOM   639  N  N   . PRO A 1 78  ? -2.317  -2.824  0.834   1.00 9.91  ? 77   PRO A N   1 
ATOM   640  C  CA  . PRO A 1 78  ? -1.003  -3.382  1.195   1.00 7.51  ? 77   PRO A CA  1 
ATOM   641  C  C   . PRO A 1 78  ? -0.076  -2.256  1.691   1.00 10.49 ? 77   PRO A C   1 
ATOM   642  O  O   . PRO A 1 78  ? -0.196  -1.107  1.265   1.00 9.69  ? 77   PRO A O   1 
ATOM   643  C  CB  . PRO A 1 78  ? -0.467  -3.912  -0.129  1.00 10.63 ? 77   PRO A CB  1 
ATOM   644  C  CG  . PRO A 1 78  ? -1.078  -2.859  -1.158  1.00 8.47  ? 77   PRO A CG  1 
ATOM   645  C  CD  . PRO A 1 78  ? -2.484  -2.684  -0.638  1.00 7.58  ? 77   PRO A CD  1 
ATOM   646  N  N   . THR A 1 79  ? 0.867   -2.612  2.561   1.00 9.44  ? 78   THR A N   1 
ATOM   647  C  CA  . THR A 1 79  ? 1.884   -1.664  2.996   1.00 9.20  ? 78   THR A CA  1 
ATOM   648  C  C   . THR A 1 79  ? 2.939   -1.741  1.892   1.00 11.60 ? 78   THR A C   1 
ATOM   649  O  O   . THR A 1 79  ? 2.934   -2.705  1.044   1.00 10.03 ? 78   THR A O   1 
ATOM   650  C  CB  . THR A 1 79  ? 2.596   -2.169  4.271   1.00 8.54  ? 78   THR A CB  1 
ATOM   651  O  OG1 . THR A 1 79  ? 3.066   -3.527  4.023   1.00 8.91  ? 78   THR A OG1 1 
ATOM   652  C  CG2 . THR A 1 79  ? 1.625   -2.125  5.468   1.00 8.74  ? 78   THR A CG2 1 
ATOM   653  N  N   . LEU A 1 80  ? 3.867   -0.791  1.887   1.00 8.38  ? 79   LEU A N   1 
ATOM   654  C  CA  . LEU A 1 80  ? 4.939   -0.916  0.906   1.00 9.53  ? 79   LEU A CA  1 
ATOM   655  C  C   . LEU A 1 80  ? 5.798   -2.125  1.249   1.00 9.80  ? 79   LEU A C   1 
ATOM   656  O  O   . LEU A 1 80  ? 6.458   -2.696  0.353   1.00 10.78 ? 79   LEU A O   1 
ATOM   657  C  CB  . LEU A 1 80  ? 5.841   0.321   0.865   1.00 10.02 ? 79   LEU A CB  1 
ATOM   658  C  CG  . LEU A 1 80  ? 5.160   1.632   0.461   1.00 10.23 ? 79   LEU A CG  1 
ATOM   659  C  CD1 . LEU A 1 80  ? 6.265   2.702   0.475   1.00 14.89 ? 79   LEU A CD1 1 
ATOM   660  C  CD2 . LEU A 1 80  ? 4.518   1.513   -0.974  1.00 15.20 ? 79   LEU A CD2 1 
ATOM   661  N  N   . GLN A 1 81  ? 5.875   -2.498  2.532   1.00 10.56 ? 80   GLN A N   1 
ATOM   662  C  CA  . GLN A 1 81  ? 6.678   -3.701  2.907   1.00 10.62 ? 80   GLN A CA  1 
ATOM   663  C  C   . GLN A 1 81  ? 6.033   -4.953  2.244   1.00 11.22 ? 80   GLN A C   1 
ATOM   664  O  O   . GLN A 1 81  ? 6.703   -5.886  1.872   1.00 11.24 ? 80   GLN A O   1 
ATOM   665  C  CB  . GLN A 1 81  ? 6.708   -3.861  4.436   1.00 10.85 ? 80   GLN A CB  1 
ATOM   666  C  CG  . GLN A 1 81  ? 7.548   -2.835  5.156   1.00 11.82 ? 80   GLN A CG  1 
ATOM   667  C  CD  . GLN A 1 81  ? 6.887   -1.483  5.294   1.00 9.77  ? 80   GLN A CD  1 
ATOM   668  O  OE1 . GLN A 1 81  ? 5.688   -1.305  5.005   1.00 10.05 ? 80   GLN A OE1 1 
ATOM   669  N  NE2 . GLN A 1 81  ? 7.668   -0.515  5.742   1.00 10.02 ? 80   GLN A NE2 1 
ATOM   670  N  N   . CYS A 1 82  ? 4.721   -4.942  2.115   1.00 10.76 ? 81   CYS A N   1 
ATOM   671  C  CA  . CYS A 1 82  ? 4.039   -6.017  1.471   1.00 10.37 ? 81   CYS A CA  1 
ATOM   672  C  C   . CYS A 1 82  ? 4.487   -6.107  -0.015  1.00 11.89 ? 81   CYS A C   1 
ATOM   673  O  O   . CYS A 1 82  ? 4.714   -7.194  -0.584  1.00 10.69 ? 81   CYS A O   1 
ATOM   674  C  CB  . CYS A 1 82  ? 2.530   -5.786  1.554   1.00 9.39  ? 81   CYS A CB  1 
ATOM   675  S  SG  . CYS A 1 82  ? 1.578   -7.170  0.681   1.00 13.23 ? 81   CYS A SG  1 
ATOM   676  N  N   . LEU A 1 83  ? 4.624   -4.968  -0.664  1.00 8.19  ? 82   LEU A N   1 
ATOM   677  C  CA  . LEU A 1 83  ? 5.021   -4.965  -2.059  1.00 9.60  ? 82   LEU A CA  1 
ATOM   678  C  C   . LEU A 1 83  ? 6.482   -5.407  -2.227  1.00 11.30 ? 82   LEU A C   1 
ATOM   679  O  O   . LEU A 1 83  ? 6.846   -5.977  -3.252  1.00 11.48 ? 82   LEU A O   1 
ATOM   680  C  CB  . LEU A 1 83  ? 4.820   -3.556  -2.637  1.00 6.59  ? 82   LEU A CB  1 
ATOM   681  C  CG  . LEU A 1 83  ? 3.377   -3.062  -2.518  1.00 8.74  ? 82   LEU A CG  1 
ATOM   682  C  CD1 . LEU A 1 83  ? 3.275   -1.736  -3.231  1.00 10.76 ? 82   LEU A CD1 1 
ATOM   683  C  CD2 . LEU A 1 83  ? 2.377   -4.113  -3.080  1.00 8.60  ? 82   LEU A CD2 1 
ATOM   684  N  N   . LYS A 1 84  ? 7.297   -5.155  -1.215  1.00 11.56 ? 83   LYS A N   1 
ATOM   685  C  CA  . LYS A 1 84  ? 8.703   -5.594  -1.284  1.00 13.72 ? 83   LYS A CA  1 
ATOM   686  C  C   . LYS A 1 84  ? 8.732   -7.129  -1.226  1.00 15.20 ? 83   LYS A C   1 
ATOM   687  O  O   . LYS A 1 84  ? 9.444   -7.819  -1.976  1.00 15.69 ? 83   LYS A O   1 
ATOM   688  C  CB  . LYS A 1 84  ? 9.483   -5.051  -0.099  1.00 17.48 ? 83   LYS A CB  1 
ATOM   689  C  CG  . LYS A 1 84  ? 10.964  -5.483  -0.121  1.00 24.51 ? 83   LYS A CG  1 
ATOM   690  C  CD  . LYS A 1 84  ? 11.776  -4.615  0.855   1.00 35.17 ? 83   LYS A CD  1 
ATOM   691  C  CE  . LYS A 1 84  ? 13.265  -5.001  0.848   1.00 36.92 ? 83   LYS A CE  1 
ATOM   692  N  NZ  . LYS A 1 84  ? 13.995  -4.501  2.024   1.00 41.37 ? 83   LYS A NZ  1 
ATOM   693  N  N   . ALA A 1 85  ? 7.920   -7.651  -0.340  1.00 13.35 ? 84   ALA A N   1 
ATOM   694  C  CA  . ALA A 1 85  ? 7.863   -9.082  -0.147  1.00 11.47 ? 84   ALA A CA  1 
ATOM   695  C  C   . ALA A 1 85  ? 7.208   -9.870  -1.295  1.00 13.62 ? 84   ALA A C   1 
ATOM   696  O  O   . ALA A 1 85  ? 7.682   -10.960 -1.687  1.00 15.40 ? 84   ALA A O   1 
ATOM   697  C  CB  . ALA A 1 85  ? 7.140   -9.355  1.157   1.00 12.66 ? 84   ALA A CB  1 
ATOM   698  N  N   . PHE A 1 86  ? 6.122   -9.344  -1.851  1.00 10.25 ? 85   PHE A N   1 
ATOM   699  C  CA  . PHE A 1 86  ? 5.364   -10.076 -2.846  1.00 11.72 ? 85   PHE A CA  1 
ATOM   700  C  C   . PHE A 1 86  ? 5.356   -9.465  -4.250  1.00 14.04 ? 85   PHE A C   1 
ATOM   701  O  O   . PHE A 1 86  ? 4.804   -10.054 -5.140  1.00 13.09 ? 85   PHE A O   1 
ATOM   702  C  CB  . PHE A 1 86  ? 3.914   -10.272 -2.314  1.00 12.81 ? 85   PHE A CB  1 
ATOM   703  C  CG  . PHE A 1 86  ? 3.840   -11.125 -1.089  1.00 13.71 ? 85   PHE A CG  1 
ATOM   704  C  CD1 . PHE A 1 86  ? 4.086   -12.501 -1.183  1.00 19.57 ? 85   PHE A CD1 1 
ATOM   705  C  CD2 . PHE A 1 86  ? 3.522   -10.588 0.144   1.00 18.48 ? 85   PHE A CD2 1 
ATOM   706  C  CE1 . PHE A 1 86  ? 3.999   -13.316 -0.061  1.00 20.47 ? 85   PHE A CE1 1 
ATOM   707  C  CE2 . PHE A 1 86  ? 3.431   -11.406 1.282   1.00 21.81 ? 85   PHE A CE2 1 
ATOM   708  C  CZ  . PHE A 1 86  ? 3.674   -12.779 1.166   1.00 19.66 ? 85   PHE A CZ  1 
ATOM   709  N  N   . GLY A 1 87  ? 5.975   -8.296  -4.437  1.00 14.08 ? 86   GLY A N   1 
ATOM   710  C  CA  . GLY A 1 87  ? 5.983   -7.660  -5.752  1.00 12.15 ? 86   GLY A CA  1 
ATOM   711  C  C   . GLY A 1 87  ? 4.700   -6.895  -6.003  1.00 9.96  ? 86   GLY A C   1 
ATOM   712  O  O   . GLY A 1 87  ? 3.905   -6.687  -5.089  1.00 10.80 ? 86   GLY A O   1 
ATOM   713  N  N   . VAL A 1 88  ? 4.479   -6.494  -7.246  1.00 11.14 ? 87   VAL A N   1 
ATOM   714  C  CA  . VAL A 1 88  ? 3.293   -5.737  -7.583  1.00 10.41 ? 87   VAL A CA  1 
ATOM   715  C  C   . VAL A 1 88  ? 2.392   -6.340  -8.647  1.00 11.31 ? 87   VAL A C   1 
ATOM   716  O  O   . VAL A 1 88  ? 1.388   -5.771  -9.010  1.00 9.98  ? 87   VAL A O   1 
ATOM   717  C  CB  . VAL A 1 88  ? 3.675   -4.300  -8.047  1.00 13.34 ? 87   VAL A CB  1 
ATOM   718  C  CG1 . VAL A 1 88  ? 4.344   -3.537  -6.877  1.00 11.15 ? 87   VAL A CG1 1 
ATOM   719  C  CG2 . VAL A 1 88  ? 4.620   -4.349  -9.277  1.00 14.18 ? 87   VAL A CG2 1 
ATOM   720  N  N   . ASP A 1 89  ? 2.746   -7.515  -9.124  1.00 13.98 ? 88   ASP A N   1 
ATOM   721  C  CA  . ASP A 1 89  ? 1.977   -8.145  -10.182 1.00 15.12 ? 88   ASP A CA  1 
ATOM   722  C  C   . ASP A 1 89  ? 0.598   -8.578  -9.721  1.00 14.70 ? 88   ASP A C   1 
ATOM   723  O  O   . ASP A 1 89  ? -0.287  -8.735  -10.522 1.00 15.79 ? 88   ASP A O   1 
ATOM   724  C  CB  . ASP A 1 89  ? 2.764   -9.336  -10.708 1.00 19.16 ? 88   ASP A CB  1 
ATOM   725  C  CG  . ASP A 1 89  ? 3.956   -8.922  -11.569 1.00 28.10 ? 88   ASP A CG  1 
ATOM   726  O  OD1 . ASP A 1 89  ? 4.845   -9.775  -11.746 1.00 35.31 ? 88   ASP A OD1 1 
ATOM   727  O  OD2 . ASP A 1 89  ? 4.021   -7.766  -12.088 1.00 34.50 ? 88   ASP A OD2 1 
ATOM   728  N  N   . TRP A 1 90  ? 0.397   -8.705  -8.415  1.00 14.38 ? 89   TRP A N   1 
ATOM   729  C  CA  . TRP A 1 90  ? -0.902  -9.120  -7.901  1.00 12.88 ? 89   TRP A CA  1 
ATOM   730  C  C   . TRP A 1 90  ? -1.882  -7.936  -7.769  1.00 11.50 ? 89   TRP A C   1 
ATOM   731  O  O   . TRP A 1 90  ? -3.060  -8.111  -7.474  1.00 11.56 ? 89   TRP A O   1 
ATOM   732  C  CB  . TRP A 1 90  ? -0.716  -9.796  -6.533  1.00 13.10 ? 89   TRP A CB  1 
ATOM   733  C  CG  . TRP A 1 90  ? -0.159  -8.834  -5.478  1.00 10.31 ? 89   TRP A CG  1 
ATOM   734  C  CD1 . TRP A 1 90  ? 1.130   -8.456  -5.330  1.00 11.59 ? 89   TRP A CD1 1 
ATOM   735  C  CD2 . TRP A 1 90  ? -0.890  -8.231  -4.399  1.00 10.83 ? 89   TRP A CD2 1 
ATOM   736  N  NE1 . TRP A 1 90  ? 1.267   -7.654  -4.219  1.00 11.15 ? 89   TRP A NE1 1 
ATOM   737  C  CE2 . TRP A 1 90  ? 0.040   -7.503  -3.621  1.00 12.53 ? 89   TRP A CE2 1 
ATOM   738  C  CE3 . TRP A 1 90  ? -2.234  -8.242  -4.021  1.00 10.88 ? 89   TRP A CE3 1 
ATOM   739  C  CZ2 . TRP A 1 90  ? -0.333  -6.785  -2.471  1.00 14.17 ? 89   TRP A CZ2 1 
ATOM   740  C  CZ3 . TRP A 1 90  ? -2.631  -7.519  -2.877  1.00 11.20 ? 89   TRP A CZ3 1 
ATOM   741  C  CH2 . TRP A 1 90  ? -1.685  -6.807  -2.115  1.00 15.09 ? 89   TRP A CH2 1 
ATOM   742  N  N   . LEU A 1 91  ? -1.360  -6.732  -7.971  1.00 11.00 ? 90   LEU A N   1 
ATOM   743  C  CA  . LEU A 1 91  ? -2.187  -5.515  -7.942  1.00 9.04  ? 90   LEU A CA  1 
ATOM   744  C  C   . LEU A 1 91  ? -2.838  -5.414  -9.344  1.00 10.96 ? 90   LEU A C   1 
ATOM   745  O  O   . LEU A 1 91  ? -2.312  -5.902  -10.352 1.00 9.04  ? 90   LEU A O   1 
ATOM   746  C  CB  . LEU A 1 91  ? -1.321  -4.241  -7.732  1.00 9.62  ? 90   LEU A CB  1 
ATOM   747  C  CG  . LEU A 1 91  ? -0.507  -4.199  -6.438  1.00 11.41 ? 90   LEU A CG  1 
ATOM   748  C  CD1 . LEU A 1 91  ? 0.342   -2.844  -6.353  1.00 11.63 ? 90   LEU A CD1 1 
ATOM   749  C  CD2 . LEU A 1 91  ? -1.462  -4.352  -5.272  1.00 11.19 ? 90   LEU A CD2 1 
ATOM   750  N  N   . LYS A 1 92  ? -3.968  -4.763  -9.415  1.00 8.98  ? 91   LYS A N   1 
ATOM   751  C  CA  . LYS A 1 92  ? -4.616  -4.585  -10.722 1.00 9.58  ? 91   LYS A CA  1 
ATOM   752  C  C   . LYS A 1 92  ? -3.721  -3.752  -11.652 1.00 13.36 ? 91   LYS A C   1 
ATOM   753  O  O   . LYS A 1 92  ? -3.683  -3.945  -12.892 1.00 14.68 ? 91   LYS A O   1 
ATOM   754  C  CB  . LYS A 1 92  ? -5.988  -3.953  -10.534 1.00 9.95  ? 91   LYS A CB  1 
ATOM   755  C  CG  . LYS A 1 92  ? -7.029  -5.027  -10.052 1.00 14.54 ? 91   LYS A CG  1 
ATOM   756  C  CD  . LYS A 1 92  ? -8.424  -4.426  -10.081 1.00 20.01 ? 91   LYS A CD  1 
ATOM   757  C  CE  . LYS A 1 92  ? -9.533  -5.294  -9.481  1.00 28.11 ? 91   LYS A CE  1 
ATOM   758  N  NZ  . LYS A 1 92  ? -9.707  -6.643  -10.063 1.00 33.09 ? 91   LYS A NZ  1 
ATOM   759  N  N   . GLY A 1 93  ? -2.993  -2.816  -11.065 1.00 14.08 ? 92   GLY A N   1 
ATOM   760  C  CA  . GLY A 1 93  ? -2.082  -2.049  -11.900 1.00 14.29 ? 92   GLY A CA  1 
ATOM   761  C  C   . GLY A 1 93  ? -1.125  -1.189  -11.118 1.00 13.20 ? 92   GLY A C   1 
ATOM   762  O  O   . GLY A 1 93  ? -1.211  -1.067  -9.900  1.00 11.70 ? 92   GLY A O   1 
ATOM   763  N  N   . VAL A 1 94  ? -0.184  -0.595  -11.834 1.00 11.20 ? 93   VAL A N   1 
ATOM   764  C  CA  . VAL A 1 94  ? 0.739   0.292   -11.209 1.00 8.53  ? 93   VAL A CA  1 
ATOM   765  C  C   . VAL A 1 94  ? 0.925   1.516   -12.141 1.00 9.44  ? 93   VAL A C   1 
ATOM   766  O  O   . VAL A 1 94  ? 0.667   1.458   -13.381 1.00 9.43  ? 93   VAL A O   1 
ATOM   767  C  CB  . VAL A 1 94  ? 2.119   -0.361  -10.959 1.00 13.95 ? 93   VAL A CB  1 
ATOM   768  C  CG1 . VAL A 1 94  ? 2.011   -1.450  -9.858  1.00 11.54 ? 93   VAL A CG1 1 
ATOM   769  C  CG2 . VAL A 1 94  ? 2.643   -0.929  -12.240 1.00 14.10 ? 93   VAL A CG2 1 
ATOM   770  N  N   . VAL A 1 95  ? 1.395   2.595   -11.542 1.00 7.77  ? 94   VAL A N   1 
ATOM   771  C  CA  . VAL A 1 95  ? 1.647   3.802   -12.319 1.00 8.93  ? 94   VAL A CA  1 
ATOM   772  C  C   . VAL A 1 95  ? 3.128   4.096   -12.151 1.00 9.70  ? 94   VAL A C   1 
ATOM   773  O  O   . VAL A 1 95  ? 3.616   4.122   -11.033 1.00 12.82 ? 94   VAL A O   1 
ATOM   774  C  CB  . VAL A 1 95  ? 0.767   4.966   -11.794 1.00 7.11  ? 94   VAL A CB  1 
ATOM   775  C  CG1 . VAL A 1 95  ? 1.044   6.198   -12.655 1.00 9.83  ? 94   VAL A CG1 1 
ATOM   776  C  CG2 . VAL A 1 95  ? -0.755  4.561   -11.939 1.00 11.20 ? 94   VAL A CG2 1 
ATOM   777  N  N   . LEU A 1 96  ? 3.865   4.328   -13.241 1.00 8.42  ? 95   LEU A N   1 
ATOM   778  C  CA  . LEU A 1 96  ? 5.299   4.591   -13.100 1.00 8.72  ? 95   LEU A CA  1 
ATOM   779  C  C   . LEU A 1 96  ? 5.466   6.112   -13.071 1.00 9.86  ? 95   LEU A C   1 
ATOM   780  O  O   . LEU A 1 96  ? 4.840   6.769   -13.858 1.00 10.54 ? 95   LEU A O   1 
ATOM   781  C  CB  . LEU A 1 96  ? 6.007   4.030   -14.336 1.00 9.97  ? 95   LEU A CB  1 
ATOM   782  C  CG  . LEU A 1 96  ? 5.753   2.541   -14.545 1.00 11.02 ? 95   LEU A CG  1 
ATOM   783  C  CD1 . LEU A 1 96  ? 6.467   2.081   -15.813 1.00 11.83 ? 95   LEU A CD1 1 
ATOM   784  C  CD2 . LEU A 1 96  ? 6.191   1.813   -13.277 1.00 16.39 ? 95   LEU A CD2 1 
ATOM   785  N  N   . VAL A 1 97  ? 6.316   6.642   -12.196 1.00 8.54  ? 96   VAL A N   1 
ATOM   786  C  CA  . VAL A 1 97  ? 6.442   8.100   -12.083 1.00 8.93  ? 96   VAL A CA  1 
ATOM   787  C  C   . VAL A 1 97  ? 7.882   8.563   -12.251 1.00 9.46  ? 96   VAL A C   1 
ATOM   788  O  O   . VAL A 1 97  ? 8.858   7.781   -12.095 1.00 10.02 ? 96   VAL A O   1 
ATOM   789  C  CB  . VAL A 1 97  ? 5.919   8.573   -10.723 1.00 8.67  ? 96   VAL A CB  1 
ATOM   790  C  CG1 . VAL A 1 97  ? 4.555   7.906   -10.439 1.00 15.18 ? 96   VAL A CG1 1 
ATOM   791  C  CG2 . VAL A 1 97  ? 6.883   8.216   -9.581  1.00 11.29 ? 96   VAL A CG2 1 
ATOM   792  N  N   . ASP A 1 98  ? 8.011   9.853   -12.513 1.00 10.59 ? 97   ASP A N   1 
ATOM   793  C  CA  . ASP A 1 98  ? 9.334   10.452  -12.700 1.00 11.39 ? 97   ASP A CA  1 
ATOM   794  C  C   . ASP A 1 98  ? 9.990   10.740  -11.345 1.00 10.13 ? 97   ASP A C   1 
ATOM   795  O  O   . ASP A 1 98  ? 9.354   10.594  -10.289 1.00 10.61 ? 97   ASP A O   1 
ATOM   796  C  CB  . ASP A 1 98  ? 9.279   11.690  -13.637 1.00 11.99 ? 97   ASP A CB  1 
ATOM   797  C  CG  . ASP A 1 98  ? 8.465   12.841  -13.101 1.00 12.72 ? 97   ASP A CG  1 
ATOM   798  O  OD1 . ASP A 1 98  ? 8.388   12.997  -11.870 1.00 11.35 ? 97   ASP A OD1 1 
ATOM   799  O  OD2 . ASP A 1 98  ? 7.897   13.626  -13.913 1.00 14.87 ? 97   ASP A OD2 1 
ATOM   800  N  N   . LYS A 1 99  ? 11.282  11.054  -11.355 1.00 11.38 ? 98   LYS A N   1 
ATOM   801  C  CA  . LYS A 1 99  ? 11.998  11.283  -10.080 1.00 10.11 ? 98   LYS A CA  1 
ATOM   802  C  C   . LYS A 1 99  ? 11.364  12.358  -9.204  1.00 10.46 ? 98   LYS A C   1 
ATOM   803  O  O   . LYS A 1 99  ? 11.192  12.171  -7.998  1.00 9.83  ? 98   LYS A O   1 
ATOM   804  C  CB  . LYS A 1 99  ? 13.466  11.663  -10.351 1.00 13.96 ? 98   LYS A CB  1 
ATOM   805  C  CG  . LYS A 1 99  ? 14.305  11.838  -9.083  1.00 15.15 ? 98   LYS A CG  1 
ATOM   806  C  CD  . LYS A 1 99  ? 15.724  12.282  -9.486  1.00 17.16 ? 98   LYS A CD  1 
ATOM   807  C  CE  . LYS A 1 99  ? 16.449  11.135  -10.084 1.00 23.91 ? 98   LYS A CE  1 
ATOM   808  N  NZ  . LYS A 1 99  ? 17.871  11.463  -10.435 1.00 27.16 ? 98   LYS A NZ  1 
ATOM   809  N  N   . GLY A 1 100 ? 10.976  13.470  -9.826  1.00 10.55 ? 99   GLY A N   1 
ATOM   810  C  CA  . GLY A 1 100 ? 10.344  14.535  -9.081  1.00 13.19 ? 99   GLY A CA  1 
ATOM   811  C  C   . GLY A 1 100 ? 9.076   14.064  -8.382  1.00 11.59 ? 99   GLY A C   1 
ATOM   812  O  O   . GLY A 1 100 ? 8.825   14.446  -7.220  1.00 9.60  ? 99   GLY A O   1 
ATOM   813  N  N   . ALA A 1 101 ? 8.272   13.251  -9.061  1.00 10.75 ? 100  ALA A N   1 
ATOM   814  C  CA  . ALA A 1 101 ? 7.009   12.775  -8.447  1.00 7.12  ? 100  ALA A CA  1 
ATOM   815  C  C   . ALA A 1 101 ? 7.373   11.740  -7.397  1.00 10.69 ? 100  ALA A C   1 
ATOM   816  O  O   . ALA A 1 101 ? 6.749   11.723  -6.369  1.00 10.90 ? 100  ALA A O   1 
ATOM   817  C  CB  . ALA A 1 101 ? 6.029   12.134  -9.537  1.00 5.94  ? 100  ALA A CB  1 
ATOM   818  N  N   . ALA A 1 102 ? 8.385   10.882  -7.642  1.00 6.86  ? 101  ALA A N   1 
ATOM   819  C  CA  . ALA A 1 102 ? 8.716   9.905   -6.610  1.00 7.22  ? 101  ALA A CA  1 
ATOM   820  C  C   . ALA A 1 102 ? 9.126   10.636  -5.304  1.00 10.15 ? 101  ALA A C   1 
ATOM   821  O  O   . ALA A 1 102 ? 8.746   10.250  -4.183  1.00 9.79  ? 101  ALA A O   1 
ATOM   822  C  CB  . ALA A 1 102 ? 9.810   8.985   -7.125  1.00 10.06 ? 101  ALA A CB  1 
ATOM   823  N  N   . ILE A 1 103 ? 9.911   11.704  -5.423  1.00 11.52 ? 102  ILE A N   1 
ATOM   824  C  CA  . ILE A 1 103 ? 10.297  12.465  -4.253  1.00 8.45  ? 102  ILE A CA  1 
ATOM   825  C  C   . ILE A 1 103 ? 9.069   13.154  -3.593  1.00 12.72 ? 102  ILE A C   1 
ATOM   826  O  O   . ILE A 1 103 ? 8.907   13.156  -2.367  1.00 11.78 ? 102  ILE A O   1 
ATOM   827  C  CB  . ILE A 1 103 ? 11.346  13.504  -4.662  1.00 11.25 ? 102  ILE A CB  1 
ATOM   828  C  CG1 . ILE A 1 103 ? 12.666  12.787  -5.018  1.00 10.14 ? 102  ILE A CG1 1 
ATOM   829  C  CG2 . ILE A 1 103 ? 11.498  14.553  -3.558  1.00 13.49 ? 102  ILE A CG2 1 
ATOM   830  C  CD1 . ILE A 1 103 ? 13.631  13.713  -5.746  1.00 14.84 ? 102  ILE A CD1 1 
ATOM   831  N  N   . ALA A 1 104 ? 8.182   13.755  -4.396  1.00 11.36 ? 103  ALA A N   1 
ATOM   832  C  CA  . ALA A 1 104 ? 6.994   14.383  -3.820  1.00 11.41 ? 103  ALA A CA  1 
ATOM   833  C  C   . ALA A 1 104 ? 6.130   13.335  -3.091  1.00 10.23 ? 103  ALA A C   1 
ATOM   834  O  O   . ALA A 1 104 ? 5.613   13.565  -1.987  1.00 10.87 ? 103  ALA A O   1 
ATOM   835  C  CB  . ALA A 1 104 ? 6.187   15.031  -4.939  1.00 12.89 ? 103  ALA A CB  1 
ATOM   836  N  N   . LEU A 1 105 ? 5.982   12.151  -3.692  1.00 8.75  ? 104  LEU A N   1 
ATOM   837  C  CA  . LEU A 1 105 ? 5.173   11.111  -3.074  1.00 7.52  ? 104  LEU A CA  1 
ATOM   838  C  C   . LEU A 1 105 ? 5.814   10.675  -1.740  1.00 10.38 ? 104  LEU A C   1 
ATOM   839  O  O   . LEU A 1 105 ? 5.119   10.348  -0.745  1.00 9.48  ? 104  LEU A O   1 
ATOM   840  C  CB  . LEU A 1 105 ? 5.084   9.906   -4.025  1.00 7.72  ? 104  LEU A CB  1 
ATOM   841  C  CG  . LEU A 1 105 ? 3.861   9.987   -4.960  1.00 8.05  ? 104  LEU A CG  1 
ATOM   842  C  CD1 . LEU A 1 105 ? 3.673   11.435  -5.502  1.00 12.35 ? 104  LEU A CD1 1 
ATOM   843  C  CD2 . LEU A 1 105 ? 4.044   8.978   -6.088  1.00 7.62  ? 104  LEU A CD2 1 
ATOM   844  N  N   . ALA A 1 106 ? 7.140   10.648  -1.716  1.00 8.31  ? 105  ALA A N   1 
ATOM   845  C  CA  . ALA A 1 106 ? 7.780   10.247  -0.464  1.00 8.06  ? 105  ALA A CA  1 
ATOM   846  C  C   . ALA A 1 106 ? 7.670   11.323  0.610   1.00 10.56 ? 105  ALA A C   1 
ATOM   847  O  O   . ALA A 1 106 ? 8.040   11.074  1.748   1.00 11.52 ? 105  ALA A O   1 
ATOM   848  C  CB  . ALA A 1 106 ? 9.199   9.932   -0.718  1.00 7.33  ? 105  ALA A CB  1 
ATOM   849  N  N   . LYS A 1 107 ? 7.220   12.532  0.233   1.00 10.55 ? 106  LYS A N   1 
ATOM   850  C  CA  . LYS A 1 107 ? 7.000   13.616  1.195   1.00 12.16 ? 106  LYS A CA  1 
ATOM   851  C  C   . LYS A 1 107 ? 5.504   13.616  1.583   1.00 13.66 ? 106  LYS A C   1 
ATOM   852  O  O   . LYS A 1 107 ? 5.090   14.373  2.451   1.00 15.89 ? 106  LYS A O   1 
ATOM   853  C  CB  . LYS A 1 107 ? 7.305   14.990  0.578   1.00 15.98 ? 106  LYS A CB  1 
ATOM   854  C  CG  . LYS A 1 107 ? 8.749   15.248  0.159   1.00 20.39 ? 106  LYS A CG  1 
ATOM   855  C  CD  . LYS A 1 107 ? 8.874   16.733  -0.363  1.00 24.88 ? 106  LYS A CD  1 
ATOM   856  C  CE  . LYS A 1 107 ? 10.323  17.112  -0.608  1.00 31.58 ? 106  LYS A CE  1 
ATOM   857  N  NZ  . LYS A 1 107 ? 10.451  18.428  -1.345  1.00 29.89 ? 106  LYS A NZ  1 
ATOM   858  N  N   . GLY A 1 108 ? 4.717   12.784  0.915   1.00 10.11 ? 107  GLY A N   1 
ATOM   859  C  CA  . GLY A 1 108 ? 3.298   12.670  1.222   1.00 11.30 ? 107  GLY A CA  1 
ATOM   860  C  C   . GLY A 1 108 ? 2.370   13.281  0.191   1.00 10.40 ? 107  GLY A C   1 
ATOM   861  O  O   . GLY A 1 108 ? 1.171   13.379  0.425   1.00 12.17 ? 107  GLY A O   1 
ATOM   862  N  N   . ALA A 1 109 ? 2.885   13.689  -0.963  1.00 12.08 ? 108  ALA A N   1 
ATOM   863  C  CA  . ALA A 1 109 ? 1.945   14.303  -1.946  1.00 13.51 ? 108  ALA A CA  1 
ATOM   864  C  C   . ALA A 1 109 ? 1.102   13.329  -2.759  1.00 11.78 ? 108  ALA A C   1 
ATOM   865  O  O   . ALA A 1 109 ? 1.496   12.236  -2.989  1.00 12.24 ? 108  ALA A O   1 
ATOM   866  C  CB  . ALA A 1 109 ? 2.723   15.180  -2.953  1.00 12.53 ? 108  ALA A CB  1 
ATOM   867  N  N   . HIS A 1 110 ? -0.072  13.761  -3.221  1.00 10.23 ? 109  HIS A N   1 
ATOM   868  C  CA  . HIS A 1 110 ? -0.823  12.936  -4.123  1.00 6.82  ? 109  HIS A CA  1 
ATOM   869  C  C   . HIS A 1 110 ? -0.054  12.925  -5.453  1.00 10.51 ? 109  HIS A C   1 
ATOM   870  O  O   . HIS A 1 110 ? 0.774   13.785  -5.717  1.00 8.79  ? 109  HIS A O   1 
ATOM   871  C  CB  . HIS A 1 110 ? -2.258  13.494  -4.352  1.00 8.70  ? 109  HIS A CB  1 
ATOM   872  C  CG  . HIS A 1 110 ? -3.121  13.360  -3.143  1.00 10.20 ? 109  HIS A CG  1 
ATOM   873  N  ND1 . HIS A 1 110 ? -3.518  14.442  -2.370  1.00 14.62 ? 109  HIS A ND1 1 
ATOM   874  C  CD2 . HIS A 1 110 ? -3.518  12.256  -2.480  1.00 5.73  ? 109  HIS A CD2 1 
ATOM   875  C  CE1 . HIS A 1 110 ? -4.098  13.998  -1.271  1.00 7.03  ? 109  HIS A CE1 1 
ATOM   876  N  NE2 . HIS A 1 110 ? -4.104  12.670  -1.313  1.00 14.55 ? 109  HIS A NE2 1 
ATOM   877  N  N   . LEU A 1 111 ? -0.349  11.964  -6.303  1.00 7.74  ? 110  LEU A N   1 
ATOM   878  C  CA  . LEU A 1 111 ? 0.334   11.840  -7.609  1.00 8.52  ? 110  LEU A CA  1 
ATOM   879  C  C   . LEU A 1 111 ? -0.447  12.570  -8.669  1.00 11.02 ? 110  LEU A C   1 
ATOM   880  O  O   . LEU A 1 111 ? -1.613  12.207  -8.923  1.00 10.65 ? 110  LEU A O   1 
ATOM   881  C  CB  . LEU A 1 111 ? 0.421   10.364  -8.015  1.00 5.28  ? 110  LEU A CB  1 
ATOM   882  C  CG  . LEU A 1 111 ? 0.999   10.148  -9.406  1.00 7.73  ? 110  LEU A CG  1 
ATOM   883  C  CD1 . LEU A 1 111 ? 2.438   10.703  -9.513  1.00 10.14 ? 110  LEU A CD1 1 
ATOM   884  C  CD2 . LEU A 1 111 ? 1.028   8.651   -9.685  1.00 8.39  ? 110  LEU A CD2 1 
HETATM 885  N  N   . MSE A 1 112 ? 0.161   13.607  -9.263  1.00 9.33  ? 111  MSE A N   1 
HETATM 886  C  CA  . MSE A 1 112 ? -0.518  14.364  -10.326 1.00 11.39 ? 111  MSE A CA  1 
HETATM 887  C  C   . MSE A 1 112 ? -0.117  13.793  -11.677 1.00 10.61 ? 111  MSE A C   1 
HETATM 888  O  O   . MSE A 1 112 ? 1.032   13.296  -11.881 1.00 8.51  ? 111  MSE A O   1 
HETATM 889  C  CB  . MSE A 1 112 ? -0.147  15.874  -10.272 1.00 12.03 ? 111  MSE A CB  1 
HETATM 890  C  CG  . MSE A 1 112 ? -0.215  16.430  -8.851  1.00 19.85 ? 111  MSE A CG  1 
HETATM 891  SE SE  . MSE A 1 112 ? -2.025  16.183  -8.083  1.00 30.10 ? 111  MSE A SE  1 
HETATM 892  C  CE  . MSE A 1 112 ? -2.955  17.560  -9.174  1.00 22.66 ? 111  MSE A CE  1 
ATOM   893  N  N   . ILE A 1 113 ? -1.022  13.955  -12.647 1.00 7.40  ? 112  ILE A N   1 
ATOM   894  C  CA  . ILE A 1 113 ? -0.791  13.371  -13.950 1.00 8.32  ? 112  ILE A CA  1 
ATOM   895  C  C   . ILE A 1 113 ? 0.520   13.713  -14.631 1.00 8.62  ? 112  ILE A C   1 
ATOM   896  O  O   . ILE A 1 113 ? 1.155   12.836  -15.251 1.00 7.78  ? 112  ILE A O   1 
ATOM   897  C  CB  . ILE A 1 113 ? -2.011  13.706  -14.897 1.00 7.82  ? 112  ILE A CB  1 
ATOM   898  C  CG1 . ILE A 1 113 ? -3.284  13.003  -14.378 1.00 7.99  ? 112  ILE A CG1 1 
ATOM   899  C  CG2 . ILE A 1 113 ? -1.682  13.319  -16.375 1.00 8.61  ? 112  ILE A CG2 1 
ATOM   900  C  CD1 . ILE A 1 113 ? -4.640  13.698  -14.905 1.00 8.60  ? 112  ILE A CD1 1 
ATOM   901  N  N   . PRO A 1 114 ? 0.969   14.981  -14.552 1.00 8.02  ? 113  PRO A N   1 
ATOM   902  C  CA  . PRO A 1 114 ? 2.250   15.289  -15.234 1.00 9.45  ? 113  PRO A CA  1 
ATOM   903  C  C   . PRO A 1 114 ? 3.470   14.532  -14.686 1.00 11.80 ? 113  PRO A C   1 
ATOM   904  O  O   . PRO A 1 114 ? 4.514   14.495  -15.349 1.00 12.39 ? 113  PRO A O   1 
ATOM   905  C  CB  . PRO A 1 114 ? 2.433   16.786  -15.015 1.00 11.19 ? 113  PRO A CB  1 
ATOM   906  C  CG  . PRO A 1 114 ? 0.996   17.291  -14.907 1.00 11.39 ? 113  PRO A CG  1 
ATOM   907  C  CD  . PRO A 1 114 ? 0.315   16.190  -14.047 1.00 8.42  ? 113  PRO A CD  1 
ATOM   908  N  N   . GLY A 1 115 ? 3.360   13.958  -13.486 1.00 10.34 ? 114  GLY A N   1 
ATOM   909  C  CA  . GLY A 1 115 ? 4.478   13.190  -12.913 1.00 9.04  ? 114  GLY A CA  1 
ATOM   910  C  C   . GLY A 1 115 ? 4.463   11.736  -13.371 1.00 9.85  ? 114  GLY A C   1 
ATOM   911  O  O   . GLY A 1 115 ? 5.358   10.962  -13.078 1.00 10.29 ? 114  GLY A O   1 
ATOM   912  N  N   . VAL A 1 116 ? 3.454   11.361  -14.131 1.00 10.97 ? 115  VAL A N   1 
ATOM   913  C  CA  . VAL A 1 116 ? 3.332   9.993   -14.588 1.00 8.90  ? 115  VAL A CA  1 
ATOM   914  C  C   . VAL A 1 116 ? 4.104   9.742   -15.890 1.00 9.26  ? 115  VAL A C   1 
ATOM   915  O  O   . VAL A 1 116 ? 4.038   10.547  -16.828 1.00 11.42 ? 115  VAL A O   1 
ATOM   916  C  CB  . VAL A 1 116 ? 1.823   9.649   -14.846 1.00 7.52  ? 115  VAL A CB  1 
ATOM   917  C  CG1 . VAL A 1 116 ? 1.722   8.240   -15.477 1.00 8.71  ? 115  VAL A CG1 1 
ATOM   918  C  CG2 . VAL A 1 116 ? 1.044   9.690   -13.557 1.00 8.78  ? 115  VAL A CG2 1 
ATOM   919  N  N   . VAL A 1 117 ? 4.807   8.627   -15.961 1.00 7.81  ? 116  VAL A N   1 
ATOM   920  C  CA  . VAL A 1 117 ? 5.536   8.305   -17.187 1.00 5.75  ? 116  VAL A CA  1 
ATOM   921  C  C   . VAL A 1 117 ? 5.219   6.949   -17.750 1.00 9.44  ? 116  VAL A C   1 
ATOM   922  O  O   . VAL A 1 117 ? 5.768   6.532   -18.775 1.00 11.25 ? 116  VAL A O   1 
ATOM   923  C  CB  . VAL A 1 117 ? 7.052   8.463   -16.999 1.00 7.72  ? 116  VAL A CB  1 
ATOM   924  C  CG1 . VAL A 1 117 ? 7.345   9.945   -16.610 1.00 13.46 ? 116  VAL A CG1 1 
ATOM   925  C  CG2 . VAL A 1 117 ? 7.641   7.451   -15.915 1.00 7.79  ? 116  VAL A CG2 1 
ATOM   926  N  N   . GLY A 1 118 ? 4.285   6.259   -17.126 1.00 9.43  ? 117  GLY A N   1 
ATOM   927  C  CA  . GLY A 1 118 ? 3.911   4.946   -17.653 1.00 11.29 ? 117  GLY A CA  1 
ATOM   928  C  C   . GLY A 1 118 ? 2.753   4.336   -16.880 1.00 10.93 ? 117  GLY A C   1 
ATOM   929  O  O   . GLY A 1 118 ? 2.557   4.669   -15.705 1.00 9.92  ? 117  GLY A O   1 
ATOM   930  N  N   . VAL A 1 119 ? 1.980   3.456   -17.532 1.00 9.50  ? 118  VAL A N   1 
ATOM   931  C  CA  . VAL A 1 119 ? 0.908   2.796   -16.840 1.00 10.93 ? 118  VAL A CA  1 
ATOM   932  C  C   . VAL A 1 119 ? 1.062   1.291   -17.120 1.00 14.20 ? 118  VAL A C   1 
ATOM   933  O  O   . VAL A 1 119 ? 1.429   0.891   -18.254 1.00 14.33 ? 118  VAL A O   1 
ATOM   934  C  CB  . VAL A 1 119 ? -0.453  3.265   -17.347 1.00 12.60 ? 118  VAL A CB  1 
ATOM   935  C  CG1 . VAL A 1 119 ? -1.603  2.473   -16.595 1.00 14.98 ? 118  VAL A CG1 1 
ATOM   936  C  CG2 . VAL A 1 119 ? -0.610  4.780   -17.106 1.00 9.77  ? 118  VAL A CG2 1 
ATOM   937  N  N   . GLU A 1 120 ? 0.832   0.458   -16.103 1.00 10.24 ? 119  GLU A N   1 
ATOM   938  C  CA  . GLU A 1 120 ? 0.927   -0.995  -16.315 1.00 13.23 ? 119  GLU A CA  1 
ATOM   939  C  C   . GLU A 1 120 ? -0.336  -1.624  -15.732 1.00 15.08 ? 119  GLU A C   1 
ATOM   940  O  O   . GLU A 1 120 ? -0.873  -1.180  -14.704 1.00 13.49 ? 119  GLU A O   1 
ATOM   941  C  CB  . GLU A 1 120 ? 2.178   -1.578  -15.629 1.00 10.49 ? 119  GLU A CB  1 
ATOM   942  C  CG  . GLU A 1 120 ? 3.509   -1.186  -16.276 1.00 13.72 ? 119  GLU A CG  1 
ATOM   943  C  CD  . GLU A 1 120 ? 4.725   -1.739  -15.550 1.00 17.37 ? 119  GLU A CD  1 
ATOM   944  O  OE1 . GLU A 1 120 ? 4.573   -2.350  -14.459 1.00 20.07 ? 119  GLU A OE1 1 
ATOM   945  O  OE2 . GLU A 1 120 ? 5.839   -1.567  -16.074 1.00 19.03 ? 119  GLU A OE2 1 
ATOM   946  N  N   . GLY A 1 121 ? -0.840  -2.657  -16.387 1.00 15.86 ? 120  GLY A N   1 
ATOM   947  C  CA  . GLY A 1 121 ? -2.024  -3.276  -15.849 1.00 13.62 ? 120  GLY A CA  1 
ATOM   948  C  C   . GLY A 1 121 ? -3.258  -2.658  -16.408 1.00 15.59 ? 120  GLY A C   1 
ATOM   949  O  O   . GLY A 1 121 ? -3.212  -1.926  -17.409 1.00 19.92 ? 120  GLY A O   1 
ATOM   950  N  N   . SER A 1 122 ? -4.369  -2.970  -15.763 1.00 14.69 ? 121  SER A N   1 
ATOM   951  C  CA  . SER A 1 122 ? -5.665  -2.514  -16.203 1.00 15.98 ? 121  SER A CA  1 
ATOM   952  C  C   . SER A 1 122 ? -6.513  -2.312  -14.939 1.00 16.58 ? 121  SER A C   1 
ATOM   953  O  O   . SER A 1 122 ? -6.681  -3.217  -14.108 1.00 16.21 ? 121  SER A O   1 
ATOM   954  C  CB  . SER A 1 122 ? -6.267  -3.570  -17.125 1.00 20.02 ? 121  SER A CB  1 
ATOM   955  O  OG  . SER A 1 122 ? -7.567  -3.215  -17.479 1.00 21.40 ? 121  SER A OG  1 
ATOM   956  N  N   . PHE A 1 123 ? -7.032  -1.110  -14.782 1.00 15.29 ? 122  PHE A N   1 
ATOM   957  C  CA  . PHE A 1 123 ? -7.804  -0.786  -13.616 1.00 15.79 ? 122  PHE A CA  1 
ATOM   958  C  C   . PHE A 1 123 ? -8.738  0.360   -13.962 1.00 16.79 ? 122  PHE A C   1 
ATOM   959  O  O   . PHE A 1 123 ? -8.595  1.026   -15.004 1.00 15.81 ? 122  PHE A O   1 
ATOM   960  C  CB  . PHE A 1 123 ? -6.867  -0.390  -12.467 1.00 13.12 ? 122  PHE A CB  1 
ATOM   961  C  CG  . PHE A 1 123 ? -5.873  0.690   -12.829 1.00 11.00 ? 122  PHE A CG  1 
ATOM   962  C  CD1 . PHE A 1 123 ? -6.224  2.037   -12.760 1.00 11.90 ? 122  PHE A CD1 1 
ATOM   963  C  CD2 . PHE A 1 123 ? -4.586  0.355   -13.223 1.00 12.89 ? 122  PHE A CD2 1 
ATOM   964  C  CE1 . PHE A 1 123 ? -5.287  3.042   -13.077 1.00 13.92 ? 122  PHE A CE1 1 
ATOM   965  C  CE2 . PHE A 1 123 ? -3.650  1.330   -13.541 1.00 13.84 ? 122  PHE A CE2 1 
ATOM   966  C  CZ  . PHE A 1 123 ? -4.000  2.686   -13.466 1.00 12.61 ? 122  PHE A CZ  1 
ATOM   967  N  N   . THR A 1 124 ? -9.700  0.581   -13.080 1.00 17.35 ? 123  THR A N   1 
ATOM   968  C  CA  . THR A 1 124 ? -10.682 1.625   -13.267 1.00 18.53 ? 123  THR A CA  1 
ATOM   969  C  C   . THR A 1 124 ? -10.610 2.611   -12.096 1.00 16.78 ? 123  THR A C   1 
ATOM   970  O  O   . THR A 1 124 ? -9.993  2.321   -11.082 1.00 15.82 ? 123  THR A O   1 
ATOM   971  C  CB  . THR A 1 124 ? -12.112 1.001   -13.331 1.00 22.73 ? 123  THR A CB  1 
ATOM   972  O  OG1 . THR A 1 124 ? -12.360 0.244   -12.152 1.00 25.45 ? 123  THR A OG1 1 
ATOM   973  C  CG2 . THR A 1 124 ? -12.208 0.013   -14.483 1.00 27.32 ? 123  THR A CG2 1 
ATOM   974  N  N   . ARG A 1 125 ? -11.203 3.788   -12.274 1.00 14.64 ? 124  ARG A N   1 
ATOM   975  C  CA  . ARG A 1 125 ? -11.301 4.790   -11.218 1.00 16.72 ? 124  ARG A CA  1 
ATOM   976  C  C   . ARG A 1 125 ? -11.751 4.061   -9.938  1.00 16.30 ? 124  ARG A C   1 
ATOM   977  O  O   . ARG A 1 125 ? -12.697 3.280   -9.998  1.00 14.04 ? 124  ARG A O   1 
ATOM   978  C  CB  . ARG A 1 125 ? -12.381 5.814   -11.564 1.00 19.65 ? 124  ARG A CB  1 
ATOM   979  C  CG  . ARG A 1 125 ? -12.575 6.868   -10.488 1.00 27.83 ? 124  ARG A CG  1 
ATOM   980  C  CD  . ARG A 1 125 ? -13.459 7.999   -10.965 1.00 32.08 ? 124  ARG A CD  1 
ATOM   981  N  NE  . ARG A 1 125 ? -13.193 9.231   -10.212 1.00 42.45 ? 124  ARG A NE  1 
ATOM   982  C  CZ  . ARG A 1 125 ? -13.235 9.334   -8.880  1.00 43.35 ? 124  ARG A CZ  1 
ATOM   983  N  NH1 . ARG A 1 125 ? -13.527 8.268   -8.136  1.00 47.11 ? 124  ARG A NH1 1 
ATOM   984  N  NH2 . ARG A 1 125 ? -13.016 10.503  -8.287  1.00 43.95 ? 124  ARG A NH2 1 
ATOM   985  N  N   . GLY A 1 126 ? -11.065 4.306   -8.815  1.00 12.82 ? 125  GLY A N   1 
ATOM   986  C  CA  . GLY A 1 126 ? -11.451 3.686   -7.547  1.00 14.00 ? 125  GLY A CA  1 
ATOM   987  C  C   . GLY A 1 126 ? -10.659 2.447   -7.157  1.00 12.17 ? 125  GLY A C   1 
ATOM   988  O  O   . GLY A 1 126 ? -10.749 2.036   -5.968  1.00 13.97 ? 125  GLY A O   1 
ATOM   989  N  N   . ASP A 1 127 ? -9.937  1.841   -8.117  1.00 10.86 ? 126  ASP A N   1 
ATOM   990  C  CA  . ASP A 1 127 ? -9.135  0.648   -7.825  1.00 11.39 ? 126  ASP A CA  1 
ATOM   991  C  C   . ASP A 1 127 ? -7.870  1.017   -7.064  1.00 13.54 ? 126  ASP A C   1 
ATOM   992  O  O   . ASP A 1 127 ? -7.391  2.192   -7.172  1.00 14.47 ? 126  ASP A O   1 
ATOM   993  C  CB  . ASP A 1 127 ? -8.683  -0.052  -9.095  1.00 14.17 ? 126  ASP A CB  1 
ATOM   994  C  CG  . ASP A 1 127 ? -9.749  -0.996  -9.672  1.00 16.76 ? 126  ASP A CG  1 
ATOM   995  O  OD1 . ASP A 1 127 ? -10.559 -1.515  -8.892  1.00 19.38 ? 126  ASP A OD1 1 
ATOM   996  O  OD2 . ASP A 1 127 ? -9.724  -1.242  -10.895 1.00 15.69 ? 126  ASP A OD2 1 
ATOM   997  N  N   . VAL A 1 128 ? -7.347  0.030   -6.326  1.00 10.94 ? 127  VAL A N   1 
ATOM   998  C  CA  . VAL A 1 128 ? -6.114  0.173   -5.565  1.00 11.45 ? 127  VAL A CA  1 
ATOM   999  C  C   . VAL A 1 128 ? -4.956  -0.017  -6.517  1.00 10.55 ? 127  VAL A C   1 
ATOM   1000 O  O   . VAL A 1 128 ? -4.918  -1.004  -7.271  1.00 11.50 ? 127  VAL A O   1 
ATOM   1001 C  CB  . VAL A 1 128 ? -6.034  -0.923  -4.452  1.00 11.60 ? 127  VAL A CB  1 
ATOM   1002 C  CG1 . VAL A 1 128 ? -4.681  -0.862  -3.752  1.00 12.09 ? 127  VAL A CG1 1 
ATOM   1003 C  CG2 . VAL A 1 128 ? -7.179  -0.715  -3.438  1.00 9.40  ? 127  VAL A CG2 1 
ATOM   1004 N  N   . VAL A 1 129 ? -4.024  0.935   -6.530  1.00 8.84  ? 128  VAL A N   1 
ATOM   1005 C  CA  . VAL A 1 129 ? -2.852  0.819   -7.382  1.00 7.39  ? 128  VAL A CA  1 
ATOM   1006 C  C   . VAL A 1 129 ? -1.655  1.340   -6.580  1.00 9.12  ? 128  VAL A C   1 
ATOM   1007 O  O   . VAL A 1 129 ? -1.839  1.999   -5.530  1.00 12.47 ? 128  VAL A O   1 
ATOM   1008 C  CB  . VAL A 1 129 ? -3.003  1.690   -8.713  1.00 9.79  ? 128  VAL A CB  1 
ATOM   1009 C  CG1 . VAL A 1 129 ? -4.200  1.216   -9.491  1.00 9.90  ? 128  VAL A CG1 1 
ATOM   1010 C  CG2 . VAL A 1 129 ? -3.216  3.216   -8.347  1.00 9.49  ? 128  VAL A CG2 1 
ATOM   1011 N  N   . ALA A 1 130 ? -0.452  1.094   -7.101  1.00 8.15  ? 129  ALA A N   1 
ATOM   1012 C  CA  . ALA A 1 130 ? 0.790   1.542   -6.467  1.00 7.70  ? 129  ALA A CA  1 
ATOM   1013 C  C   . ALA A 1 130 ? 1.523   2.427   -7.457  1.00 11.13 ? 129  ALA A C   1 
ATOM   1014 O  O   . ALA A 1 130 ? 1.447   2.194   -8.674  1.00 11.86 ? 129  ALA A O   1 
ATOM   1015 C  CB  . ALA A 1 130 ? 1.722   0.376   -6.151  1.00 7.33  ? 129  ALA A CB  1 
ATOM   1016 N  N   . ALA A 1 131 ? 2.258   3.400   -6.916  1.00 8.28  ? 130  ALA A N   1 
ATOM   1017 C  CA  . ALA A 1 131 ? 3.056   4.278   -7.728  1.00 8.56  ? 130  ALA A CA  1 
ATOM   1018 C  C   . ALA A 1 131 ? 4.515   3.844   -7.499  1.00 8.02  ? 130  ALA A C   1 
ATOM   1019 O  O   . ALA A 1 131 ? 4.985   3.748   -6.335  1.00 10.41 ? 130  ALA A O   1 
ATOM   1020 C  CB  . ALA A 1 131 ? 2.848   5.738   -7.268  1.00 9.25  ? 130  ALA A CB  1 
ATOM   1021 N  N   . LEU A 1 132 ? 5.228   3.607   -8.600  1.00 6.90  ? 131  LEU A N   1 
ATOM   1022 C  CA  . LEU A 1 132 ? 6.637   3.154   -8.562  1.00 9.66  ? 131  LEU A CA  1 
ATOM   1023 C  C   . LEU A 1 132 ? 7.532   4.146   -9.287  1.00 9.89  ? 131  LEU A C   1 
ATOM   1024 O  O   . LEU A 1 132 ? 7.173   4.619   -10.367 1.00 10.57 ? 131  LEU A O   1 
ATOM   1025 C  CB  . LEU A 1 132 ? 6.822   1.825   -9.315  1.00 10.08 ? 131  LEU A CB  1 
ATOM   1026 C  CG  . LEU A 1 132 ? 6.547   0.542   -8.520  1.00 11.87 ? 131  LEU A CG  1 
ATOM   1027 C  CD1 . LEU A 1 132 ? 5.113   0.587   -7.961  1.00 10.12 ? 131  LEU A CD1 1 
ATOM   1028 C  CD2 . LEU A 1 132 ? 6.785   -0.683  -9.451  1.00 13.42 ? 131  LEU A CD2 1 
ATOM   1029 N  N   . TYR A 1 133 ? 8.698   4.417   -8.718  1.00 8.66  ? 132  TYR A N   1 
ATOM   1030 C  CA  . TYR A 1 133 ? 9.672   5.301   -9.386  1.00 9.17  ? 132  TYR A CA  1 
ATOM   1031 C  C   . TYR A 1 133 ? 10.068  4.469   -10.605 1.00 11.72 ? 132  TYR A C   1 
ATOM   1032 O  O   . TYR A 1 133 ? 10.458  3.309   -10.454 1.00 13.30 ? 132  TYR A O   1 
ATOM   1033 C  CB  . TYR A 1 133 ? 10.873  5.532   -8.456  1.00 8.49  ? 132  TYR A CB  1 
ATOM   1034 C  CG  . TYR A 1 133 ? 12.036  6.229   -9.124  1.00 10.90 ? 132  TYR A CG  1 
ATOM   1035 C  CD1 . TYR A 1 133 ? 11.830  7.158   -10.166 1.00 13.56 ? 132  TYR A CD1 1 
ATOM   1036 C  CD2 . TYR A 1 133 ? 13.355  5.987   -8.714  1.00 14.65 ? 132  TYR A CD2 1 
ATOM   1037 C  CE1 . TYR A 1 133 ? 12.947  7.846   -10.785 1.00 12.88 ? 132  TYR A CE1 1 
ATOM   1038 C  CE2 . TYR A 1 133 ? 14.478  6.655   -9.311  1.00 13.77 ? 132  TYR A CE2 1 
ATOM   1039 C  CZ  . TYR A 1 133 ? 14.251  7.586   -10.340 1.00 17.14 ? 132  TYR A CZ  1 
ATOM   1040 O  OH  . TYR A 1 133 ? 15.312  8.287   -10.908 1.00 15.69 ? 132  TYR A OH  1 
ATOM   1041 N  N   . HIS A 1 134 ? 9.984   5.042   -11.805 1.00 8.35  ? 133  HIS A N   1 
ATOM   1042 C  CA  . HIS A 1 134 ? 10.251  4.241   -13.002 1.00 10.42 ? 133  HIS A CA  1 
ATOM   1043 C  C   . HIS A 1 134 ? 11.664  3.671   -13.144 1.00 13.90 ? 133  HIS A C   1 
ATOM   1044 O  O   . HIS A 1 134 ? 11.851  2.527   -13.621 1.00 14.86 ? 133  HIS A O   1 
ATOM   1045 C  CB  . HIS A 1 134 ? 9.945   5.055   -14.257 1.00 12.53 ? 133  HIS A CB  1 
ATOM   1046 C  CG  . HIS A 1 134 ? 11.009  6.056   -14.587 1.00 17.06 ? 133  HIS A CG  1 
ATOM   1047 N  ND1 . HIS A 1 134 ? 12.015  5.807   -15.504 1.00 16.77 ? 133  HIS A ND1 1 
ATOM   1048 C  CD2 . HIS A 1 134 ? 11.223  7.311   -14.122 1.00 17.61 ? 133  HIS A CD2 1 
ATOM   1049 C  CE1 . HIS A 1 134 ? 12.798  6.871   -15.589 1.00 17.97 ? 133  HIS A CE1 1 
ATOM   1050 N  NE2 . HIS A 1 134 ? 12.340  7.797   -14.763 1.00 20.18 ? 133  HIS A NE2 1 
ATOM   1051 N  N   . GLU A 1 135 ? 12.646  4.440   -12.717 1.00 12.41 ? 134  GLU A N   1 
ATOM   1052 C  CA  . GLU A 1 135 ? 14.041  3.992   -12.934 1.00 16.67 ? 134  GLU A CA  1 
ATOM   1053 C  C   . GLU A 1 135 ? 14.447  2.709   -12.211 1.00 15.01 ? 134  GLU A C   1 
ATOM   1054 O  O   . GLU A 1 135 ? 15.093  1.812   -12.792 1.00 16.90 ? 134  GLU A O   1 
ATOM   1055 C  CB  . GLU A 1 135 ? 14.978  5.141   -12.566 1.00 18.31 ? 134  GLU A CB  1 
ATOM   1056 C  CG  . GLU A 1 135 ? 16.453  4.853   -12.629 1.00 28.20 ? 134  GLU A CG  1 
ATOM   1057 C  CD  . GLU A 1 135 ? 16.896  4.625   -14.059 1.00 34.02 ? 134  GLU A CD  1 
ATOM   1058 O  OE1 . GLU A 1 135 ? 16.441  5.401   -14.932 1.00 38.14 ? 134  GLU A OE1 1 
ATOM   1059 O  OE2 . GLU A 1 135 ? 17.694  3.680   -14.300 1.00 39.55 ? 134  GLU A OE2 1 
ATOM   1060 N  N   . THR A 1 136 ? 14.055  2.616   -10.950 1.00 13.05 ? 135  THR A N   1 
ATOM   1061 C  CA  . THR A 1 136 ? 14.384  1.463   -10.097 1.00 15.00 ? 135  THR A CA  1 
ATOM   1062 C  C   . THR A 1 136 ? 13.169  0.602   -9.801  1.00 14.34 ? 135  THR A C   1 
ATOM   1063 O  O   . THR A 1 136 ? 13.315  -0.451  -9.189  1.00 14.63 ? 135  THR A O   1 
ATOM   1064 C  CB  . THR A 1 136 ? 14.910  1.928   -8.709  1.00 15.25 ? 135  THR A CB  1 
ATOM   1065 O  OG1 . THR A 1 136 ? 13.895  2.708   -8.067  1.00 18.38 ? 135  THR A OG1 1 
ATOM   1066 C  CG2 . THR A 1 136 ? 16.163  2.793   -8.852  1.00 21.81 ? 135  THR A CG2 1 
ATOM   1067 N  N   . ARG A 1 137 ? 11.979  1.055   -10.209 1.00 9.72  ? 136  ARG A N   1 
ATOM   1068 C  CA  . ARG A 1 137 ? 10.734  0.328   -9.941  1.00 11.63 ? 136  ARG A CA  1 
ATOM   1069 C  C   . ARG A 1 137 ? 10.512  0.192   -8.427  1.00 11.76 ? 136  ARG A C   1 
ATOM   1070 O  O   . ARG A 1 137 ? 9.938   -0.759  -7.947  1.00 14.34 ? 136  ARG A O   1 
ATOM   1071 C  CB  . ARG A 1 137 ? 10.723  -1.063  -10.622 1.00 11.82 ? 136  ARG A CB  1 
ATOM   1072 C  CG  . ARG A 1 137 ? 10.632  -0.936  -12.161 1.00 14.45 ? 136  ARG A CG  1 
ATOM   1073 C  CD  . ARG A 1 137 ? 10.419  -2.284  -12.863 1.00 18.76 ? 136  ARG A CD  1 
ATOM   1074 N  NE  . ARG A 1 137 ? 9.117   -2.914  -12.623 1.00 20.75 ? 136  ARG A NE  1 
ATOM   1075 C  CZ  . ARG A 1 137 ? 7.982   -2.556  -13.238 1.00 20.05 ? 136  ARG A CZ  1 
ATOM   1076 N  NH1 . ARG A 1 137 ? 7.991   -1.569  -14.109 1.00 15.31 ? 136  ARG A NH1 1 
ATOM   1077 N  NH2 . ARG A 1 137 ? 6.849   -3.210  -13.014 1.00 16.95 ? 136  ARG A NH2 1 
ATOM   1078 N  N   . THR A 1 138 ? 10.997  1.153   -7.666  1.00 11.02 ? 137  THR A N   1 
ATOM   1079 C  CA  . THR A 1 138 ? 10.806  1.154   -6.226  1.00 9.76  ? 137  THR A CA  1 
ATOM   1080 C  C   . THR A 1 138 ? 9.371   1.660   -5.922  1.00 9.87  ? 137  THR A C   1 
ATOM   1081 O  O   . THR A 1 138 ? 9.003   2.759   -6.356  1.00 11.48 ? 137  THR A O   1 
ATOM   1082 C  CB  . THR A 1 138 ? 11.766  2.201   -5.565  1.00 11.62 ? 137  THR A CB  1 
ATOM   1083 O  OG1 . THR A 1 138 ? 13.127  1.838   -5.795  1.00 14.17 ? 137  THR A OG1 1 
ATOM   1084 C  CG2 . THR A 1 138 ? 11.507  2.297   -4.045  1.00 13.19 ? 137  THR A CG2 1 
ATOM   1085 N  N   . PRO A 1 139 ? 8.550   0.894   -5.178  1.00 11.75 ? 138  PRO A N   1 
ATOM   1086 C  CA  . PRO A 1 139 ? 7.206   1.411   -4.880  1.00 10.30 ? 138  PRO A CA  1 
ATOM   1087 C  C   . PRO A 1 139 ? 7.312   2.593   -3.882  1.00 12.02 ? 138  PRO A C   1 
ATOM   1088 O  O   . PRO A 1 139 ? 8.010   2.506   -2.877  1.00 12.55 ? 138  PRO A O   1 
ATOM   1089 C  CB  . PRO A 1 139 ? 6.492   0.197   -4.221  1.00 10.78 ? 138  PRO A CB  1 
ATOM   1090 C  CG  . PRO A 1 139 ? 7.244   -0.966  -4.754  1.00 12.72 ? 138  PRO A CG  1 
ATOM   1091 C  CD  . PRO A 1 139 ? 8.685   -0.500  -4.707  1.00 11.13 ? 138  PRO A CD  1 
ATOM   1092 N  N   . VAL A 1 140 ? 6.664   3.718   -4.139  1.00 8.76  ? 139  VAL A N   1 
ATOM   1093 C  CA  . VAL A 1 140 ? 6.775   4.807   -3.165  1.00 7.60  ? 139  VAL A CA  1 
ATOM   1094 C  C   . VAL A 1 140 ? 5.433   5.156   -2.514  1.00 8.95  ? 139  VAL A C   1 
ATOM   1095 O  O   . VAL A 1 140 ? 5.361   5.830   -1.485  1.00 11.07 ? 139  VAL A O   1 
ATOM   1096 C  CB  . VAL A 1 140 ? 7.380   6.075   -3.848  1.00 9.70  ? 139  VAL A CB  1 
ATOM   1097 C  CG1 . VAL A 1 140 ? 8.800   5.786   -4.335  1.00 13.46 ? 139  VAL A CG1 1 
ATOM   1098 C  CG2 . VAL A 1 140 ? 6.554   6.421   -5.073  1.00 14.23 ? 139  VAL A CG2 1 
HETATM 1099 N  N   . MSE A 1 141 ? 4.352   4.705   -3.111  1.00 9.65  ? 140  MSE A N   1 
HETATM 1100 C  CA  . MSE A 1 141 ? 3.046   5.057   -2.587  1.00 6.71  ? 140  MSE A CA  1 
HETATM 1101 C  C   . MSE A 1 141 ? 1.999   4.054   -3.062  1.00 8.72  ? 140  MSE A C   1 
HETATM 1102 O  O   . MSE A 1 141 ? 2.154   3.431   -4.138  1.00 8.65  ? 140  MSE A O   1 
HETATM 1103 C  CB  . MSE A 1 141 ? 2.656   6.474   -3.137  1.00 7.43  ? 140  MSE A CB  1 
HETATM 1104 C  CG  . MSE A 1 141 ? 1.277   6.968   -2.671  1.00 5.68  ? 140  MSE A CG  1 
HETATM 1105 SE SE  . MSE A 1 141 ? -0.130  6.599   -3.981  1.00 14.35 ? 140  MSE A SE  1 
HETATM 1106 C  CE  . MSE A 1 141 ? 0.190   8.060   -5.245  1.00 12.08 ? 140  MSE A CE  1 
ATOM   1107 N  N   . VAL A 1 142 ? 0.978   3.868   -2.203  1.00 7.58  ? 141  VAL A N   1 
ATOM   1108 C  CA  . VAL A 1 142 ? -0.137  2.991   -2.463  1.00 9.63  ? 141  VAL A CA  1 
ATOM   1109 C  C   . VAL A 1 142 ? -1.360  3.885   -2.335  1.00 9.60  ? 141  VAL A C   1 
ATOM   1110 O  O   . VAL A 1 142 ? -1.449  4.674   -1.410  1.00 9.28  ? 141  VAL A O   1 
ATOM   1111 C  CB  . VAL A 1 142 ? -0.161  1.812   -1.461  1.00 11.22 ? 141  VAL A CB  1 
ATOM   1112 C  CG1 . VAL A 1 142 ? -1.524  1.131   -1.518  1.00 12.21 ? 141  VAL A CG1 1 
ATOM   1113 C  CG2 . VAL A 1 142 ? 0.970   0.828   -1.860  1.00 13.91 ? 141  VAL A CG2 1 
ATOM   1114 N  N   . GLY A 1 143 ? -2.278  3.769   -3.290  1.00 11.10 ? 142  GLY A N   1 
ATOM   1115 C  CA  . GLY A 1 143 ? -3.442  4.628   -3.241  1.00 9.21  ? 142  GLY A CA  1 
ATOM   1116 C  C   . GLY A 1 143 ? -4.583  4.217   -4.158  1.00 9.02  ? 142  GLY A C   1 
ATOM   1117 O  O   . GLY A 1 143 ? -4.673  3.074   -4.634  1.00 8.15  ? 142  GLY A O   1 
ATOM   1118 N  N   . VAL A 1 144 ? -5.412  5.192   -4.451  1.00 10.90 ? 143  VAL A N   1 
ATOM   1119 C  CA  . VAL A 1 144 ? -6.606  4.932   -5.224  1.00 10.59 ? 143  VAL A CA  1 
ATOM   1120 C  C   . VAL A 1 144 ? -6.576  5.621   -6.567  1.00 10.09 ? 143  VAL A C   1 
ATOM   1121 O  O   . VAL A 1 144 ? -6.347  6.855   -6.633  1.00 9.43  ? 143  VAL A O   1 
ATOM   1122 C  CB  . VAL A 1 144 ? -7.797  5.445   -4.406  1.00 11.91 ? 143  VAL A CB  1 
ATOM   1123 C  CG1 . VAL A 1 144 ? -9.151  5.196   -5.177  1.00 10.86 ? 143  VAL A CG1 1 
ATOM   1124 C  CG2 . VAL A 1 144 ? -7.850  4.680   -3.042  1.00 11.43 ? 143  VAL A CG2 1 
ATOM   1125 N  N   . ALA A 1 145 ? -6.842  4.872   -7.633  1.00 11.77 ? 144  ALA A N   1 
ATOM   1126 C  CA  . ALA A 1 145 ? -6.864  5.506   -8.966  1.00 9.89  ? 144  ALA A CA  1 
ATOM   1127 C  C   . ALA A 1 145 ? -7.960  6.556   -9.080  1.00 11.61 ? 144  ALA A C   1 
ATOM   1128 O  O   . ALA A 1 145 ? -9.090  6.278   -8.748  1.00 11.94 ? 144  ALA A O   1 
ATOM   1129 C  CB  . ALA A 1 145 ? -7.058  4.432   -10.072 1.00 9.67  ? 144  ALA A CB  1 
ATOM   1130 N  N   . GLU A 1 146 ? -7.623  7.760   -9.550  1.00 11.26 ? 145  GLU A N   1 
ATOM   1131 C  CA  . GLU A 1 146 ? -8.622  8.789   -9.754  1.00 16.08 ? 145  GLU A CA  1 
ATOM   1132 C  C   . GLU A 1 146 ? -9.236  8.689   -11.175 1.00 15.70 ? 145  GLU A C   1 
ATOM   1133 O  O   . GLU A 1 146 ? -10.285 9.267   -11.433 1.00 15.52 ? 145  GLU A O   1 
ATOM   1134 C  CB  . GLU A 1 146 ? -7.998  10.151  -9.615  1.00 16.07 ? 145  GLU A CB  1 
ATOM   1135 C  CG  . GLU A 1 146 ? -7.581  10.518  -8.237  1.00 24.41 ? 145  GLU A CG  1 
ATOM   1136 C  CD  . GLU A 1 146 ? -8.737  11.074  -7.412  1.00 25.18 ? 145  GLU A CD  1 
ATOM   1137 O  OE1 . GLU A 1 146 ? -9.739  11.494  -8.008  1.00 33.50 ? 145  GLU A OE1 1 
ATOM   1138 O  OE2 . GLU A 1 146 ? -8.646  11.115  -6.177  1.00 30.33 ? 145  GLU A OE2 1 
ATOM   1139 N  N   . VAL A 1 147 ? -8.573  7.970   -12.079 1.00 14.76 ? 146  VAL A N   1 
ATOM   1140 C  CA  . VAL A 1 147 ? -9.033  7.805   -13.443 1.00 14.76 ? 146  VAL A CA  1 
ATOM   1141 C  C   . VAL A 1 147 ? -8.768  6.375   -13.894 1.00 16.09 ? 146  VAL A C   1 
ATOM   1142 O  O   . VAL A 1 147 ? -7.904  5.703   -13.326 1.00 16.54 ? 146  VAL A O   1 
ATOM   1143 C  CB  . VAL A 1 147 ? -8.293  8.747   -14.413 1.00 14.98 ? 146  VAL A CB  1 
ATOM   1144 C  CG1 . VAL A 1 147 ? -8.769  10.221  -14.174 1.00 18.26 ? 146  VAL A CG1 1 
ATOM   1145 C  CG2 . VAL A 1 147 ? -6.785  8.554   -14.269 1.00 14.78 ? 146  VAL A CG2 1 
ATOM   1146 N  N   . ASP A 1 148 ? -9.468  5.924   -14.926 1.00 13.88 ? 147  ASP A N   1 
ATOM   1147 C  CA  . ASP A 1 148 ? -9.264  4.567   -15.428 1.00 14.59 ? 147  ASP A CA  1 
ATOM   1148 C  C   . ASP A 1 148 ? -7.880  4.459   -16.062 1.00 13.30 ? 147  ASP A C   1 
ATOM   1149 O  O   . ASP A 1 148 ? -7.327  5.447   -16.540 1.00 15.49 ? 147  ASP A O   1 
ATOM   1150 C  CB  . ASP A 1 148 ? -10.267 4.185   -16.542 1.00 17.25 ? 147  ASP A CB  1 
ATOM   1151 C  CG  . ASP A 1 148 ? -11.722 4.085   -16.072 1.00 26.66 ? 147  ASP A CG  1 
ATOM   1152 O  OD1 . ASP A 1 148 ? -12.560 3.958   -16.999 1.00 27.59 ? 147  ASP A OD1 1 
ATOM   1153 O  OD2 . ASP A 1 148 ? -12.057 4.126   -14.853 1.00 22.60 ? 147  ASP A OD2 1 
ATOM   1154 N  N   . SER A 1 149 ? -7.333  3.260   -16.145 1.00 13.06 ? 148  SER A N   1 
ATOM   1155 C  CA  . SER A 1 149 ? -6.010  3.108   -16.732 1.00 12.33 ? 148  SER A CA  1 
ATOM   1156 C  C   . SER A 1 149 ? -5.988  3.559   -18.198 1.00 15.00 ? 148  SER A C   1 
ATOM   1157 O  O   . SER A 1 149 ? -5.016  4.187   -18.651 1.00 15.05 ? 148  SER A O   1 
ATOM   1158 C  CB  . SER A 1 149 ? -5.533  1.641   -16.642 1.00 14.21 ? 148  SER A CB  1 
ATOM   1159 O  OG  . SER A 1 149 ? -6.466  0.789   -17.251 1.00 13.75 ? 148  SER A OG  1 
ATOM   1160 N  N   . SER A 1 150 ? -7.047  3.271   -18.937 1.00 15.29 ? 149  SER A N   1 
ATOM   1161 C  CA  . SER A 1 150 ? -7.033  3.639   -20.346 1.00 16.00 ? 149  SER A CA  1 
ATOM   1162 C  C   . SER A 1 150 ? -7.021  5.180   -20.477 1.00 15.64 ? 149  SER A C   1 
ATOM   1163 O  O   . SER A 1 150 ? -6.362  5.710   -21.377 1.00 15.70 ? 149  SER A O   1 
ATOM   1164 C  CB  . SER A 1 150 ? -8.256  3.043   -21.061 1.00 19.45 ? 149  SER A CB  1 
ATOM   1165 O  OG  . SER A 1 150 ? -9.467  3.577   -20.487 1.00 26.18 ? 149  SER A OG  1 
ATOM   1166 N  N   . ALA A 1 151 ? -7.738  5.878   -19.590 1.00 13.98 ? 150  ALA A N   1 
ATOM   1167 C  CA  . ALA A 1 151 ? -7.743  7.322   -19.637 1.00 13.97 ? 150  ALA A CA  1 
ATOM   1168 C  C   . ALA A 1 151 ? -6.379  7.864   -19.229 1.00 12.42 ? 150  ALA A C   1 
ATOM   1169 O  O   . ALA A 1 151 ? -5.877  8.816   -19.840 1.00 13.29 ? 150  ALA A O   1 
ATOM   1170 C  CB  . ALA A 1 151 ? -8.802  7.882   -18.740 1.00 13.63 ? 150  ALA A CB  1 
ATOM   1171 N  N   . LEU A 1 152 ? -5.759  7.270   -18.205 1.00 14.16 ? 151  LEU A N   1 
ATOM   1172 C  CA  . LEU A 1 152 ? -4.457  7.751   -17.756 1.00 10.72 ? 151  LEU A CA  1 
ATOM   1173 C  C   . LEU A 1 152 ? -3.402  7.621   -18.864 1.00 11.35 ? 151  LEU A C   1 
ATOM   1174 O  O   . LEU A 1 152 ? -2.535  8.498   -19.030 1.00 15.30 ? 151  LEU A O   1 
ATOM   1175 C  CB  . LEU A 1 152 ? -4.042  6.991   -16.483 1.00 10.42 ? 151  LEU A CB  1 
ATOM   1176 C  CG  . LEU A 1 152 ? -2.754  7.491   -15.811 1.00 10.89 ? 151  LEU A CG  1 
ATOM   1177 C  CD1 . LEU A 1 152 ? -2.892  9.004   -15.598 1.00 10.22 ? 151  LEU A CD1 1 
ATOM   1178 C  CD2 . LEU A 1 152 ? -2.587  6.781   -14.399 1.00 10.57 ? 151  LEU A CD2 1 
ATOM   1179 N  N   . GLU A 1 153 ? -3.436  6.502   -19.572 1.00 10.23 ? 152  GLU A N   1 
ATOM   1180 C  CA  . GLU A 1 153 ? -2.502  6.271   -20.676 1.00 13.95 ? 152  GLU A CA  1 
ATOM   1181 C  C   . GLU A 1 153 ? -2.575  7.484   -21.642 1.00 13.99 ? 152  GLU A C   1 
ATOM   1182 O  O   . GLU A 1 153 ? -1.568  7.911   -22.208 1.00 14.62 ? 152  GLU A O   1 
ATOM   1183 C  CB  . GLU A 1 153 ? -2.914  5.025   -21.462 1.00 19.19 ? 152  GLU A CB  1 
ATOM   1184 C  CG  . GLU A 1 153 ? -2.764  3.724   -20.715 1.00 27.52 ? 152  GLU A CG  1 
ATOM   1185 C  CD  . GLU A 1 153 ? -1.410  3.086   -20.939 1.00 28.85 ? 152  GLU A CD  1 
ATOM   1186 O  OE1 . GLU A 1 153 ? -0.429  3.820   -21.241 1.00 25.88 ? 152  GLU A OE1 1 
ATOM   1187 O  OE2 . GLU A 1 153 ? -1.346  1.833   -20.808 1.00 31.85 ? 152  GLU A OE2 1 
ATOM   1188 N  N   . LYS A 1 154 ? -3.768  8.005   -21.874 1.00 13.30 ? 153  LYS A N   1 
ATOM   1189 C  CA  . LYS A 1 154 ? -3.844  9.168   -22.782 1.00 15.81 ? 153  LYS A CA  1 
ATOM   1190 C  C   . LYS A 1 154 ? -3.412  10.467  -22.065 1.00 14.09 ? 153  LYS A C   1 
ATOM   1191 O  O   . LYS A 1 154 ? -2.593  11.281  -22.551 1.00 11.50 ? 153  LYS A O   1 
ATOM   1192 C  CB  . LYS A 1 154 ? -5.275  9.315   -23.302 1.00 18.67 ? 153  LYS A CB  1 
ATOM   1193 C  CG  . LYS A 1 154 ? -5.720  8.143   -24.097 1.00 28.74 ? 153  LYS A CG  1 
ATOM   1194 C  CD  . LYS A 1 154 ? -7.216  8.265   -24.499 1.00 35.24 ? 153  LYS A CD  1 
ATOM   1195 C  CE  . LYS A 1 154 ? -7.765  6.953   -25.081 1.00 39.95 ? 153  LYS A CE  1 
ATOM   1196 N  NZ  . LYS A 1 154 ? -7.000  6.589   -26.323 1.00 44.47 ? 153  LYS A NZ  1 
ATOM   1197 N  N   . LEU A 1 155 ? -3.942  10.640  -20.871 1.00 12.79 ? 154  LEU A N   1 
ATOM   1198 C  CA  . LEU A 1 155 ? -3.647  11.844  -20.101 1.00 12.39 ? 154  LEU A CA  1 
ATOM   1199 C  C   . LEU A 1 155 ? -2.193  12.086  -19.773 1.00 9.48  ? 154  LEU A C   1 
ATOM   1200 O  O   . LEU A 1 155 ? -1.730  13.230  -19.816 1.00 10.83 ? 154  LEU A O   1 
ATOM   1201 C  CB  . LEU A 1 155 ? -4.442  11.860  -18.789 1.00 12.64 ? 154  LEU A CB  1 
ATOM   1202 C  CG  . LEU A 1 155 ? -5.952  11.933  -18.961 1.00 11.75 ? 154  LEU A CG  1 
ATOM   1203 C  CD1 . LEU A 1 155 ? -6.633  11.499  -17.612 1.00 11.50 ? 154  LEU A CD1 1 
ATOM   1204 C  CD2 . LEU A 1 155 ? -6.389  13.394  -19.305 1.00 11.90 ? 154  LEU A CD2 1 
ATOM   1205 N  N   . TYR A 1 156 ? -1.437  11.062  -19.425 1.00 10.12 ? 155  TYR A N   1 
ATOM   1206 C  CA  . TYR A 1 156 ? -0.032  11.380  -19.089 1.00 8.02  ? 155  TYR A CA  1 
ATOM   1207 C  C   . TYR A 1 156 ? 0.752   11.676  -20.378 1.00 10.38 ? 155  TYR A C   1 
ATOM   1208 O  O   . TYR A 1 156 ? 1.727   12.462  -20.363 1.00 10.01 ? 155  TYR A O   1 
ATOM   1209 C  CB  . TYR A 1 156 ? 0.649   10.245  -18.282 1.00 9.31  ? 155  TYR A CB  1 
ATOM   1210 C  CG  . TYR A 1 156 ? 1.300   9.144   -19.119 1.00 10.28 ? 155  TYR A CG  1 
ATOM   1211 C  CD1 . TYR A 1 156 ? 0.666   7.935   -19.340 1.00 10.54 ? 155  TYR A CD1 1 
ATOM   1212 C  CD2 . TYR A 1 156 ? 2.599   9.292   -19.612 1.00 9.35  ? 155  TYR A CD2 1 
ATOM   1213 C  CE1 . TYR A 1 156 ? 1.305   6.881   -20.024 1.00 10.95 ? 155  TYR A CE1 1 
ATOM   1214 C  CE2 . TYR A 1 156 ? 3.238   8.258   -20.314 1.00 10.51 ? 155  TYR A CE2 1 
ATOM   1215 C  CZ  . TYR A 1 156 ? 2.583   7.054   -20.513 1.00 12.52 ? 155  TYR A CZ  1 
ATOM   1216 O  OH  . TYR A 1 156 ? 3.220   6.054   -21.209 1.00 13.81 ? 155  TYR A OH  1 
ATOM   1217 N  N   . ARG A 1 157 ? 0.313   11.130  -21.512 1.00 9.16  ? 156  ARG A N   1 
ATOM   1218 C  CA  . ARG A 1 157 ? 1.006   11.438  -22.769 1.00 8.91  ? 156  ARG A CA  1 
ATOM   1219 C  C   . ARG A 1 157 ? 0.780   12.910  -23.215 1.00 12.56 ? 156  ARG A C   1 
ATOM   1220 O  O   . ARG A 1 157 ? 1.624   13.481  -23.924 1.00 14.50 ? 156  ARG A O   1 
ATOM   1221 C  CB  . ARG A 1 157 ? 0.584   10.478  -23.864 1.00 10.17 ? 156  ARG A CB  1 
ATOM   1222 C  CG  . ARG A 1 157 ? 1.304   9.130   -23.715 1.00 12.25 ? 156  ARG A CG  1 
ATOM   1223 C  CD  . ARG A 1 157 ? 0.762   8.147   -24.696 1.00 16.47 ? 156  ARG A CD  1 
ATOM   1224 N  NE  . ARG A 1 157 ? 1.582   6.957   -24.750 1.00 22.35 ? 156  ARG A NE  1 
ATOM   1225 C  CZ  . ARG A 1 157 ? 1.367   5.880   -24.024 1.00 24.14 ? 156  ARG A CZ  1 
ATOM   1226 N  NH1 . ARG A 1 157 ? 0.348   5.882   -23.185 1.00 22.60 ? 156  ARG A NH1 1 
ATOM   1227 N  NH2 . ARG A 1 157 ? 2.151   4.782   -24.173 1.00 20.14 ? 156  ARG A NH2 1 
ATOM   1228 N  N   . GLU A 1 158 ? -0.362  13.488  -22.817 1.00 9.81  ? 157  GLU A N   1 
ATOM   1229 C  CA  . GLU A 1 158 ? -0.660  14.889  -23.114 1.00 11.68 ? 157  GLU A CA  1 
ATOM   1230 C  C   . GLU A 1 158 ? -0.106  15.764  -22.010 1.00 11.93 ? 157  GLU A C   1 
ATOM   1231 O  O   . GLU A 1 158 ? -0.159  16.998  -22.122 1.00 12.78 ? 157  GLU A O   1 
ATOM   1232 C  CB  . GLU A 1 158 ? -2.172  15.118  -23.065 1.00 12.39 ? 157  GLU A CB  1 
ATOM   1233 C  CG  . GLU A 1 158 ? -3.004  14.260  -23.990 1.00 22.85 ? 157  GLU A CG  1 
ATOM   1234 C  CD  . GLU A 1 158 ? -4.513  14.281  -23.630 1.00 27.66 ? 157  GLU A CD  1 
ATOM   1235 O  OE1 . GLU A 1 158 ? -5.297  13.647  -24.379 1.00 30.68 ? 157  GLU A OE1 1 
ATOM   1236 O  OE2 . GLU A 1 158 ? -4.903  14.904  -22.597 1.00 24.96 ? 157  GLU A OE2 1 
ATOM   1237 N  N   . LYS A 1 159 ? 0.364   15.155  -20.918 1.00 10.86 ? 158  LYS A N   1 
ATOM   1238 C  CA  . LYS A 1 159 ? 0.783   15.885  -19.678 1.00 9.56  ? 158  LYS A CA  1 
ATOM   1239 C  C   . LYS A 1 159 ? -0.366  16.815  -19.164 1.00 11.12 ? 158  LYS A C   1 
ATOM   1240 O  O   . LYS A 1 159 ? -0.194  17.996  -18.735 1.00 10.44 ? 158  LYS A O   1 
ATOM   1241 C  CB  . LYS A 1 159 ? 2.123   16.676  -19.852 1.00 9.95  ? 158  LYS A CB  1 
ATOM   1242 C  CG  . LYS A 1 159 ? 3.357   15.730  -19.947 1.00 10.53 ? 158  LYS A CG  1 
ATOM   1243 C  CD  . LYS A 1 159 ? 3.581   14.885  -18.680 1.00 9.32  ? 158  LYS A CD  1 
ATOM   1244 C  CE  . LYS A 1 159 ? 4.769   13.900  -18.908 1.00 13.77 ? 158  LYS A CE  1 
ATOM   1245 N  NZ  . LYS A 1 159 ? 5.223   13.047  -17.708 1.00 14.79 ? 158  LYS A NZ  1 
ATOM   1246 N  N   . ALA A 1 160 ? -1.558  16.253  -19.163 1.00 8.30  ? 159  ALA A N   1 
ATOM   1247 C  CA  . ALA A 1 160 ? -2.727  16.936  -18.651 1.00 11.62 ? 159  ALA A CA  1 
ATOM   1248 C  C   . ALA A 1 160 ? -2.536  17.186  -17.141 1.00 12.37 ? 159  ALA A C   1 
ATOM   1249 O  O   . ALA A 1 160 ? -1.852  16.438  -16.444 1.00 13.77 ? 159  ALA A O   1 
ATOM   1250 C  CB  . ALA A 1 160 ? -3.952  16.044  -18.849 1.00 9.13  ? 159  ALA A CB  1 
ATOM   1251 N  N   . ARG A 1 161 ? -3.104  18.266  -16.650 1.00 10.33 ? 160  ARG A N   1 
ATOM   1252 C  CA  . ARG A 1 161 ? -3.051  18.561  -15.244 1.00 11.39 ? 160  ARG A CA  1 
ATOM   1253 C  C   . ARG A 1 161 ? -4.177  17.846  -14.456 1.00 12.75 ? 160  ARG A C   1 
ATOM   1254 O  O   . ARG A 1 161 ? -5.274  17.642  -14.961 1.00 11.34 ? 160  ARG A O   1 
ATOM   1255 C  CB  . ARG A 1 161 ? -3.217  20.077  -15.021 1.00 11.74 ? 160  ARG A CB  1 
ATOM   1256 C  CG  . ARG A 1 161 ? -1.961  20.857  -15.163 1.00 15.24 ? 160  ARG A CG  1 
ATOM   1257 C  CD  . ARG A 1 161 ? -1.177  20.600  -16.432 1.00 24.24 ? 160  ARG A CD  1 
ATOM   1258 N  NE  . ARG A 1 161 ? -0.016  21.519  -16.484 1.00 27.76 ? 160  ARG A NE  1 
ATOM   1259 C  CZ  . ARG A 1 161 ? 0.997   21.429  -17.341 1.00 26.64 ? 160  ARG A CZ  1 
ATOM   1260 N  NH1 . ARG A 1 161 ? 1.027   20.446  -18.231 1.00 20.94 ? 160  ARG A NH1 1 
ATOM   1261 N  NH2 . ARG A 1 161 ? 1.961   22.356  -17.311 1.00 22.55 ? 160  ARG A NH2 1 
ATOM   1262 N  N   . GLY A 1 162 ? -3.892  17.560  -13.193 1.00 9.28  ? 161  GLY A N   1 
ATOM   1263 C  CA  . GLY A 1 162 ? -4.894  16.920  -12.379 1.00 13.23 ? 161  GLY A CA  1 
ATOM   1264 C  C   . GLY A 1 162 ? -4.372  15.740  -11.577 1.00 11.87 ? 161  GLY A C   1 
ATOM   1265 O  O   . GLY A 1 162 ? -3.210  15.288  -11.749 1.00 12.13 ? 161  GLY A O   1 
ATOM   1266 N  N   . ARG A 1 163 ? -5.224  15.229  -10.683 1.00 11.11 ? 162  ARG A N   1 
ATOM   1267 C  CA  . ARG A 1 163 ? -4.742  14.150  -9.848  1.00 10.22 ? 162  ARG A CA  1 
ATOM   1268 C  C   . ARG A 1 163 ? -4.916  12.796  -10.524 1.00 11.38 ? 162  ARG A C   1 
ATOM   1269 O  O   . ARG A 1 163 ? -5.945  12.512  -11.129 1.00 10.94 ? 162  ARG A O   1 
ATOM   1270 C  CB  . ARG A 1 163 ? -5.410  14.220  -8.461  1.00 11.17 ? 162  ARG A CB  1 
ATOM   1271 C  CG  . ARG A 1 163 ? -4.806  13.248  -7.454  1.00 14.58 ? 162  ARG A CG  1 
ATOM   1272 C  CD  . ARG A 1 163 ? -5.156  13.708  -6.042  1.00 17.89 ? 162  ARG A CD  1 
ATOM   1273 N  NE  . ARG A 1 163 ? -6.479  13.278  -5.674  1.00 27.92 ? 162  ARG A NE  1 
ATOM   1274 C  CZ  . ARG A 1 163 ? -7.214  13.828  -4.705  1.00 26.32 ? 162  ARG A CZ  1 
ATOM   1275 N  NH1 . ARG A 1 163 ? -6.743  14.856  -3.999  1.00 23.47 ? 162  ARG A NH1 1 
ATOM   1276 N  NH2 . ARG A 1 163 ? -8.421  13.342  -4.470  1.00 27.08 ? 162  ARG A NH2 1 
ATOM   1277 N  N   . ALA A 1 164 ? -3.851  11.999  -10.503 1.00 8.88  ? 163  ALA A N   1 
ATOM   1278 C  CA  . ALA A 1 164 ? -3.911  10.670  -11.102 1.00 8.16  ? 163  ALA A CA  1 
ATOM   1279 C  C   . ALA A 1 164 ? -4.218  9.593   -10.036 1.00 11.74 ? 163  ALA A C   1 
ATOM   1280 O  O   . ALA A 1 164 ? -4.948  8.643   -10.313 1.00 12.84 ? 163  ALA A O   1 
ATOM   1281 C  CB  . ALA A 1 164 ? -2.562  10.322  -11.794 1.00 8.85  ? 163  ALA A CB  1 
ATOM   1282 N  N   . VAL A 1 165 ? -3.586  9.696   -8.863  1.00 9.06  ? 164  VAL A N   1 
ATOM   1283 C  CA  . VAL A 1 165 ? -3.796  8.678   -7.813  1.00 9.28  ? 164  VAL A CA  1 
ATOM   1284 C  C   . VAL A 1 165 ? -3.848  9.369   -6.488  1.00 8.94  ? 164  VAL A C   1 
ATOM   1285 O  O   . VAL A 1 165 ? -2.973  10.219  -6.195  1.00 11.55 ? 164  VAL A O   1 
ATOM   1286 C  CB  . VAL A 1 165 ? -2.592  7.653   -7.788  1.00 7.63  ? 164  VAL A CB  1 
ATOM   1287 C  CG1 . VAL A 1 165 ? -2.832  6.572   -6.639  1.00 8.43  ? 164  VAL A CG1 1 
ATOM   1288 C  CG2 . VAL A 1 165 ? -2.563  6.883   -9.175  1.00 10.15 ? 164  VAL A CG2 1 
ATOM   1289 N  N   . ARG A 1 166 ? -4.878  9.075   -5.723  1.00 8.06  ? 165  ARG A N   1 
ATOM   1290 C  CA  . ARG A 1 166 ? -5.019  9.662   -4.397  1.00 8.68  ? 165  ARG A CA  1 
ATOM   1291 C  C   . ARG A 1 166 ? -4.227  8.823   -3.373  1.00 7.84  ? 165  ARG A C   1 
ATOM   1292 O  O   . ARG A 1 166 ? -4.419  7.580   -3.219  1.00 9.70  ? 165  ARG A O   1 
ATOM   1293 C  CB  . ARG A 1 166 ? -6.485  9.712   -4.003  1.00 9.06  ? 165  ARG A CB  1 
ATOM   1294 C  CG  . ARG A 1 166 ? -6.689  10.193  -2.576  1.00 11.26 ? 165  ARG A CG  1 
ATOM   1295 C  CD  . ARG A 1 166 ? -8.179  10.440  -2.293  1.00 18.16 ? 165  ARG A CD  1 
ATOM   1296 N  NE  . ARG A 1 166 ? -9.094  9.380   -2.722  1.00 22.60 ? 165  ARG A NE  1 
ATOM   1297 C  CZ  . ARG A 1 166 ? -9.351  8.289   -2.029  1.00 26.50 ? 165  ARG A CZ  1 
ATOM   1298 N  NH1 . ARG A 1 166 ? -8.747  8.076   -0.865  1.00 31.62 ? 165  ARG A NH1 1 
ATOM   1299 N  NH2 . ARG A 1 166 ? -10.272 7.445   -2.448  1.00 30.72 ? 165  ARG A NH2 1 
ATOM   1300 N  N   . ARG A 1 167 ? -3.312  9.482   -2.683  1.00 9.53  ? 166  ARG A N   1 
ATOM   1301 C  CA  . ARG A 1 167 ? -2.433  8.780   -1.733  1.00 9.98  ? 166  ARG A CA  1 
ATOM   1302 C  C   . ARG A 1 167 ? -3.121  8.215   -0.512  1.00 12.36 ? 166  ARG A C   1 
ATOM   1303 O  O   . ARG A 1 167 ? -3.917  8.893   0.115   1.00 12.42 ? 166  ARG A O   1 
ATOM   1304 C  CB  . ARG A 1 167 ? -1.307  9.728   -1.265  1.00 13.15 ? 166  ARG A CB  1 
ATOM   1305 C  CG  . ARG A 1 167 ? -0.438  9.157   -0.148  1.00 14.35 ? 166  ARG A CG  1 
ATOM   1306 C  CD  . ARG A 1 167 ? -0.802  9.762   1.232   1.00 12.95 ? 166  ARG A CD  1 
ATOM   1307 N  NE  . ARG A 1 167 ? -0.789  11.220  1.218   1.00 14.33 ? 166  ARG A NE  1 
ATOM   1308 C  CZ  . ARG A 1 167 ? -1.867  11.967  1.485   1.00 13.39 ? 166  ARG A CZ  1 
ATOM   1309 N  NH1 . ARG A 1 167 ? -3.013  11.398  1.781   1.00 15.90 ? 166  ARG A NH1 1 
ATOM   1310 N  NH2 . ARG A 1 167 ? -1.814  13.302  1.467   1.00 14.70 ? 166  ARG A NH2 1 
ATOM   1311 N  N   . VAL A 1 168 ? -2.821  6.953   -0.181  1.00 10.64 ? 167  VAL A N   1 
ATOM   1312 C  CA  . VAL A 1 168 ? -3.369  6.360   1.027   1.00 10.47 ? 167  VAL A CA  1 
ATOM   1313 C  C   . VAL A 1 168 ? -2.211  6.080   1.997   1.00 11.44 ? 167  VAL A C   1 
ATOM   1314 O  O   . VAL A 1 168 ? -2.276  6.425   3.199   1.00 11.36 ? 167  VAL A O   1 
ATOM   1315 C  CB  . VAL A 1 168 ? -4.129  5.030   0.719   1.00 8.10  ? 167  VAL A CB  1 
ATOM   1316 C  CG1 . VAL A 1 168 ? -4.361  4.239   2.040   1.00 10.80 ? 167  VAL A CG1 1 
ATOM   1317 C  CG2 . VAL A 1 168 ? -5.510  5.384   0.015   1.00 8.86  ? 167  VAL A CG2 1 
ATOM   1318 N  N   . HIS A 1 169 ? -1.143  5.484   1.466   1.00 8.79  ? 168  HIS A N   1 
ATOM   1319 C  CA  . HIS A 1 169 ? 0.040   5.112   2.279   1.00 7.88  ? 168  HIS A CA  1 
ATOM   1320 C  C   . HIS A 1 169 ? 1.272   5.413   1.412   1.00 10.33 ? 168  HIS A C   1 
ATOM   1321 O  O   . HIS A 1 169 ? 1.251   5.219   0.187   1.00 9.69  ? 168  HIS A O   1 
ATOM   1322 C  CB  . HIS A 1 169 ? -0.071  3.561   2.616   1.00 7.91  ? 168  HIS A CB  1 
ATOM   1323 C  CG  . HIS A 1 169 ? 1.193   2.920   3.090   1.00 10.40 ? 168  HIS A CG  1 
ATOM   1324 N  ND1 . HIS A 1 169 ? 1.902   3.352   4.206   1.00 9.78  ? 168  HIS A ND1 1 
ATOM   1325 C  CD2 . HIS A 1 169 ? 1.855   1.830   2.615   1.00 11.99 ? 168  HIS A CD2 1 
ATOM   1326 C  CE1 . HIS A 1 169 ? 2.938   2.545   4.394   1.00 9.32  ? 168  HIS A CE1 1 
ATOM   1327 N  NE2 . HIS A 1 169 ? 2.936   1.622   3.443   1.00 10.51 ? 168  HIS A NE2 1 
ATOM   1328 N  N   . ARG A 1 170 ? 2.343   5.904   2.028   1.00 9.96  ? 169  ARG A N   1 
ATOM   1329 C  CA  . ARG A 1 170 ? 3.537   6.230   1.268   1.00 6.76  ? 169  ARG A CA  1 
ATOM   1330 C  C   . ARG A 1 170 ? 4.796   6.085   2.107   1.00 8.56  ? 169  ARG A C   1 
ATOM   1331 O  O   . ARG A 1 170 ? 4.784   6.082   3.354   1.00 7.71  ? 169  ARG A O   1 
ATOM   1332 C  CB  . ARG A 1 170 ? 3.435   7.656   0.697   1.00 10.37 ? 169  ARG A CB  1 
ATOM   1333 C  CG  . ARG A 1 170 ? 3.121   8.786   1.745   1.00 6.67  ? 169  ARG A CG  1 
ATOM   1334 C  CD  . ARG A 1 170 ? 4.364   9.260   2.545   1.00 10.27 ? 169  ARG A CD  1 
ATOM   1335 N  NE  . ARG A 1 170 ? 4.026   10.328  3.487   1.00 8.73  ? 169  ARG A NE  1 
ATOM   1336 C  CZ  . ARG A 1 170 ? 4.901   10.978  4.237   1.00 9.89  ? 169  ARG A CZ  1 
ATOM   1337 N  NH1 . ARG A 1 170 ? 6.208   10.695  4.141   1.00 8.04  ? 169  ARG A NH1 1 
ATOM   1338 N  NH2 . ARG A 1 170 ? 4.461   11.846  5.147   1.00 9.31  ? 169  ARG A NH2 1 
ATOM   1339 N  N   . LEU A 1 171 ? 5.903   6.020   1.391   1.00 9.03  ? 170  LEU A N   1 
ATOM   1340 C  CA  . LEU A 1 171 ? 7.204   5.842   2.014   1.00 10.36 ? 170  LEU A CA  1 
ATOM   1341 C  C   . LEU A 1 171 ? 7.477   6.939   3.050   1.00 10.36 ? 170  LEU A C   1 
ATOM   1342 O  O   . LEU A 1 171 ? 7.369   8.122   2.725   1.00 11.90 ? 170  LEU A O   1 
ATOM   1343 C  CB  . LEU A 1 171 ? 8.198   5.891   0.870   1.00 12.47 ? 170  LEU A CB  1 
ATOM   1344 C  CG  . LEU A 1 171 ? 9.474   5.072   0.886   1.00 18.87 ? 170  LEU A CG  1 
ATOM   1345 C  CD1 . LEU A 1 171 ? 10.202  5.364   -0.478  1.00 15.18 ? 170  LEU A CD1 1 
ATOM   1346 C  CD2 . LEU A 1 171 ? 10.316  5.485   2.033   1.00 22.46 ? 170  LEU A CD2 1 
ATOM   1347 N  N   . GLY A 1 172 ? 7.751   6.555   4.295   1.00 10.81 ? 171  GLY A N   1 
ATOM   1348 C  CA  . GLY A 1 172 ? 8.065   7.519   5.323   1.00 12.51 ? 171  GLY A CA  1 
ATOM   1349 C  C   . GLY A 1 172 ? 6.885   8.030   6.121   1.00 11.85 ? 171  GLY A C   1 
ATOM   1350 O  O   . GLY A 1 172 ? 7.069   8.881   6.978   1.00 10.33 ? 171  GLY A O   1 
ATOM   1351 N  N   . ASP A 1 173 ? 5.666   7.566   5.818   1.00 9.74  ? 172  ASP A N   1 
ATOM   1352 C  CA  . ASP A 1 173 ? 4.539   8.015   6.619   1.00 5.48  ? 172  ASP A CA  1 
ATOM   1353 C  C   . ASP A 1 173 ? 4.557   7.314   7.971   1.00 8.07  ? 172  ASP A C   1 
ATOM   1354 O  O   . ASP A 1 173 ? 5.389   6.414   8.172   1.00 9.02  ? 172  ASP A O   1 
ATOM   1355 C  CB  . ASP A 1 173 ? 3.148   7.935   5.899   1.00 8.70  ? 172  ASP A CB  1 
ATOM   1356 C  CG  . ASP A 1 173 ? 2.579   6.531   5.649   1.00 10.92 ? 172  ASP A CG  1 
ATOM   1357 O  OD1 . ASP A 1 173 ? 3.002   5.559   6.266   1.00 9.45  ? 172  ASP A OD1 1 
ATOM   1358 O  OD2 . ASP A 1 173 ? 1.596   6.456   4.788   1.00 8.98  ? 172  ASP A OD2 1 
ATOM   1359 N  N   . ALA A 1 174 ? 3.656   7.685   8.896   1.00 6.87  ? 173  ALA A N   1 
ATOM   1360 C  CA  . ALA A 1 174 ? 3.722   7.032   10.242  1.00 10.35 ? 173  ALA A CA  1 
ATOM   1361 C  C   . ALA A 1 174 ? 3.537   5.488   10.155  1.00 8.93  ? 173  ALA A C   1 
ATOM   1362 O  O   . ALA A 1 174 ? 4.198   4.743   10.849  1.00 10.19 ? 173  ALA A O   1 
ATOM   1363 C  CB  . ALA A 1 174 ? 2.646   7.625   11.174  1.00 9.36  ? 173  ALA A CB  1 
ATOM   1364 N  N   . LEU A 1 175 ? 2.547   5.032   9.375   1.00 8.66  ? 174  LEU A N   1 
ATOM   1365 C  CA  . LEU A 1 175 ? 2.374   3.577   9.230   1.00 8.91  ? 174  LEU A CA  1 
ATOM   1366 C  C   . LEU A 1 175 ? 3.649   2.891   8.670   1.00 10.17 ? 174  LEU A C   1 
ATOM   1367 O  O   . LEU A 1 175 ? 4.035   1.783   9.085   1.00 9.64  ? 174  LEU A O   1 
ATOM   1368 C  CB  . LEU A 1 175 ? 1.165   3.312   8.269   1.00 8.94  ? 174  LEU A CB  1 
ATOM   1369 C  CG  . LEU A 1 175 ? 1.053   1.806   7.917   1.00 9.80  ? 174  LEU A CG  1 
ATOM   1370 C  CD1 . LEU A 1 175 ? 0.764   1.011   9.169   1.00 14.74 ? 174  LEU A CD1 1 
ATOM   1371 C  CD2 . LEU A 1 175 ? -0.081  1.602   6.863   1.00 8.45  ? 174  LEU A CD2 1 
ATOM   1372 N  N   . TRP A 1 176 ? 4.264   3.516   7.669   1.00 11.05 ? 175  TRP A N   1 
ATOM   1373 C  CA  . TRP A 1 176 ? 5.464   2.948   7.047   1.00 9.65  ? 175  TRP A CA  1 
ATOM   1374 C  C   . TRP A 1 176 ? 6.568   2.793   8.118   1.00 11.07 ? 175  TRP A C   1 
ATOM   1375 O  O   . TRP A 1 176 ? 7.243   1.759   8.182   1.00 11.59 ? 175  TRP A O   1 
ATOM   1376 C  CB  . TRP A 1 176 ? 5.987   3.898   5.956   1.00 9.44  ? 175  TRP A CB  1 
ATOM   1377 C  CG  . TRP A 1 176 ? 7.085   3.269   5.146   1.00 10.37 ? 175  TRP A CG  1 
ATOM   1378 C  CD1 . TRP A 1 176 ? 6.950   2.392   4.095   1.00 10.74 ? 175  TRP A CD1 1 
ATOM   1379 C  CD2 . TRP A 1 176 ? 8.477   3.387   5.396   1.00 13.14 ? 175  TRP A CD2 1 
ATOM   1380 N  NE1 . TRP A 1 176 ? 8.212   1.953   3.658   1.00 13.08 ? 175  TRP A NE1 1 
ATOM   1381 C  CE2 . TRP A 1 176 ? 9.160   2.560   4.448   1.00 16.49 ? 175  TRP A CE2 1 
ATOM   1382 C  CE3 . TRP A 1 176 ? 9.220   4.104   6.329   1.00 12.27 ? 175  TRP A CE3 1 
ATOM   1383 C  CZ2 . TRP A 1 176 ? 10.545  2.452   4.426   1.00 18.36 ? 175  TRP A CZ2 1 
ATOM   1384 C  CZ3 . TRP A 1 176 ? 10.625  3.999   6.310   1.00 19.36 ? 175  TRP A CZ3 1 
ATOM   1385 C  CH2 . TRP A 1 176 ? 11.263  3.184   5.366   1.00 19.02 ? 175  TRP A CH2 1 
ATOM   1386 N  N   . GLU A 1 177 ? 6.732   3.824   8.950   1.00 8.60  ? 176  GLU A N   1 
ATOM   1387 C  CA  . GLU A 1 177 ? 7.797   3.750   9.981   1.00 11.98 ? 176  GLU A CA  1 
ATOM   1388 C  C   . GLU A 1 177 ? 7.525   2.672   10.991  1.00 9.81  ? 176  GLU A C   1 
ATOM   1389 O  O   . GLU A 1 177 ? 8.436   1.952   11.450  1.00 10.13 ? 176  GLU A O   1 
ATOM   1390 C  CB  . GLU A 1 177 ? 7.985   5.104   10.683  1.00 9.40  ? 176  GLU A CB  1 
ATOM   1391 C  CG  . GLU A 1 177 ? 8.559   6.161   9.744   1.00 12.61 ? 176  GLU A CG  1 
ATOM   1392 C  CD  . GLU A 1 177 ? 10.035  5.947   9.312   1.00 15.23 ? 176  GLU A CD  1 
ATOM   1393 O  OE1 . GLU A 1 177 ? 10.734  4.996   9.740   1.00 15.69 ? 176  GLU A OE1 1 
ATOM   1394 O  OE2 . GLU A 1 177 ? 10.512  6.767   8.508   1.00 16.07 ? 176  GLU A OE2 1 
ATOM   1395 N  N   . LEU A 1 178 ? 6.257   2.554   11.364  1.00 7.85  ? 177  LEU A N   1 
ATOM   1396 C  CA  . LEU A 1 178 ? 5.868   1.536   12.338  1.00 8.62  ? 177  LEU A CA  1 
ATOM   1397 C  C   . LEU A 1 178 ? 6.087   0.145   11.710  1.00 9.72  ? 177  LEU A C   1 
ATOM   1398 O  O   . LEU A 1 178 ? 6.655   -0.745  12.349  1.00 11.63 ? 177  LEU A O   1 
ATOM   1399 C  CB  . LEU A 1 178 ? 4.389   1.711   12.698  1.00 7.64  ? 177  LEU A CB  1 
ATOM   1400 C  CG  . LEU A 1 178 ? 3.763   0.575   13.563  1.00 11.40 ? 177  LEU A CG  1 
ATOM   1401 C  CD1 . LEU A 1 178 ? 4.465   0.430   14.880  1.00 11.77 ? 177  LEU A CD1 1 
ATOM   1402 C  CD2 . LEU A 1 178 ? 2.314   0.961   13.865  1.00 15.99 ? 177  LEU A CD2 1 
ATOM   1403 N  N   . ALA A 1 179 ? 5.612   -0.025  10.468  1.00 9.49  ? 178  ALA A N   1 
ATOM   1404 C  CA  . ALA A 1 179 ? 5.773   -1.295  9.764   1.00 9.86  ? 178  ALA A CA  1 
ATOM   1405 C  C   . ALA A 1 179 ? 7.276   -1.653  9.621   1.00 12.81 ? 178  ALA A C   1 
ATOM   1406 O  O   . ALA A 1 179 ? 7.649   -2.830  9.759   1.00 14.13 ? 178  ALA A O   1 
ATOM   1407 C  CB  . ALA A 1 179 ? 5.144   -1.230  8.346   1.00 8.92  ? 178  ALA A CB  1 
ATOM   1408 N  N   . GLN A 1 180 ? 8.125   -0.657  9.376   1.00 12.15 ? 179  GLN A N   1 
ATOM   1409 C  CA  . GLN A 1 180 ? 9.580   -0.921  9.237   1.00 15.71 ? 179  GLN A CA  1 
ATOM   1410 C  C   . GLN A 1 180 ? 10.153  -1.556  10.465  1.00 17.03 ? 179  GLN A C   1 
ATOM   1411 O  O   . GLN A 1 180 ? 10.962  -2.510  10.425  1.00 16.96 ? 179  GLN A O   1 
ATOM   1412 C  CB  . GLN A 1 180 ? 10.363  0.347   9.003   1.00 15.43 ? 179  GLN A CB  1 
ATOM   1413 C  CG  . GLN A 1 180 ? 10.407  0.762   7.574   1.00 19.80 ? 179  GLN A CG  1 
ATOM   1414 C  CD  . GLN A 1 180 ? 11.119  -0.247  6.664   1.00 17.59 ? 179  GLN A CD  1 
ATOM   1415 O  OE1 . GLN A 1 180 ? 10.474  -1.060  6.085   1.00 14.33 ? 179  GLN A OE1 1 
ATOM   1416 N  NE2 . GLN A 1 180 ? 12.446  -0.160  6.532   1.00 22.58 ? 179  GLN A NE2 1 
ATOM   1417 N  N   . GLU A 1 181 ? 9.684   -1.059  11.590  1.00 16.61 ? 180  GLU A N   1 
ATOM   1418 C  CA  . GLU A 1 181 ? 10.201  -1.559  12.851  1.00 18.82 ? 180  GLU A CA  1 
ATOM   1419 C  C   . GLU A 1 181 ? 9.613   -2.934  13.207  1.00 18.71 ? 180  GLU A C   1 
ATOM   1420 O  O   . GLU A 1 181 ? 10.281  -3.770  13.825  1.00 22.78 ? 180  GLU A O   1 
ATOM   1421 C  CB  . GLU A 1 181 ? 9.920   -0.506  13.938  1.00 19.43 ? 180  GLU A CB  1 
ATOM   1422 C  CG  . GLU A 1 181 ? 10.707  -0.669  15.139  1.00 22.77 ? 180  GLU A CG  1 
ATOM   1423 C  CD  . GLU A 1 181 ? 12.206  -0.559  14.886  1.00 23.82 ? 180  GLU A CD  1 
ATOM   1424 O  OE1 . GLU A 1 181 ? 12.658  0.096   13.909  1.00 24.96 ? 180  GLU A OE1 1 
ATOM   1425 O  OE2 . GLU A 1 181 ? 12.942  -1.101  15.712  1.00 21.96 ? 180  GLU A OE2 1 
ATOM   1426 N  N   . VAL A 1 182 ? 8.367   -3.159  12.832  1.00 16.75 ? 181  VAL A N   1 
ATOM   1427 C  CA  . VAL A 1 182 ? 7.677   -4.420  13.065  1.00 19.16 ? 181  VAL A CA  1 
ATOM   1428 C  C   . VAL A 1 182 ? 8.402   -5.502  12.279  1.00 24.98 ? 181  VAL A C   1 
ATOM   1429 O  O   . VAL A 1 182 ? 8.506   -6.638  12.744  1.00 27.26 ? 181  VAL A O   1 
ATOM   1430 C  CB  . VAL A 1 182 ? 6.217   -4.355  12.560  1.00 18.00 ? 181  VAL A CB  1 
ATOM   1431 C  CG1 . VAL A 1 182 ? 5.581   -5.784  12.480  1.00 20.59 ? 181  VAL A CG1 1 
ATOM   1432 C  CG2 . VAL A 1 182 ? 5.428   -3.481  13.440  1.00 15.92 ? 181  VAL A CG2 1 
ATOM   1433 N  N   . GLY A 1 183 ? 8.899   -5.129  11.099  1.00 25.92 ? 182  GLY A N   1 
ATOM   1434 C  CA  . GLY A 1 183 ? 9.616   -6.037  10.228  1.00 31.91 ? 182  GLY A CA  1 
ATOM   1435 C  C   . GLY A 1 183 ? 11.022  -6.358  10.712  1.00 37.08 ? 182  GLY A C   1 
ATOM   1436 O  O   . GLY A 1 183 ? 11.585  -7.379  10.314  1.00 38.49 ? 182  GLY A O   1 
ATOM   1437 N  N   . LYS A 1 184 ? 11.575  -5.482  11.554  1.00 40.63 ? 183  LYS A N   1 
ATOM   1438 C  CA  . LYS A 1 184 ? 12.923  -5.615  12.149  1.00 44.37 ? 183  LYS A CA  1 
ATOM   1439 C  C   . LYS A 1 184 ? 12.896  -6.706  13.223  1.00 46.34 ? 183  LYS A C   1 
ATOM   1440 O  O   . LYS A 1 184 ? 13.632  -7.705  13.097  1.00 49.24 ? 183  LYS A O   1 
ATOM   1441 C  CB  . LYS A 1 184 ? 13.336  -4.293  12.831  1.00 45.71 ? 183  LYS A CB  1 
ATOM   1442 C  CG  . LYS A 1 184 ? 14.667  -3.688  12.448  1.00 45.89 ? 183  LYS A CG  1 
ATOM   1443 C  CD  . LYS A 1 184 ? 14.478  -2.627  11.389  1.00 47.22 ? 183  LYS A CD  1 
ATOM   1444 C  CE  . LYS A 1 184 ? 14.009  -3.278  10.093  1.00 49.95 ? 183  LYS A CE  1 
ATOM   1445 N  NZ  . LYS A 1 184 ? 13.915  -2.311  8.950   1.00 50.22 ? 183  LYS A NZ  1 
HETATM 1446 O  O1  . TLA B 2 .   ? 10.171  15.935  -15.511 1.00 24.65 ? 2001 TLA A O1  1 
HETATM 1447 O  O11 . TLA B 2 .   ? 11.051  13.986  -14.884 1.00 20.13 ? 2001 TLA A O11 1 
HETATM 1448 C  C1  . TLA B 2 .   ? 10.453  14.772  -15.776 1.00 22.30 ? 2001 TLA A C1  1 
HETATM 1449 C  C2  . TLA B 2 .   ? 10.132  14.208  -17.108 1.00 19.79 ? 2001 TLA A C2  1 
HETATM 1450 O  O2  . TLA B 2 .   ? 9.508   15.260  -17.859 1.00 21.11 ? 2001 TLA A O2  1 
HETATM 1451 C  C3  . TLA B 2 .   ? 9.131   13.000  -16.964 1.00 19.88 ? 2001 TLA A C3  1 
HETATM 1452 O  O3  . TLA B 2 .   ? 7.911   13.566  -16.449 1.00 17.22 ? 2001 TLA A O3  1 
HETATM 1453 C  C4  . TLA B 2 .   ? 8.898   12.449  -18.361 1.00 20.65 ? 2001 TLA A C4  1 
HETATM 1454 O  O4  . TLA B 2 .   ? 7.820   12.556  -18.942 1.00 20.79 ? 2001 TLA A O4  1 
HETATM 1455 O  O41 . TLA B 2 .   ? 9.909   11.828  -18.939 1.00 18.10 ? 2001 TLA A O41 1 
HETATM 1456 O  O   . HOH C 3 .   ? 11.902  -1.423  18.091  1.00 19.05 ? 2002 HOH A O   1 
HETATM 1457 O  O   . HOH C 3 .   ? 11.002  7.865   17.754  1.00 22.24 ? 2003 HOH A O   1 
HETATM 1458 O  O   . HOH C 3 .   ? 1.731   7.764   15.549  1.00 20.73 ? 2004 HOH A O   1 
HETATM 1459 O  O   . HOH C 3 .   ? 4.465   6.583   20.989  1.00 14.11 ? 2005 HOH A O   1 
HETATM 1460 O  O   . HOH C 3 .   ? -5.281  -18.052 10.217  1.00 31.36 ? 2006 HOH A O   1 
HETATM 1461 O  O   . HOH C 3 .   ? -9.898  -20.311 14.315  1.00 16.83 ? 2007 HOH A O   1 
HETATM 1462 O  O   . HOH C 3 .   ? -13.529 -14.961 14.357  1.00 24.32 ? 2008 HOH A O   1 
HETATM 1463 O  O   . HOH C 3 .   ? -12.995 -19.477 13.107  1.00 17.79 ? 2009 HOH A O   1 
HETATM 1464 O  O   . HOH C 3 .   ? -8.772  -19.080 16.623  1.00 29.64 ? 2010 HOH A O   1 
HETATM 1465 O  O   . HOH C 3 .   ? -8.874  -26.203 8.569   1.00 25.63 ? 2011 HOH A O   1 
HETATM 1466 O  O   . HOH C 3 .   ? -15.234 -11.580 -2.424  1.00 26.58 ? 2012 HOH A O   1 
HETATM 1467 O  O   . HOH C 3 .   ? -11.055 -4.928  1.161   1.00 15.87 ? 2013 HOH A O   1 
HETATM 1468 O  O   . HOH C 3 .   ? -13.266 -4.905  2.585   1.00 18.99 ? 2014 HOH A O   1 
HETATM 1469 O  O   . HOH C 3 .   ? -8.874  -11.613 -7.240  1.00 23.51 ? 2015 HOH A O   1 
HETATM 1470 O  O   . HOH C 3 .   ? -8.902  -2.376  -6.500  1.00 10.65 ? 2016 HOH A O   1 
HETATM 1471 O  O   . HOH C 3 .   ? -5.123  -3.649  -7.138  1.00 12.73 ? 2017 HOH A O   1 
HETATM 1472 O  O   . HOH C 3 .   ? 3.193   -16.269 -1.812  1.00 27.00 ? 2018 HOH A O   1 
HETATM 1473 O  O   . HOH C 3 .   ? 4.170   -15.403 11.803  1.00 29.75 ? 2019 HOH A O   1 
HETATM 1474 O  O   . HOH C 3 .   ? 2.522   -13.282 10.529  1.00 15.88 ? 2020 HOH A O   1 
HETATM 1475 O  O   . HOH C 3 .   ? -4.103  11.503  19.452  1.00 18.76 ? 2021 HOH A O   1 
HETATM 1476 O  O   . HOH C 3 .   ? -6.090  8.692   19.719  1.00 21.63 ? 2022 HOH A O   1 
HETATM 1477 O  O   . HOH C 3 .   ? -5.916  -2.822  9.839   1.00 22.06 ? 2023 HOH A O   1 
HETATM 1478 O  O   . HOH C 3 .   ? 9.161   -6.699  3.076   1.00 20.27 ? 2024 HOH A O   1 
HETATM 1479 O  O   . HOH C 3 .   ? 9.234   0.280   1.681   1.00 24.66 ? 2025 HOH A O   1 
HETATM 1480 O  O   . HOH C 3 .   ? 9.348   0.573   -1.191  1.00 13.21 ? 2026 HOH A O   1 
HETATM 1481 O  O   . HOH C 3 .   ? 10.673  -1.551  3.025   1.00 30.86 ? 2027 HOH A O   1 
HETATM 1482 O  O   . HOH C 3 .   ? 3.560   -9.930  -7.576  1.00 30.42 ? 2028 HOH A O   1 
HETATM 1483 O  O   . HOH C 3 .   ? -2.039  -7.531  -11.972 1.00 22.01 ? 2029 HOH A O   1 
HETATM 1484 O  O   . HOH C 3 .   ? 11.707  14.502  -12.520 1.00 17.35 ? 2030 HOH A O   1 
HETATM 1485 O  O   . HOH C 3 .   ? 12.815  10.651  -13.754 1.00 16.11 ? 2031 HOH A O   1 
HETATM 1486 O  O   . HOH C 3 .   ? 15.276  9.479   -13.067 1.00 24.19 ? 2032 HOH A O   1 
HETATM 1487 O  O   . HOH C 3 .   ? 2.358   10.126  -1.378  1.00 10.51 ? 2033 HOH A O   1 
HETATM 1488 O  O   . HOH C 3 .   ? 3.415   15.219  4.245   1.00 24.48 ? 2034 HOH A O   1 
HETATM 1489 O  O   . HOH C 3 .   ? 0.666   13.529  3.546   1.00 17.19 ? 2035 HOH A O   1 
HETATM 1490 O  O   . HOH C 3 .   ? 1.479   11.146  4.113   1.00 13.44 ? 2036 HOH A O   1 
HETATM 1491 O  O   . HOH C 3 .   ? -1.495  18.687  -12.228 1.00 14.42 ? 2037 HOH A O   1 
HETATM 1492 O  O   . HOH C 3 .   ? 6.991   8.101   -20.672 1.00 20.58 ? 2038 HOH A O   1 
HETATM 1493 O  O   . HOH C 3 .   ? 6.225   10.761  -20.119 1.00 17.95 ? 2039 HOH A O   1 
HETATM 1494 O  O   . HOH C 3 .   ? 2.295   3.512   -20.492 1.00 14.18 ? 2040 HOH A O   1 
HETATM 1495 O  O   . HOH C 3 .   ? 10.127  0.684   -15.264 1.00 21.58 ? 2041 HOH A O   1 
HETATM 1496 O  O   . HOH C 3 .   ? 5.275   6.530   -22.624 1.00 26.14 ? 2042 HOH A O   1 
HETATM 1497 O  O   . HOH C 3 .   ? 0.065   8.716   4.202   1.00 13.50 ? 2043 HOH A O   1 
HETATM 1498 O  O   . HOH C 3 .   ? -0.945  5.516   5.654   1.00 19.93 ? 2044 HOH A O   1 
HETATM 1499 O  O   . HOH C 3 .   ? 9.740   9.234   7.817   1.00 21.30 ? 2045 HOH A O   1 
HETATM 1500 O  O   . HOH C 3 .   ? 9.604   -6.339  23.455  1.00 29.55 ? 2046 HOH A O   1 
HETATM 1501 O  O   . HOH C 3 .   ? 11.302  11.675  9.184   1.00 38.02 ? 2047 HOH A O   1 
HETATM 1502 O  O   . HOH C 3 .   ? 3.381   -11.445 16.332  1.00 38.24 ? 2048 HOH A O   1 
HETATM 1503 O  O   . HOH C 3 .   ? -6.073  -20.814 15.828  1.00 24.88 ? 2049 HOH A O   1 
HETATM 1504 O  O   . HOH C 3 .   ? -9.919  -19.962 6.657   1.00 24.12 ? 2050 HOH A O   1 
HETATM 1505 O  O   . HOH C 3 .   ? -17.186 -6.529  -2.081  1.00 47.99 ? 2051 HOH A O   1 
HETATM 1506 O  O   . HOH C 3 .   ? -10.274 -8.994  -9.110  1.00 31.22 ? 2052 HOH A O   1 
HETATM 1507 O  O   . HOH C 3 .   ? -6.251  -8.125  -12.798 1.00 26.91 ? 2053 HOH A O   1 
HETATM 1508 O  O   . HOH C 3 .   ? 2.896   -16.805 1.046   1.00 27.75 ? 2054 HOH A O   1 
HETATM 1509 O  O   . HOH C 3 .   ? -5.210  -8.751  20.013  1.00 36.60 ? 2055 HOH A O   1 
HETATM 1510 O  O   . HOH C 3 .   ? -7.015  -0.406  10.751  1.00 34.21 ? 2056 HOH A O   1 
HETATM 1511 O  O   . HOH C 3 .   ? 9.306   -5.866  6.235   1.00 35.02 ? 2057 HOH A O   1 
HETATM 1512 O  O   . HOH C 3 .   ? 1.271   19.297  -11.844 1.00 31.35 ? 2058 HOH A O   1 
HETATM 1513 O  O   . HOH C 3 .   ? 8.780   -4.482  -9.980  1.00 30.42 ? 2059 HOH A O   1 
HETATM 1514 O  O   . HOH C 3 .   ? 8.078   -1.737  -1.584  1.00 19.55 ? 2060 HOH A O   1 
HETATM 1515 O  O   . HOH C 3 .   ? 10.560  -8.709  2.169   1.00 35.12 ? 2061 HOH A O   1 
HETATM 1516 O  O   . HOH C 3 .   ? 6.410   -7.485  -9.178  1.00 21.72 ? 2062 HOH A O   1 
HETATM 1517 O  O   . HOH C 3 .   ? -1.451  -9.091  -13.549 1.00 28.69 ? 2063 HOH A O   1 
HETATM 1518 O  O   . HOH C 3 .   ? 7.109   15.488  -11.408 1.00 24.32 ? 2064 HOH A O   1 
HETATM 1519 O  O   . HOH C 3 .   ? 6.830   16.307  -17.018 1.00 20.70 ? 2065 HOH A O   1 
HETATM 1520 O  O   . HOH C 3 .   ? 4.340   11.811  -21.555 1.00 25.21 ? 2066 HOH A O   1 
HETATM 1521 O  O   . HOH C 3 .   ? 9.764   16.768  -6.108  1.00 24.38 ? 2067 HOH A O   1 
HETATM 1522 O  O   . HOH C 3 .   ? 2.998   14.491  -8.471  1.00 22.13 ? 2068 HOH A O   1 
HETATM 1523 O  O   . HOH C 3 .   ? 7.925   12.474  5.354   1.00 26.78 ? 2069 HOH A O   1 
HETATM 1524 O  O   . HOH C 3 .   ? -0.572  16.461  -2.973  1.00 21.65 ? 2070 HOH A O   1 
HETATM 1525 O  O   . HOH C 3 .   ? 5.882   18.011  -19.290 1.00 26.06 ? 2071 HOH A O   1 
HETATM 1526 O  O   . HOH C 3 .   ? 7.162   -3.614  -17.025 1.00 34.60 ? 2072 HOH A O   1 
HETATM 1527 O  O   . HOH C 3 .   ? -15.547 -0.348  -16.197 1.00 49.67 ? 2073 HOH A O   1 
HETATM 1528 O  O   . HOH C 3 .   ? -11.266 7.688   -15.913 1.00 26.61 ? 2074 HOH A O   1 
HETATM 1529 O  O   . HOH C 3 .   ? 13.733  -0.400  -4.690  1.00 36.62 ? 2075 HOH A O   1 
HETATM 1530 O  O   . HOH C 3 .   ? -11.460 9.880   -17.058 1.00 36.71 ? 2076 HOH A O   1 
HETATM 1531 O  O   . HOH C 3 .   ? -9.346  1.081   -18.048 1.00 23.57 ? 2077 HOH A O   1 
HETATM 1532 O  O   . HOH C 3 .   ? -5.668  4.297   -23.665 1.00 31.86 ? 2078 HOH A O   1 
HETATM 1533 O  O   . HOH C 3 .   ? 10.895  3.136   11.434  1.00 25.72 ? 2079 HOH A O   1 
HETATM 1534 O  O   . HOH C 3 .   ? -13.852 -17.437 14.964  1.00 26.64 ? 2080 HOH A O   1 
HETATM 1535 O  O   . HOH C 3 .   ? -12.656 -0.961  -6.915  1.00 30.55 ? 2081 HOH A O   1 
HETATM 1536 O  O   . HOH C 3 .   ? 12.573  2.984   13.199  1.00 29.18 ? 2082 HOH A O   1 
HETATM 1537 O  O   . HOH C 3 .   ? 14.141  5.198   16.950  1.00 29.97 ? 2083 HOH A O   1 
HETATM 1538 O  O   . HOH C 3 .   ? 11.293  10.177  15.634  1.00 38.39 ? 2084 HOH A O   1 
HETATM 1539 O  O   . HOH C 3 .   ? 13.262  4.479   9.281   1.00 37.17 ? 2085 HOH A O   1 
HETATM 1540 O  O   . HOH C 3 .   ? 3.579   9.771   14.889  1.00 27.84 ? 2086 HOH A O   1 
HETATM 1541 O  O   . HOH C 3 .   ? 7.430   7.536   22.428  1.00 29.91 ? 2087 HOH A O   1 
HETATM 1542 O  O   . HOH C 3 .   ? -4.090  -8.223  18.058  1.00 26.29 ? 2088 HOH A O   1 
HETATM 1543 O  O   . HOH C 3 .   ? 0.294   -17.305 14.343  1.00 34.63 ? 2089 HOH A O   1 
HETATM 1544 O  O   . HOH C 3 .   ? -6.091  -19.559 13.826  1.00 34.43 ? 2090 HOH A O   1 
HETATM 1545 O  O   . HOH C 3 .   ? -15.465 -19.542 7.592   1.00 40.25 ? 2091 HOH A O   1 
HETATM 1546 O  O   . HOH C 3 .   ? -15.081 -21.319 10.228  1.00 33.61 ? 2092 HOH A O   1 
HETATM 1547 O  O   . HOH C 3 .   ? -14.826 -12.897 12.782  1.00 36.76 ? 2093 HOH A O   1 
HETATM 1548 O  O   . HOH C 3 .   ? -11.253 -19.641 1.583   1.00 37.29 ? 2094 HOH A O   1 
HETATM 1549 O  O   . HOH C 3 .   ? -15.575 -2.639  1.128   1.00 41.99 ? 2095 HOH A O   1 
HETATM 1550 O  O   . HOH C 3 .   ? -8.329  -11.768 -11.008 1.00 39.44 ? 2096 HOH A O   1 
HETATM 1551 O  O   . HOH C 3 .   ? 0.402   19.821  -20.574 1.00 23.15 ? 2097 HOH A O   1 
HETATM 1552 O  O   . HOH C 3 .   ? -11.443 8.111   -6.216  1.00 34.38 ? 2098 HOH A O   1 
HETATM 1553 O  O   . HOH C 3 .   ? -13.465 6.808   -0.150  1.00 34.05 ? 2099 HOH A O   1 
HETATM 1554 O  O   . HOH C 3 .   ? -14.558 4.630   -14.271 1.00 34.29 ? 2100 HOH A O   1 
HETATM 1555 O  O   . HOH C 3 .   ? 6.279   -0.560  -18.402 1.00 20.38 ? 2101 HOH A O   1 
HETATM 1556 O  O   . HOH C 3 .   ? 4.945   2.106   -19.482 1.00 33.20 ? 2102 HOH A O   1 
HETATM 1557 O  O   . HOH C 3 .   ? -6.616  8.928   0.898   1.00 25.58 ? 2103 HOH A O   1 
HETATM 1558 O  O   . HOH C 3 .   ? 3.455   3.736   27.860  1.00 39.93 ? 2104 HOH A O   1 
HETATM 1559 O  O   . HOH C 3 .   ? 6.311   11.656  7.460   1.00 19.94 ? 2105 HOH A O   1 
HETATM 1560 O  O   . HOH C 3 .   ? 7.100   16.072  -14.367 1.00 34.05 ? 2106 HOH A O   1 
HETATM 1561 O  O   . HOH C 3 .   ? 6.008   10.908  19.139  1.00 40.66 ? 2107 HOH A O   1 
HETATM 1562 O  O   . HOH C 3 .   ? -12.985 -26.682 6.630   1.00 39.64 ? 2108 HOH A O   1 
HETATM 1563 O  O   . HOH C 3 .   ? -18.019 -13.015 -1.386  1.00 39.73 ? 2109 HOH A O   1 
HETATM 1564 O  O   . HOH C 3 .   ? 4.511   -15.834 2.788   1.00 32.25 ? 2110 HOH A O   1 
HETATM 1565 O  O   . HOH C 3 .   ? 6.672   -15.355 1.470   1.00 31.24 ? 2111 HOH A O   1 
HETATM 1566 O  O   . HOH C 3 .   ? 3.515   -11.125 13.469  1.00 23.03 ? 2112 HOH A O   1 
HETATM 1567 O  O   . HOH C 3 .   ? 6.675   -16.363 10.813  1.00 35.75 ? 2113 HOH A O   1 
HETATM 1568 O  O   . HOH C 3 .   ? 1.485   -10.983 -12.177 1.00 32.41 ? 2114 HOH A O   1 
HETATM 1569 O  O   . HOH C 3 .   ? -3.424  -6.692  -13.647 1.00 27.53 ? 2115 HOH A O   1 
HETATM 1570 O  O   . HOH C 3 .   ? 3.428   17.237  0.587   1.00 37.84 ? 2116 HOH A O   1 
HETATM 1571 O  O   . HOH C 3 .   ? 12.644  3.206   -17.277 1.00 30.14 ? 2117 HOH A O   1 
HETATM 1572 O  O   . HOH C 3 .   ? 0.666   -28.872 0.068   1.00 37.01 ? 2118 HOH A O   1 
HETATM 1573 O  O   . HOH C 3 .   ? 10.726  -5.851  -14.483 1.00 39.97 ? 2119 HOH A O   1 
HETATM 1574 O  O   . HOH C 3 .   ? -6.675  -5.750  -13.920 1.00 29.59 ? 2120 HOH A O   1 
HETATM 1575 O  O   . HOH C 3 .   ? -12.013 -2.296  12.195  1.00 44.61 ? 2121 HOH A O   1 
HETATM 1576 O  O   . HOH C 3 .   ? 7.580   18.147  -7.517  1.00 37.29 ? 2122 HOH A O   1 
HETATM 1577 O  O   . HOH C 3 .   ? -2.624  17.892  -3.885  1.00 34.79 ? 2123 HOH A O   1 
HETATM 1578 O  O   . HOH C 3 .   ? 13.505  7.626   16.787  1.00 36.55 ? 2124 HOH A O   1 
HETATM 1579 O  O   . HOH C 3 .   ? 15.335  4.968   10.874  1.00 41.78 ? 2125 HOH A O   1 
HETATM 1580 O  O   . HOH C 3 .   ? 1.818   -12.219 23.691  1.00 33.67 ? 2126 HOH A O   1 
HETATM 1581 O  O   . HOH C 3 .   ? -14.470 -12.380 10.431  1.00 34.06 ? 2127 HOH A O   1 
HETATM 1582 O  O   . HOH C 3 .   ? -6.074  -15.658 -5.741  1.00 30.50 ? 2128 HOH A O   1 
HETATM 1583 O  O   . HOH C 3 .   ? -6.280  5.380   16.962  1.00 29.72 ? 2129 HOH A O   1 
HETATM 1584 O  O   . HOH C 3 .   ? -10.807 -7.194  13.819  1.00 40.14 ? 2130 HOH A O   1 
HETATM 1585 O  O   . HOH C 3 .   ? -15.682 1.402   7.148   1.00 42.21 ? 2131 HOH A O   1 
HETATM 1586 O  O   . HOH C 3 .   ? -12.173 7.159   3.982   1.00 35.00 ? 2132 HOH A O   1 
HETATM 1587 O  O   . HOH C 3 .   ? -8.936  8.719   6.609   1.00 22.27 ? 2133 HOH A O   1 
HETATM 1588 O  O   . HOH C 3 .   ? 14.858  -0.665  4.541   1.00 39.48 ? 2134 HOH A O   1 
HETATM 1589 O  O   . HOH C 3 .   ? 9.610   -3.327  -3.427  1.00 25.58 ? 2135 HOH A O   1 
HETATM 1590 O  O   . HOH C 3 .   ? 8.656   -4.738  -5.664  1.00 33.29 ? 2136 HOH A O   1 
HETATM 1591 O  O   . HOH C 3 .   ? -16.202 -26.659 6.298   1.00 42.76 ? 2137 HOH A O   1 
HETATM 1592 O  O   . HOH C 3 .   ? 2.969   -4.717  -13.136 1.00 29.31 ? 2138 HOH A O   1 
HETATM 1593 O  O   . HOH C 3 .   ? 12.243  17.467  -6.694  1.00 34.83 ? 2139 HOH A O   1 
HETATM 1594 O  O   . HOH C 3 .   ? -0.735  15.986  0.389   1.00 38.22 ? 2140 HOH A O   1 
HETATM 1595 O  O   . HOH C 3 .   ? -4.419  16.473  -5.734  1.00 33.60 ? 2141 HOH A O   1 
HETATM 1596 O  O   . HOH C 3 .   ? 2.914   0.836   -20.254 1.00 32.61 ? 2142 HOH A O   1 
HETATM 1597 O  O   . HOH C 3 .   ? 4.520   1.616   -22.648 1.00 37.50 ? 2143 HOH A O   1 
HETATM 1598 O  O   . HOH C 3 .   ? -15.739 4.458   -9.284  1.00 40.49 ? 2144 HOH A O   1 
HETATM 1599 O  O   . HOH C 3 .   ? -11.742 4.596   -1.817  1.00 30.92 ? 2145 HOH A O   1 
HETATM 1600 O  O   . HOH C 3 .   ? 6.735   -8.592  15.279  1.00 39.81 ? 2146 HOH A O   1 
HETATM 1601 O  O   . HOH C 3 .   ? 3.913   -27.681 1.692   1.00 38.69 ? 2147 HOH A O   1 
HETATM 1602 O  O   . HOH C 3 .   ? -0.845  -2.664  25.056  1.00 36.98 ? 2148 HOH A O   1 
HETATM 1603 O  O   . HOH C 3 .   ? -6.367  -21.513 11.649  1.00 34.41 ? 2149 HOH A O   1 
HETATM 1604 O  O   . HOH C 3 .   ? -15.646 -6.172  0.477   1.00 38.51 ? 2150 HOH A O   1 
HETATM 1605 O  O   . HOH C 3 .   ? 4.493   -19.454 3.672   1.00 36.42 ? 2151 HOH A O   1 
HETATM 1606 O  O   . HOH C 3 .   ? 6.526   9.764   24.614  1.00 40.03 ? 2152 HOH A O   1 
HETATM 1607 O  O   . HOH C 3 .   ? -4.644  0.835   11.389  1.00 28.98 ? 2153 HOH A O   1 
HETATM 1608 O  O   . HOH C 3 .   ? 12.343  -0.911  1.499   1.00 37.15 ? 2154 HOH A O   1 
HETATM 1609 O  O   . HOH C 3 .   ? 0.444   -4.604  -11.563 1.00 30.79 ? 2155 HOH A O   1 
HETATM 1610 O  O   . HOH C 3 .   ? 6.596   -6.100  -11.706 1.00 31.48 ? 2156 HOH A O   1 
HETATM 1611 O  O   . HOH C 3 .   ? 12.333  10.529  -17.867 1.00 38.42 ? 2157 HOH A O   1 
HETATM 1612 O  O   . HOH C 3 .   ? -10.119 14.465  -2.745  1.00 37.40 ? 2158 HOH A O   1 
HETATM 1613 O  O   . HOH C 3 .   ? 14.441  16.252  -11.933 1.00 39.12 ? 2159 HOH A O   1 
HETATM 1614 O  O   . HOH C 3 .   ? -2.280  -6.981  -17.805 1.00 39.01 ? 2160 HOH A O   1 
HETATM 1615 O  O   . HOH C 3 .   ? -5.460  0.227   -19.678 1.00 31.54 ? 2161 HOH A O   1 
HETATM 1616 O  O   . HOH C 3 .   ? -12.239 -9.293  7.783   1.00 27.30 ? 2162 HOH A O   1 
HETATM 1617 O  O   . HOH C 3 .   ? -8.646  -15.844 19.388  1.00 34.30 ? 2163 HOH A O   1 
HETATM 1618 O  O   . HOH C 3 .   ? -21.929 -7.987  -4.148  1.00 42.24 ? 2164 HOH A O   1 
HETATM 1619 O  O   . HOH C 3 .   ? -9.737  -5.629  9.277   1.00 37.96 ? 2165 HOH A O   1 
HETATM 1620 O  O   . HOH C 3 .   ? -9.196  -9.225  10.568  1.00 40.93 ? 2166 HOH A O   1 
HETATM 1621 O  O   . HOH C 3 .   ? -6.511  -19.952 9.903   1.00 37.52 ? 2167 HOH A O   1 
HETATM 1622 O  O   . HOH C 3 .   ? -9.968  6.233   0.669   1.00 34.33 ? 2168 HOH A O   1 
HETATM 1623 O  O   . HOH C 3 .   ? 3.278   -14.800 30.819  1.00 38.03 ? 2169 HOH A O   1 
HETATM 1624 O  O   . HOH C 3 .   ? -9.931  -18.891 -9.221  1.00 41.86 ? 2170 HOH A O   1 
HETATM 1625 O  O   . HOH C 3 .   ? 8.609   4.069   -18.536 1.00 38.79 ? 2171 HOH A O   1 
HETATM 1626 O  O   . HOH C 3 .   ? -3.182  -16.067 19.119  1.00 17.35 ? 2172 HOH A O   1 
HETATM 1627 O  O   . HOH C 3 .   ? -6.507  -16.107 18.002  1.00 35.05 ? 2173 HOH A O   1 
HETATM 1628 O  O   . HOH C 3 .   ? -7.526  -4.570  10.932  1.00 35.79 ? 2174 HOH A O   1 
HETATM 1629 O  O   . HOH C 3 .   ? -10.435 -10.364 8.784   1.00 34.16 ? 2175 HOH A O   1 
HETATM 1630 O  O   . HOH C 3 .   ? 12.808  12.486  -15.800 1.00 35.26 ? 2176 HOH A O   1 
HETATM 1631 O  O   . HOH C 3 .   ? -7.680  12.386  -22.815 1.00 38.65 ? 2177 HOH A O   1 
HETATM 1632 O  O   . HOH C 3 .   ? -11.040 -10.290 19.801  1.00 37.20 ? 2178 HOH A O   1 
HETATM 1633 O  O   . HOH C 3 .   ? 12.067  0.640   -0.734  1.00 30.88 ? 2179 HOH A O   1 
# 
